data_4P15
# 
_entry.id   4P15 
# 
_audit_conform.dict_name       mmcif_pdbx.dic 
_audit_conform.dict_version    5.383 
_audit_conform.dict_location   http://mmcif.pdb.org/dictionaries/ascii/mmcif_pdbx.dic 
# 
loop_
_database_2.database_id 
_database_2.database_code 
_database_2.pdbx_database_accession 
_database_2.pdbx_DOI 
PDB   4P15         pdb_00004p15 10.2210/pdb4p15/pdb 
WWPDB D_1000200109 ?            ?                   
# 
loop_
_pdbx_audit_revision_history.ordinal 
_pdbx_audit_revision_history.data_content_type 
_pdbx_audit_revision_history.major_revision 
_pdbx_audit_revision_history.minor_revision 
_pdbx_audit_revision_history.revision_date 
1 'Structure model' 1 0 2014-07-30 
2 'Structure model' 1 1 2023-12-27 
# 
_pdbx_audit_revision_details.ordinal             1 
_pdbx_audit_revision_details.revision_ordinal    1 
_pdbx_audit_revision_details.data_content_type   'Structure model' 
_pdbx_audit_revision_details.provider            repository 
_pdbx_audit_revision_details.type                'Initial release' 
_pdbx_audit_revision_details.description         ? 
_pdbx_audit_revision_details.details             ? 
# 
loop_
_pdbx_audit_revision_group.ordinal 
_pdbx_audit_revision_group.revision_ordinal 
_pdbx_audit_revision_group.data_content_type 
_pdbx_audit_revision_group.group 
1 2 'Structure model' 'Data collection'        
2 2 'Structure model' 'Database references'    
3 2 'Structure model' 'Derived calculations'   
4 2 'Structure model' Other                    
5 2 'Structure model' 'Refinement description' 
6 2 'Structure model' 'Source and taxonomy'    
# 
loop_
_pdbx_audit_revision_category.ordinal 
_pdbx_audit_revision_category.revision_ordinal 
_pdbx_audit_revision_category.data_content_type 
_pdbx_audit_revision_category.category 
1 2 'Structure model' chem_comp_atom        
2 2 'Structure model' chem_comp_bond        
3 2 'Structure model' citation              
4 2 'Structure model' database_2            
5 2 'Structure model' entity_src_gen        
6 2 'Structure model' pdbx_database_status  
7 2 'Structure model' pdbx_prerelease_seq   
8 2 'Structure model' pdbx_struct_oper_list 
9 2 'Structure model' refine_hist           
# 
loop_
_pdbx_audit_revision_item.ordinal 
_pdbx_audit_revision_item.revision_ordinal 
_pdbx_audit_revision_item.data_content_type 
_pdbx_audit_revision_item.item 
1  2 'Structure model' '_citation.journal_id_CSD'                    
2  2 'Structure model' '_database_2.pdbx_DOI'                        
3  2 'Structure model' '_database_2.pdbx_database_accession'         
4  2 'Structure model' '_entity_src_gen.pdbx_alt_source_flag'        
5  2 'Structure model' '_pdbx_database_status.pdb_format_compatible' 
6  2 'Structure model' '_pdbx_struct_oper_list.symmetry_operation'   
7  2 'Structure model' '_refine_hist.number_atoms_solvent'           
8  2 'Structure model' '_refine_hist.number_atoms_total'             
9  2 'Structure model' '_refine_hist.pdbx_number_atoms_ligand'       
10 2 'Structure model' '_refine_hist.pdbx_number_atoms_nucleic_acid' 
11 2 'Structure model' '_refine_hist.pdbx_number_atoms_protein'      
# 
_pdbx_database_status.status_code                     REL 
_pdbx_database_status.status_code_sf                  REL 
_pdbx_database_status.status_code_mr                  ? 
_pdbx_database_status.entry_id                        4P15 
_pdbx_database_status.recvd_initial_deposition_date   2014-01-31 
_pdbx_database_status.SG_entry                        N 
_pdbx_database_status.deposit_site                    RCSB 
_pdbx_database_status.process_site                    RCSB 
_pdbx_database_status.status_code_cs                  ? 
_pdbx_database_status.methods_development_category    ? 
_pdbx_database_status.status_code_nmr_data            ? 
_pdbx_database_status.pdb_format_compatible           Y 
# 
loop_
_audit_author.name 
_audit_author.pdbx_ordinal 
'Rashid, S.A.'  1 
'Littler, D.R.' 2 
'Illias, R.M.'  3 
'Murad, A.M.A.' 4 
'Rossjohn, J.'  5 
'Beddoe, T.'    6 
'Mahadi, N.M.'  7 
# 
_citation.abstract                  ? 
_citation.abstract_id_CAS           ? 
_citation.book_id_ISBN              ? 
_citation.book_publisher            ? 
_citation.book_publisher_city       ? 
_citation.book_title                ? 
_citation.coordinate_linkage        ? 
_citation.country                   ? 
_citation.database_id_Medline       ? 
_citation.details                   ? 
_citation.id                        primary 
_citation.journal_abbrev            'To Be Published' 
_citation.journal_id_ASTM           ? 
_citation.journal_id_CSD            0353 
_citation.journal_id_ISSN           ? 
_citation.journal_full              ? 
_citation.journal_issue             ? 
_citation.journal_volume            ? 
_citation.language                  ? 
_citation.page_first                ? 
_citation.page_last                 ? 
_citation.title                     
'Structure of the ClpC N-terminal domain at 1.85 Angstroms resolution from an alkaliphilic Bacillus lehensis G1 species' 
_citation.year                      ? 
_citation.database_id_CSD           ? 
_citation.pdbx_database_id_DOI      ? 
_citation.pdbx_database_id_PubMed   ? 
_citation.unpublished_flag          ? 
# 
loop_
_citation_author.citation_id 
_citation_author.name 
_citation_author.ordinal 
_citation_author.identifier_ORCID 
primary 'Rashid, S.A.'  1 ? 
primary 'Littler, D.R.' 2 ? 
# 
loop_
_entity.id 
_entity.type 
_entity.src_method 
_entity.pdbx_description 
_entity.formula_weight 
_entity.pdbx_number_of_molecules 
_entity.pdbx_ec 
_entity.pdbx_mutation 
_entity.pdbx_fragment 
_entity.details 
1 polymer     man 'Bacillus lehensis ClpC N-terminal domain' 15891.183 1  ? ? ? ? 
2 non-polymer syn 'SULFATE ION'                              96.063    2  ? ? ? ? 
3 water       nat water                                      18.015    12 ? ? ? ? 
# 
_entity_poly.entity_id                      1 
_entity_poly.type                           'polypeptide(L)' 
_entity_poly.nstd_linkage                   no 
_entity_poly.nstd_monomer                   no 
_entity_poly.pdbx_seq_one_letter_code       
;GRFSERAQKVLALSQEEAIRLSHHNIGTEHILLGLIREGEGIAAKALQQLGLGSDKLQKEVEGLVGKGQEGQKSIHSTPH
YTPRAKKVIELSMDEARKLGHSYVGTEHILLGLIREGEGVAARVLNNLGVSLNKARQQVLQLLGNN
;
_entity_poly.pdbx_seq_one_letter_code_can   
;GRFSERAQKVLALSQEEAIRLSHHNIGTEHILLGLIREGEGIAAKALQQLGLGSDKLQKEVEGLVGKGQEGQKSIHSTPH
YTPRAKKVIELSMDEARKLGHSYVGTEHILLGLIREGEGVAARVLNNLGVSLNKARQQVLQLLGNN
;
_entity_poly.pdbx_strand_id                 A 
_entity_poly.pdbx_target_identifier         ? 
# 
loop_
_pdbx_entity_nonpoly.entity_id 
_pdbx_entity_nonpoly.name 
_pdbx_entity_nonpoly.comp_id 
2 'SULFATE ION' SO4 
3 water         HOH 
# 
loop_
_entity_poly_seq.entity_id 
_entity_poly_seq.num 
_entity_poly_seq.mon_id 
_entity_poly_seq.hetero 
1 1   GLY n 
1 2   ARG n 
1 3   PHE n 
1 4   SER n 
1 5   GLU n 
1 6   ARG n 
1 7   ALA n 
1 8   GLN n 
1 9   LYS n 
1 10  VAL n 
1 11  LEU n 
1 12  ALA n 
1 13  LEU n 
1 14  SER n 
1 15  GLN n 
1 16  GLU n 
1 17  GLU n 
1 18  ALA n 
1 19  ILE n 
1 20  ARG n 
1 21  LEU n 
1 22  SER n 
1 23  HIS n 
1 24  HIS n 
1 25  ASN n 
1 26  ILE n 
1 27  GLY n 
1 28  THR n 
1 29  GLU n 
1 30  HIS n 
1 31  ILE n 
1 32  LEU n 
1 33  LEU n 
1 34  GLY n 
1 35  LEU n 
1 36  ILE n 
1 37  ARG n 
1 38  GLU n 
1 39  GLY n 
1 40  GLU n 
1 41  GLY n 
1 42  ILE n 
1 43  ALA n 
1 44  ALA n 
1 45  LYS n 
1 46  ALA n 
1 47  LEU n 
1 48  GLN n 
1 49  GLN n 
1 50  LEU n 
1 51  GLY n 
1 52  LEU n 
1 53  GLY n 
1 54  SER n 
1 55  ASP n 
1 56  LYS n 
1 57  LEU n 
1 58  GLN n 
1 59  LYS n 
1 60  GLU n 
1 61  VAL n 
1 62  GLU n 
1 63  GLY n 
1 64  LEU n 
1 65  VAL n 
1 66  GLY n 
1 67  LYS n 
1 68  GLY n 
1 69  GLN n 
1 70  GLU n 
1 71  GLY n 
1 72  GLN n 
1 73  LYS n 
1 74  SER n 
1 75  ILE n 
1 76  HIS n 
1 77  SER n 
1 78  THR n 
1 79  PRO n 
1 80  HIS n 
1 81  TYR n 
1 82  THR n 
1 83  PRO n 
1 84  ARG n 
1 85  ALA n 
1 86  LYS n 
1 87  LYS n 
1 88  VAL n 
1 89  ILE n 
1 90  GLU n 
1 91  LEU n 
1 92  SER n 
1 93  MET n 
1 94  ASP n 
1 95  GLU n 
1 96  ALA n 
1 97  ARG n 
1 98  LYS n 
1 99  LEU n 
1 100 GLY n 
1 101 HIS n 
1 102 SER n 
1 103 TYR n 
1 104 VAL n 
1 105 GLY n 
1 106 THR n 
1 107 GLU n 
1 108 HIS n 
1 109 ILE n 
1 110 LEU n 
1 111 LEU n 
1 112 GLY n 
1 113 LEU n 
1 114 ILE n 
1 115 ARG n 
1 116 GLU n 
1 117 GLY n 
1 118 GLU n 
1 119 GLY n 
1 120 VAL n 
1 121 ALA n 
1 122 ALA n 
1 123 ARG n 
1 124 VAL n 
1 125 LEU n 
1 126 ASN n 
1 127 ASN n 
1 128 LEU n 
1 129 GLY n 
1 130 VAL n 
1 131 SER n 
1 132 LEU n 
1 133 ASN n 
1 134 LYS n 
1 135 ALA n 
1 136 ARG n 
1 137 GLN n 
1 138 GLN n 
1 139 VAL n 
1 140 LEU n 
1 141 GLN n 
1 142 LEU n 
1 143 LEU n 
1 144 GLY n 
1 145 ASN n 
1 146 ASN n 
# 
_entity_src_gen.entity_id                          1 
_entity_src_gen.pdbx_src_id                        1 
_entity_src_gen.pdbx_alt_source_flag               sample 
_entity_src_gen.pdbx_seq_type                      'Biological sequence' 
_entity_src_gen.pdbx_beg_seq_num                   1 
_entity_src_gen.pdbx_end_seq_num                   146 
_entity_src_gen.gene_src_common_name               ? 
_entity_src_gen.gene_src_genus                     ? 
_entity_src_gen.pdbx_gene_src_gene                 ? 
_entity_src_gen.gene_src_species                   ? 
_entity_src_gen.gene_src_strain                    ? 
_entity_src_gen.gene_src_tissue                    ? 
_entity_src_gen.gene_src_tissue_fraction           ? 
_entity_src_gen.gene_src_details                   ? 
_entity_src_gen.pdbx_gene_src_fragment             ? 
_entity_src_gen.pdbx_gene_src_scientific_name      'Bacillus lehensis' 
_entity_src_gen.pdbx_gene_src_ncbi_taxonomy_id     300825 
_entity_src_gen.pdbx_gene_src_variant              ? 
_entity_src_gen.pdbx_gene_src_cell_line            ? 
_entity_src_gen.pdbx_gene_src_atcc                 ? 
_entity_src_gen.pdbx_gene_src_organ                ? 
_entity_src_gen.pdbx_gene_src_organelle            ? 
_entity_src_gen.pdbx_gene_src_cell                 ? 
_entity_src_gen.pdbx_gene_src_cellular_location    ? 
_entity_src_gen.host_org_common_name               ? 
_entity_src_gen.pdbx_host_org_scientific_name      'Escherichia coli' 
_entity_src_gen.pdbx_host_org_ncbi_taxonomy_id     469008 
_entity_src_gen.host_org_genus                     ? 
_entity_src_gen.pdbx_host_org_gene                 ? 
_entity_src_gen.pdbx_host_org_organ                ? 
_entity_src_gen.host_org_species                   ? 
_entity_src_gen.pdbx_host_org_tissue               ? 
_entity_src_gen.pdbx_host_org_tissue_fraction      ? 
_entity_src_gen.pdbx_host_org_strain               'BL21(DE3)' 
_entity_src_gen.pdbx_host_org_variant              ? 
_entity_src_gen.pdbx_host_org_cell_line            ? 
_entity_src_gen.pdbx_host_org_atcc                 ? 
_entity_src_gen.pdbx_host_org_culture_collection   ? 
_entity_src_gen.pdbx_host_org_cell                 ? 
_entity_src_gen.pdbx_host_org_organelle            ? 
_entity_src_gen.pdbx_host_org_cellular_location    ? 
_entity_src_gen.pdbx_host_org_vector_type          ? 
_entity_src_gen.pdbx_host_org_vector               ? 
_entity_src_gen.host_org_details                   ? 
_entity_src_gen.expression_system_id               ? 
_entity_src_gen.plasmid_name                       ? 
_entity_src_gen.plasmid_details                    ? 
_entity_src_gen.pdbx_description                   ? 
# 
loop_
_chem_comp.id 
_chem_comp.type 
_chem_comp.mon_nstd_flag 
_chem_comp.name 
_chem_comp.pdbx_synonyms 
_chem_comp.formula 
_chem_comp.formula_weight 
ALA 'L-peptide linking' y ALANINE         ? 'C3 H7 N O2'     89.093  
ARG 'L-peptide linking' y ARGININE        ? 'C6 H15 N4 O2 1' 175.209 
ASN 'L-peptide linking' y ASPARAGINE      ? 'C4 H8 N2 O3'    132.118 
ASP 'L-peptide linking' y 'ASPARTIC ACID' ? 'C4 H7 N O4'     133.103 
GLN 'L-peptide linking' y GLUTAMINE       ? 'C5 H10 N2 O3'   146.144 
GLU 'L-peptide linking' y 'GLUTAMIC ACID' ? 'C5 H9 N O4'     147.129 
GLY 'peptide linking'   y GLYCINE         ? 'C2 H5 N O2'     75.067  
HIS 'L-peptide linking' y HISTIDINE       ? 'C6 H10 N3 O2 1' 156.162 
HOH non-polymer         . WATER           ? 'H2 O'           18.015  
ILE 'L-peptide linking' y ISOLEUCINE      ? 'C6 H13 N O2'    131.173 
LEU 'L-peptide linking' y LEUCINE         ? 'C6 H13 N O2'    131.173 
LYS 'L-peptide linking' y LYSINE          ? 'C6 H15 N2 O2 1' 147.195 
MET 'L-peptide linking' y METHIONINE      ? 'C5 H11 N O2 S'  149.211 
PHE 'L-peptide linking' y PHENYLALANINE   ? 'C9 H11 N O2'    165.189 
PRO 'L-peptide linking' y PROLINE         ? 'C5 H9 N O2'     115.130 
SER 'L-peptide linking' y SERINE          ? 'C3 H7 N O3'     105.093 
SO4 non-polymer         . 'SULFATE ION'   ? 'O4 S -2'        96.063  
THR 'L-peptide linking' y THREONINE       ? 'C4 H9 N O3'     119.119 
TYR 'L-peptide linking' y TYROSINE        ? 'C9 H11 N O3'    181.189 
VAL 'L-peptide linking' y VALINE          ? 'C5 H11 N O2'    117.146 
# 
loop_
_pdbx_poly_seq_scheme.asym_id 
_pdbx_poly_seq_scheme.entity_id 
_pdbx_poly_seq_scheme.seq_id 
_pdbx_poly_seq_scheme.mon_id 
_pdbx_poly_seq_scheme.ndb_seq_num 
_pdbx_poly_seq_scheme.pdb_seq_num 
_pdbx_poly_seq_scheme.auth_seq_num 
_pdbx_poly_seq_scheme.pdb_mon_id 
_pdbx_poly_seq_scheme.auth_mon_id 
_pdbx_poly_seq_scheme.pdb_strand_id 
_pdbx_poly_seq_scheme.pdb_ins_code 
_pdbx_poly_seq_scheme.hetero 
A 1 1   GLY 1   4   4   GLY GLY A . n 
A 1 2   ARG 2   5   5   ARG ARG A . n 
A 1 3   PHE 3   6   6   PHE PHE A . n 
A 1 4   SER 4   7   7   SER SER A . n 
A 1 5   GLU 5   8   8   GLU GLU A . n 
A 1 6   ARG 6   9   9   ARG ARG A . n 
A 1 7   ALA 7   10  10  ALA ALA A . n 
A 1 8   GLN 8   11  11  GLN GLN A . n 
A 1 9   LYS 9   12  12  LYS LYS A . n 
A 1 10  VAL 10  13  13  VAL VAL A . n 
A 1 11  LEU 11  14  14  LEU LEU A . n 
A 1 12  ALA 12  15  15  ALA ALA A . n 
A 1 13  LEU 13  16  16  LEU LEU A . n 
A 1 14  SER 14  17  17  SER SER A . n 
A 1 15  GLN 15  18  18  GLN GLN A . n 
A 1 16  GLU 16  19  19  GLU GLU A . n 
A 1 17  GLU 17  20  20  GLU GLU A . n 
A 1 18  ALA 18  21  21  ALA ALA A . n 
A 1 19  ILE 19  22  22  ILE ILE A . n 
A 1 20  ARG 20  23  23  ARG ARG A . n 
A 1 21  LEU 21  24  24  LEU LEU A . n 
A 1 22  SER 22  25  25  SER SER A . n 
A 1 23  HIS 23  26  26  HIS HIS A . n 
A 1 24  HIS 24  27  27  HIS HIS A . n 
A 1 25  ASN 25  28  28  ASN ASN A . n 
A 1 26  ILE 26  29  29  ILE ILE A . n 
A 1 27  GLY 27  30  30  GLY GLY A . n 
A 1 28  THR 28  31  31  THR THR A . n 
A 1 29  GLU 29  32  32  GLU GLU A . n 
A 1 30  HIS 30  33  33  HIS HIS A . n 
A 1 31  ILE 31  34  34  ILE ILE A . n 
A 1 32  LEU 32  35  35  LEU LEU A . n 
A 1 33  LEU 33  36  36  LEU LEU A . n 
A 1 34  GLY 34  37  37  GLY GLY A . n 
A 1 35  LEU 35  38  38  LEU LEU A . n 
A 1 36  ILE 36  39  39  ILE ILE A . n 
A 1 37  ARG 37  40  40  ARG ARG A . n 
A 1 38  GLU 38  41  41  GLU GLU A . n 
A 1 39  GLY 39  42  42  GLY GLY A . n 
A 1 40  GLU 40  43  43  GLU GLU A . n 
A 1 41  GLY 41  44  44  GLY GLY A . n 
A 1 42  ILE 42  45  45  ILE ILE A . n 
A 1 43  ALA 43  46  46  ALA ALA A . n 
A 1 44  ALA 44  47  47  ALA ALA A . n 
A 1 45  LYS 45  48  48  LYS LYS A . n 
A 1 46  ALA 46  49  49  ALA ALA A . n 
A 1 47  LEU 47  50  50  LEU LEU A . n 
A 1 48  GLN 48  51  51  GLN GLN A . n 
A 1 49  GLN 49  52  52  GLN GLN A . n 
A 1 50  LEU 50  53  53  LEU LEU A . n 
A 1 51  GLY 51  54  54  GLY GLY A . n 
A 1 52  LEU 52  55  55  LEU LEU A . n 
A 1 53  GLY 53  56  56  GLY GLY A . n 
A 1 54  SER 54  57  57  SER SER A . n 
A 1 55  ASP 55  58  58  ASP ASP A . n 
A 1 56  LYS 56  59  59  LYS LYS A . n 
A 1 57  LEU 57  60  60  LEU LEU A . n 
A 1 58  GLN 58  61  61  GLN GLN A . n 
A 1 59  LYS 59  62  62  LYS LYS A . n 
A 1 60  GLU 60  63  63  GLU GLU A . n 
A 1 61  VAL 61  64  64  VAL VAL A . n 
A 1 62  GLU 62  65  65  GLU GLU A . n 
A 1 63  GLY 63  66  66  GLY GLY A . n 
A 1 64  LEU 64  67  67  LEU LEU A . n 
A 1 65  VAL 65  68  68  VAL VAL A . n 
A 1 66  GLY 66  69  69  GLY GLY A . n 
A 1 67  LYS 67  70  70  LYS LYS A . n 
A 1 68  GLY 68  70  ?   ?   ?   A A n 
A 1 69  GLN 69  70  ?   ?   ?   A B n 
A 1 70  GLU 70  70  ?   ?   ?   A C n 
A 1 71  GLY 71  70  ?   ?   ?   A D n 
A 1 72  GLN 72  70  ?   ?   ?   A E n 
A 1 73  LYS 73  70  ?   ?   ?   A F n 
A 1 74  SER 74  70  ?   ?   ?   A G n 
A 1 75  ILE 75  70  ?   ?   ?   A H n 
A 1 76  HIS 76  70  ?   ?   ?   A I n 
A 1 77  SER 77  76  76  SER SER A . n 
A 1 78  THR 78  77  77  THR THR A . n 
A 1 79  PRO 79  78  78  PRO PRO A . n 
A 1 80  HIS 80  79  79  HIS HIS A . n 
A 1 81  TYR 81  80  80  TYR TYR A . n 
A 1 82  THR 82  81  81  THR THR A . n 
A 1 83  PRO 83  82  82  PRO PRO A . n 
A 1 84  ARG 84  83  83  ARG ARG A . n 
A 1 85  ALA 85  84  84  ALA ALA A . n 
A 1 86  LYS 86  85  85  LYS LYS A . n 
A 1 87  LYS 87  86  86  LYS LYS A . n 
A 1 88  VAL 88  87  87  VAL VAL A . n 
A 1 89  ILE 89  88  88  ILE ILE A . n 
A 1 90  GLU 90  89  89  GLU GLU A . n 
A 1 91  LEU 91  90  90  LEU LEU A . n 
A 1 92  SER 92  91  91  SER SER A . n 
A 1 93  MET 93  92  92  MET MET A . n 
A 1 94  ASP 94  93  93  ASP ASP A . n 
A 1 95  GLU 95  94  94  GLU GLU A . n 
A 1 96  ALA 96  95  95  ALA ALA A . n 
A 1 97  ARG 97  96  96  ARG ARG A . n 
A 1 98  LYS 98  97  97  LYS LYS A . n 
A 1 99  LEU 99  98  98  LEU LEU A . n 
A 1 100 GLY 100 99  99  GLY GLY A . n 
A 1 101 HIS 101 100 100 HIS HIS A . n 
A 1 102 SER 102 101 101 SER SER A . n 
A 1 103 TYR 103 102 102 TYR TYR A . n 
A 1 104 VAL 104 103 103 VAL VAL A . n 
A 1 105 GLY 105 104 104 GLY GLY A . n 
A 1 106 THR 106 105 105 THR THR A . n 
A 1 107 GLU 107 106 106 GLU GLU A . n 
A 1 108 HIS 108 107 107 HIS HIS A . n 
A 1 109 ILE 109 108 108 ILE ILE A . n 
A 1 110 LEU 110 109 109 LEU LEU A . n 
A 1 111 LEU 111 110 110 LEU LEU A . n 
A 1 112 GLY 112 111 111 GLY GLY A . n 
A 1 113 LEU 113 112 112 LEU LEU A . n 
A 1 114 ILE 114 113 113 ILE ILE A . n 
A 1 115 ARG 115 114 114 ARG ARG A . n 
A 1 116 GLU 116 115 115 GLU GLU A . n 
A 1 117 GLY 117 116 116 GLY GLY A . n 
A 1 118 GLU 118 117 117 GLU GLU A . n 
A 1 119 GLY 119 118 118 GLY GLY A . n 
A 1 120 VAL 120 119 119 VAL VAL A . n 
A 1 121 ALA 121 120 120 ALA ALA A . n 
A 1 122 ALA 122 121 121 ALA ALA A . n 
A 1 123 ARG 123 122 122 ARG ARG A . n 
A 1 124 VAL 124 123 123 VAL VAL A . n 
A 1 125 LEU 125 124 124 LEU LEU A . n 
A 1 126 ASN 126 125 125 ASN ASN A . n 
A 1 127 ASN 127 126 126 ASN ASN A . n 
A 1 128 LEU 128 127 127 LEU LEU A . n 
A 1 129 GLY 129 128 128 GLY GLY A . n 
A 1 130 VAL 130 129 129 VAL VAL A . n 
A 1 131 SER 131 130 130 SER SER A . n 
A 1 132 LEU 132 131 131 LEU LEU A . n 
A 1 133 ASN 133 132 132 ASN ASN A . n 
A 1 134 LYS 134 133 133 LYS LYS A . n 
A 1 135 ALA 135 134 134 ALA ALA A . n 
A 1 136 ARG 136 135 135 ARG ARG A . n 
A 1 137 GLN 137 136 136 GLN GLN A . n 
A 1 138 GLN 138 137 137 GLN GLN A . n 
A 1 139 VAL 139 138 138 VAL VAL A . n 
A 1 140 LEU 140 139 139 LEU LEU A . n 
A 1 141 GLN 141 140 140 GLN GLN A . n 
A 1 142 LEU 142 141 141 LEU LEU A . n 
A 1 143 LEU 143 142 142 LEU LEU A . n 
A 1 144 GLY 144 143 143 GLY GLY A . n 
A 1 145 ASN 145 144 144 ASN ASN A . n 
A 1 146 ASN 146 145 145 ASN ASN A . n 
# 
loop_
_pdbx_nonpoly_scheme.asym_id 
_pdbx_nonpoly_scheme.entity_id 
_pdbx_nonpoly_scheme.mon_id 
_pdbx_nonpoly_scheme.ndb_seq_num 
_pdbx_nonpoly_scheme.pdb_seq_num 
_pdbx_nonpoly_scheme.auth_seq_num 
_pdbx_nonpoly_scheme.pdb_mon_id 
_pdbx_nonpoly_scheme.auth_mon_id 
_pdbx_nonpoly_scheme.pdb_strand_id 
_pdbx_nonpoly_scheme.pdb_ins_code 
B 2 SO4 1  201 1  SO4 SO4 A . 
C 2 SO4 1  202 2  SO4 SO4 A . 
D 3 HOH 1  301 3  HOH HOH A . 
D 3 HOH 2  302 11 HOH HOH A . 
D 3 HOH 3  303 9  HOH HOH A . 
D 3 HOH 4  304 8  HOH HOH A . 
D 3 HOH 5  305 5  HOH HOH A . 
D 3 HOH 6  306 12 HOH HOH A . 
D 3 HOH 7  307 4  HOH HOH A . 
D 3 HOH 8  308 1  HOH HOH A . 
D 3 HOH 9  309 2  HOH HOH A . 
D 3 HOH 10 310 6  HOH HOH A . 
D 3 HOH 11 311 7  HOH HOH A . 
D 3 HOH 12 312 10 HOH HOH A . 
# 
_software.citation_id            ? 
_software.classification         refinement 
_software.compiler_name          ? 
_software.compiler_version       ? 
_software.contact_author         ? 
_software.contact_author_email   ? 
_software.date                   ? 
_software.description            ? 
_software.dependencies           ? 
_software.hardware               ? 
_software.language               ? 
_software.location               ? 
_software.mods                   ? 
_software.name                   PHENIX 
_software.os                     ? 
_software.os_version             ? 
_software.type                   ? 
_software.version                '(phenix.refine: 1.8.2_1309)' 
_software.pdbx_ordinal           1 
# 
_cell.entry_id           4P15 
_cell.length_a           84.620 
_cell.length_b           84.620 
_cell.length_c           32.150 
_cell.angle_alpha        90.00 
_cell.angle_beta         90.00 
_cell.angle_gamma        120.00 
_cell.Z_PDB              6 
_cell.pdbx_unique_axis   ? 
# 
_symmetry.entry_id                         4P15 
_symmetry.space_group_name_H-M             'P 65' 
_symmetry.pdbx_full_space_group_name_H-M   ? 
_symmetry.cell_setting                     ? 
_symmetry.Int_Tables_number                170 
# 
_exptl.absorpt_coefficient_mu     ? 
_exptl.absorpt_correction_T_max   ? 
_exptl.absorpt_correction_T_min   ? 
_exptl.absorpt_correction_type    ? 
_exptl.absorpt_process_details    ? 
_exptl.entry_id                   4P15 
_exptl.crystals_number            1 
_exptl.details                    ? 
_exptl.method                     'X-RAY DIFFRACTION' 
_exptl.method_details             ? 
# 
_exptl_crystal.colour                      ? 
_exptl_crystal.density_diffrn              ? 
_exptl_crystal.density_Matthews            2.22 
_exptl_crystal.density_method              ? 
_exptl_crystal.density_percent_sol         44.49 
_exptl_crystal.description                 'Hexagonal crystal' 
_exptl_crystal.F_000                       ? 
_exptl_crystal.id                          1 
_exptl_crystal.preparation                 ? 
_exptl_crystal.size_max                    ? 
_exptl_crystal.size_mid                    ? 
_exptl_crystal.size_min                    ? 
_exptl_crystal.size_rad                    ? 
_exptl_crystal.colour_lustre               ? 
_exptl_crystal.colour_modifier             ? 
_exptl_crystal.colour_primary              ? 
_exptl_crystal.density_meas                ? 
_exptl_crystal.density_meas_esd            ? 
_exptl_crystal.density_meas_gt             ? 
_exptl_crystal.density_meas_lt             ? 
_exptl_crystal.density_meas_temp           ? 
_exptl_crystal.density_meas_temp_esd       ? 
_exptl_crystal.density_meas_temp_gt        ? 
_exptl_crystal.density_meas_temp_lt        ? 
_exptl_crystal.pdbx_crystal_image_url      ? 
_exptl_crystal.pdbx_crystal_image_format   ? 
_exptl_crystal.pdbx_mosaicity              ? 
_exptl_crystal.pdbx_mosaicity_esd          ? 
# 
_exptl_crystal_grow.apparatus       ? 
_exptl_crystal_grow.atmosphere      ? 
_exptl_crystal_grow.crystal_id      1 
_exptl_crystal_grow.details         ? 
_exptl_crystal_grow.method          'VAPOR DIFFUSION, HANGING DROP' 
_exptl_crystal_grow.method_ref      ? 
_exptl_crystal_grow.pH              4.2 
_exptl_crystal_grow.pressure        ? 
_exptl_crystal_grow.pressure_esd    ? 
_exptl_crystal_grow.seeding         ? 
_exptl_crystal_grow.seeding_ref     ? 
_exptl_crystal_grow.temp            292.15 
_exptl_crystal_grow.temp_details    ? 
_exptl_crystal_grow.temp_esd        ? 
_exptl_crystal_grow.time            ? 
_exptl_crystal_grow.pdbx_details    
;Protein crystallization was carried out using the hanging-drop vapor-diffusion method using 24-well Limbro tissue culture plates (ICN Inc.) at 19C.  Drops were formed by mixing equal volumes (1 ul) of protein solution at 50 mg/mL and the reservoir solution containing 0.1M phosphate-citrate pH 4.2 20% polyethylene glycol 1000, 0.2M lithium sulphate.  Hexagonal crystals appeared after 20-30 days
;
_exptl_crystal_grow.pdbx_pH_range   ? 
# 
_diffrn.ambient_environment    ? 
_diffrn.ambient_temp           100 
_diffrn.ambient_temp_details   ? 
_diffrn.ambient_temp_esd       ? 
_diffrn.crystal_id             1 
_diffrn.crystal_support        ? 
_diffrn.crystal_treatment      ? 
_diffrn.details                ? 
_diffrn.id                     1 
_diffrn.ambient_pressure       ? 
_diffrn.ambient_pressure_esd   ? 
_diffrn.ambient_pressure_gt    ? 
_diffrn.ambient_pressure_lt    ? 
_diffrn.ambient_temp_gt        ? 
_diffrn.ambient_temp_lt        ? 
# 
_diffrn_detector.details                      'Osmic focusing mirrors' 
_diffrn_detector.detector                     'IMAGE PLATE' 
_diffrn_detector.diffrn_id                    1 
_diffrn_detector.type                         'RIGAKU RAXIS IV++' 
_diffrn_detector.area_resol_mean              ? 
_diffrn_detector.dtime                        ? 
_diffrn_detector.pdbx_frames_total            ? 
_diffrn_detector.pdbx_collection_time_total   ? 
_diffrn_detector.pdbx_collection_date         2012-12-06 
# 
_diffrn_radiation.collimation                      ? 
_diffrn_radiation.diffrn_id                        1 
_diffrn_radiation.filter_edge                      ? 
_diffrn_radiation.inhomogeneity                    ? 
_diffrn_radiation.monochromator                    ? 
_diffrn_radiation.polarisn_norm                    ? 
_diffrn_radiation.polarisn_ratio                   ? 
_diffrn_radiation.probe                            ? 
_diffrn_radiation.type                             ? 
_diffrn_radiation.xray_symbol                      ? 
_diffrn_radiation.wavelength_id                    1 
_diffrn_radiation.pdbx_monochromatic_or_laue_m_l   M 
_diffrn_radiation.pdbx_wavelength_list             ? 
_diffrn_radiation.pdbx_wavelength                  ? 
_diffrn_radiation.pdbx_diffrn_protocol             'SINGLE WAVELENGTH' 
_diffrn_radiation.pdbx_analyzer                    ? 
_diffrn_radiation.pdbx_scattering_type             x-ray 
# 
_diffrn_radiation_wavelength.id           1 
_diffrn_radiation_wavelength.wavelength   1.54178 
_diffrn_radiation_wavelength.wt           1.0 
# 
_diffrn_source.current                     ? 
_diffrn_source.details                     ? 
_diffrn_source.diffrn_id                   1 
_diffrn_source.power                       ? 
_diffrn_source.size                        ? 
_diffrn_source.source                      'ROTATING ANODE' 
_diffrn_source.target                      ? 
_diffrn_source.type                        'RIGAKU MICROMAX-007 HF' 
_diffrn_source.voltage                     ? 
_diffrn_source.take-off_angle              ? 
_diffrn_source.pdbx_wavelength_list        1.54178 
_diffrn_source.pdbx_wavelength             ? 
_diffrn_source.pdbx_synchrotron_beamline   ? 
_diffrn_source.pdbx_synchrotron_site       ? 
# 
_reflns.B_iso_Wilson_estimate            ? 
_reflns.entry_id                         4P15 
_reflns.data_reduction_details           ? 
_reflns.data_reduction_method            ? 
_reflns.d_resolution_high                1.85 
_reflns.d_resolution_low                 73.29 
_reflns.details                          ? 
_reflns.limit_h_max                      ? 
_reflns.limit_h_min                      ? 
_reflns.limit_k_max                      ? 
_reflns.limit_k_min                      ? 
_reflns.limit_l_max                      ? 
_reflns.limit_l_min                      ? 
_reflns.number_all                       11473 
_reflns.number_obs                       11473 
_reflns.observed_criterion               ? 
_reflns.observed_criterion_F_max         ? 
_reflns.observed_criterion_F_min         ? 
_reflns.observed_criterion_I_max         ? 
_reflns.observed_criterion_I_min         ? 
_reflns.observed_criterion_sigma_F       ? 
_reflns.observed_criterion_sigma_I       ? 
_reflns.percent_possible_obs             99.6 
_reflns.R_free_details                   ? 
_reflns.Rmerge_F_all                     ? 
_reflns.Rmerge_F_obs                     ? 
_reflns.Friedel_coverage                 ? 
_reflns.number_gt                        ? 
_reflns.threshold_expression             ? 
_reflns.pdbx_redundancy                  6.85 
_reflns.pdbx_Rmerge_I_obs                0.058 
_reflns.pdbx_Rmerge_I_all                ? 
_reflns.pdbx_Rsym_value                  ? 
_reflns.pdbx_netI_over_av_sigmaI         ? 
_reflns.pdbx_netI_over_sigmaI            19.6 
_reflns.pdbx_res_netI_over_av_sigmaI_2   ? 
_reflns.pdbx_res_netI_over_sigmaI_2      ? 
_reflns.pdbx_chi_squared                 ? 
_reflns.pdbx_scaling_rejects             ? 
_reflns.pdbx_d_res_high_opt              ? 
_reflns.pdbx_d_res_low_opt               ? 
_reflns.pdbx_d_res_opt_method            ? 
_reflns.phase_calculation_details        ? 
_reflns.pdbx_Rrim_I_all                  ? 
_reflns.pdbx_Rpim_I_all                  ? 
_reflns.pdbx_d_opt                       ? 
_reflns.pdbx_number_measured_all         ? 
_reflns.pdbx_diffrn_id                   1 
_reflns.pdbx_ordinal                     1 
_reflns.pdbx_CC_half                     ? 
_reflns.pdbx_R_split                     ? 
# 
_reflns_shell.d_res_high                  1.85 
_reflns_shell.d_res_low                   73.29 
_reflns_shell.meanI_over_sigI_all         ? 
_reflns_shell.meanI_over_sigI_obs         19.6 
_reflns_shell.number_measured_all         ? 
_reflns_shell.number_measured_obs         ? 
_reflns_shell.number_possible             ? 
_reflns_shell.number_unique_all           ? 
_reflns_shell.number_unique_obs           ? 
_reflns_shell.percent_possible_all        99.6 
_reflns_shell.percent_possible_obs        ? 
_reflns_shell.Rmerge_F_all                ? 
_reflns_shell.Rmerge_F_obs                ? 
_reflns_shell.Rmerge_I_all                ? 
_reflns_shell.Rmerge_I_obs                0.058 
_reflns_shell.meanI_over_sigI_gt          ? 
_reflns_shell.meanI_over_uI_all           ? 
_reflns_shell.meanI_over_uI_gt            ? 
_reflns_shell.number_measured_gt          ? 
_reflns_shell.number_unique_gt            ? 
_reflns_shell.percent_possible_gt         ? 
_reflns_shell.Rmerge_F_gt                 ? 
_reflns_shell.Rmerge_I_gt                 ? 
_reflns_shell.pdbx_redundancy             6.85 
_reflns_shell.pdbx_Rsym_value             ? 
_reflns_shell.pdbx_chi_squared            ? 
_reflns_shell.pdbx_netI_over_sigmaI_all   ? 
_reflns_shell.pdbx_netI_over_sigmaI_obs   ? 
_reflns_shell.pdbx_Rrim_I_all             ? 
_reflns_shell.pdbx_Rpim_I_all             ? 
_reflns_shell.pdbx_rejects                ? 
_reflns_shell.pdbx_ordinal                1 
_reflns_shell.pdbx_diffrn_id              1 
_reflns_shell.pdbx_CC_half                ? 
_reflns_shell.pdbx_R_split                ? 
# 
_refine.pdbx_refine_id                           'X-RAY DIFFRACTION' 
_refine.entry_id                                 4P15 
_refine.pdbx_diffrn_id                           1 
_refine.pdbx_TLS_residual_ADP_flag               ? 
_refine.ls_number_reflns_obs                     11416 
_refine.ls_number_reflns_all                     ? 
_refine.pdbx_ls_sigma_I                          ? 
_refine.pdbx_ls_sigma_F                          1.34 
_refine.pdbx_data_cutoff_high_absF               ? 
_refine.pdbx_data_cutoff_low_absF                ? 
_refine.pdbx_data_cutoff_high_rms_absF           ? 
_refine.ls_d_res_low                             36.641 
_refine.ls_d_res_high                            1.850 
_refine.ls_percent_reflns_obs                    99.52 
_refine.ls_R_factor_obs                          0.2114 
_refine.ls_R_factor_all                          ? 
_refine.ls_R_factor_R_work                       0.2100 
_refine.ls_R_factor_R_free                       0.2404 
_refine.ls_R_factor_R_free_error                 ? 
_refine.ls_R_factor_R_free_error_details         ? 
_refine.ls_percent_reflns_R_free                 4.79 
_refine.ls_number_reflns_R_free                  547 
_refine.ls_number_parameters                     ? 
_refine.ls_number_restraints                     ? 
_refine.occupancy_min                            ? 
_refine.occupancy_max                            ? 
_refine.correlation_coeff_Fo_to_Fc               ? 
_refine.correlation_coeff_Fo_to_Fc_free          ? 
_refine.B_iso_mean                               ? 
_refine.aniso_B[1][1]                            ? 
_refine.aniso_B[2][2]                            ? 
_refine.aniso_B[3][3]                            ? 
_refine.aniso_B[1][2]                            ? 
_refine.aniso_B[1][3]                            ? 
_refine.aniso_B[2][3]                            ? 
_refine.solvent_model_details                    'FLAT BULK SOLVENT MODEL' 
_refine.solvent_model_param_ksol                 ? 
_refine.solvent_model_param_bsol                 ? 
_refine.pdbx_solvent_vdw_probe_radii             1.11 
_refine.pdbx_solvent_ion_probe_radii             ? 
_refine.pdbx_solvent_shrinkage_radii             0.90 
_refine.pdbx_ls_cross_valid_method               THROUGHOUT 
_refine.details                                  ? 
_refine.pdbx_starting_model                      ? 
_refine.pdbx_method_to_determine_struct          'MOLECULAR REPLACEMENT' 
_refine.pdbx_isotropic_thermal_model             ? 
_refine.pdbx_stereochemistry_target_values       ML 
_refine.pdbx_stereochem_target_val_spec_case     ? 
_refine.pdbx_R_Free_selection_details            RANDOM 
_refine.pdbx_overall_ESU_R                       ? 
_refine.pdbx_overall_ESU_R_Free                  ? 
_refine.overall_SU_ML                            0.21 
_refine.pdbx_overall_phase_error                 26.82 
_refine.overall_SU_B                             ? 
_refine.overall_SU_R_Cruickshank_DPI             ? 
_refine.pdbx_overall_SU_R_free_Cruickshank_DPI   ? 
_refine.pdbx_overall_SU_R_Blow_DPI               ? 
_refine.pdbx_overall_SU_R_free_Blow_DPI          ? 
# 
_refine_hist.pdbx_refine_id                   'X-RAY DIFFRACTION' 
_refine_hist.cycle_id                         1 
_refine_hist.pdbx_number_atoms_protein        1048 
_refine_hist.pdbx_number_atoms_nucleic_acid   0 
_refine_hist.pdbx_number_atoms_ligand         10 
_refine_hist.number_atoms_solvent             12 
_refine_hist.number_atoms_total               1070 
_refine_hist.d_res_high                       1.850 
_refine_hist.d_res_low                        36.641 
# 
loop_
_refine_ls_restr.type 
_refine_ls_restr.dev_ideal 
_refine_ls_restr.dev_ideal_target 
_refine_ls_restr.weight 
_refine_ls_restr.number 
_refine_ls_restr.pdbx_refine_id 
_refine_ls_restr.pdbx_restraint_function 
f_bond_d           0.006  ? ? 1081 'X-RAY DIFFRACTION' ? 
f_angle_d          0.955  ? ? 1452 'X-RAY DIFFRACTION' ? 
f_dihedral_angle_d 15.646 ? ? 415  'X-RAY DIFFRACTION' ? 
f_chiral_restr     0.065  ? ? 166  'X-RAY DIFFRACTION' ? 
f_plane_restr      0.003  ? ? 188  'X-RAY DIFFRACTION' ? 
# 
loop_
_refine_ls_shell.pdbx_refine_id 
_refine_ls_shell.pdbx_total_number_of_bins_used 
_refine_ls_shell.d_res_high 
_refine_ls_shell.d_res_low 
_refine_ls_shell.number_reflns_R_work 
_refine_ls_shell.R_factor_R_work 
_refine_ls_shell.percent_reflns_obs 
_refine_ls_shell.R_factor_R_free 
_refine_ls_shell.R_factor_R_free_error 
_refine_ls_shell.percent_reflns_R_free 
_refine_ls_shell.number_reflns_R_free 
_refine_ls_shell.number_reflns_all 
_refine_ls_shell.R_factor_all 
_refine_ls_shell.R_factor_obs 
_refine_ls_shell.number_reflns_obs 
'X-RAY DIFFRACTION' . 1.8500 2.0362  2666 0.2470 98.00  0.3006 . . 123 . . . . 
'X-RAY DIFFRACTION' . 2.0362 2.3308  2701 0.2090 100.00 0.2731 . . 144 . . . . 
'X-RAY DIFFRACTION' . 2.3308 2.9364  2718 0.2171 100.00 0.2441 . . 145 . . . . 
'X-RAY DIFFRACTION' . 2.9364 36.6486 2784 0.2005 100.00 0.2188 . . 135 . . . . 
# 
_struct.entry_id                     4P15 
_struct.title                        'Structure of the ClpC N-terminal domain from an alkaliphilic Bacillus lehensis G1 species' 
_struct.pdbx_model_details           ? 
_struct.pdbx_formula_weight          ? 
_struct.pdbx_formula_weight_method   ? 
_struct.pdbx_model_type_details      ? 
_struct.pdbx_CASP_flag               ? 
# 
_struct_keywords.entry_id        4P15 
_struct_keywords.text            'Heat-shock protein, ClpC, Bacillus, alkalophilic, HYDROLASE' 
_struct_keywords.pdbx_keywords   HYDROLASE 
# 
loop_
_struct_asym.id 
_struct_asym.pdbx_blank_PDB_chainid_flag 
_struct_asym.pdbx_modified 
_struct_asym.entity_id 
_struct_asym.details 
A N N 1 ? 
B N N 2 ? 
C N N 2 ? 
D N N 3 ? 
# 
_struct_ref.id                         1 
_struct_ref.db_name                    PDB 
_struct_ref.db_code                    4P15 
_struct_ref.pdbx_db_accession          4P15 
_struct_ref.entity_id                  1 
_struct_ref.pdbx_seq_one_letter_code   ? 
_struct_ref.pdbx_align_begin           1 
_struct_ref.pdbx_db_isoform            ? 
# 
_struct_ref_seq.align_id                      1 
_struct_ref_seq.ref_id                        1 
_struct_ref_seq.pdbx_PDB_id_code              4P15 
_struct_ref_seq.pdbx_strand_id                A 
_struct_ref_seq.seq_align_beg                 1 
_struct_ref_seq.pdbx_seq_align_beg_ins_code   ? 
_struct_ref_seq.seq_align_end                 146 
_struct_ref_seq.pdbx_seq_align_end_ins_code   ? 
_struct_ref_seq.pdbx_db_accession             4P15 
_struct_ref_seq.db_align_beg                  4 
_struct_ref_seq.pdbx_db_align_beg_ins_code    ? 
_struct_ref_seq.db_align_end                  145 
_struct_ref_seq.pdbx_db_align_end_ins_code    ? 
_struct_ref_seq.pdbx_auth_seq_align_beg       4 
_struct_ref_seq.pdbx_auth_seq_align_end       145 
# 
_pdbx_struct_assembly.id                   1 
_pdbx_struct_assembly.details              author_and_software_defined_assembly 
_pdbx_struct_assembly.method_details       PISA 
_pdbx_struct_assembly.oligomeric_details   monomeric 
_pdbx_struct_assembly.oligomeric_count     1 
# 
loop_
_pdbx_struct_assembly_prop.biol_id 
_pdbx_struct_assembly_prop.type 
_pdbx_struct_assembly_prop.value 
_pdbx_struct_assembly_prop.details 
1 'ABSA (A^2)' 410  ? 
1 MORE         -29  ? 
1 'SSA (A^2)'  6920 ? 
# 
_pdbx_struct_assembly_gen.assembly_id       1 
_pdbx_struct_assembly_gen.oper_expression   1 
_pdbx_struct_assembly_gen.asym_id_list      A,B,C,D 
# 
_pdbx_struct_oper_list.id                   1 
_pdbx_struct_oper_list.type                 'identity operation' 
_pdbx_struct_oper_list.name                 1_555 
_pdbx_struct_oper_list.symmetry_operation   x,y,z 
_pdbx_struct_oper_list.matrix[1][1]         1.0000000000 
_pdbx_struct_oper_list.matrix[1][2]         0.0000000000 
_pdbx_struct_oper_list.matrix[1][3]         0.0000000000 
_pdbx_struct_oper_list.vector[1]            0.0000000000 
_pdbx_struct_oper_list.matrix[2][1]         0.0000000000 
_pdbx_struct_oper_list.matrix[2][2]         1.0000000000 
_pdbx_struct_oper_list.matrix[2][3]         0.0000000000 
_pdbx_struct_oper_list.vector[2]            0.0000000000 
_pdbx_struct_oper_list.matrix[3][1]         0.0000000000 
_pdbx_struct_oper_list.matrix[3][2]         0.0000000000 
_pdbx_struct_oper_list.matrix[3][3]         1.0000000000 
_pdbx_struct_oper_list.vector[3]            0.0000000000 
# 
loop_
_struct_conf.conf_type_id 
_struct_conf.id 
_struct_conf.pdbx_PDB_helix_id 
_struct_conf.beg_label_comp_id 
_struct_conf.beg_label_asym_id 
_struct_conf.beg_label_seq_id 
_struct_conf.pdbx_beg_PDB_ins_code 
_struct_conf.end_label_comp_id 
_struct_conf.end_label_asym_id 
_struct_conf.end_label_seq_id 
_struct_conf.pdbx_end_PDB_ins_code 
_struct_conf.beg_auth_comp_id 
_struct_conf.beg_auth_asym_id 
_struct_conf.beg_auth_seq_id 
_struct_conf.end_auth_comp_id 
_struct_conf.end_auth_asym_id 
_struct_conf.end_auth_seq_id 
_struct_conf.pdbx_PDB_helix_class 
_struct_conf.details 
_struct_conf.pdbx_PDB_helix_length 
HELX_P HELX_P1 AA1 SER A 4   ? LEU A 21  ? SER A 7   LEU A 24  1 ? 18 
HELX_P HELX_P2 AA2 GLY A 27  ? GLY A 39  ? GLY A 30  GLY A 42  1 ? 13 
HELX_P HELX_P3 AA3 GLY A 41  ? LEU A 50  ? GLY A 44  LEU A 53  1 ? 10 
HELX_P HELX_P4 AA4 GLY A 53  ? GLY A 66  ? GLY A 56  GLY A 69  1 ? 14 
HELX_P HELX_P5 AA5 THR A 82  ? LEU A 99  ? THR A 81  LEU A 98  1 ? 18 
HELX_P HELX_P6 AA6 GLY A 105 ? GLY A 117 ? GLY A 104 GLY A 116 1 ? 13 
HELX_P HELX_P7 AA7 GLY A 119 ? LEU A 128 ? GLY A 118 LEU A 127 1 ? 10 
HELX_P HELX_P8 AA8 SER A 131 ? ASN A 145 ? SER A 130 ASN A 144 1 ? 15 
# 
_struct_conf_type.id          HELX_P 
_struct_conf_type.criteria    ? 
_struct_conf_type.reference   ? 
# 
_struct_sheet.id               AA1 
_struct_sheet.type             ? 
_struct_sheet.number_strands   2 
_struct_sheet.details          ? 
# 
_struct_sheet_order.sheet_id     AA1 
_struct_sheet_order.range_id_1   1 
_struct_sheet_order.range_id_2   2 
_struct_sheet_order.offset       ? 
_struct_sheet_order.sense        parallel 
# 
loop_
_struct_sheet_range.sheet_id 
_struct_sheet_range.id 
_struct_sheet_range.beg_label_comp_id 
_struct_sheet_range.beg_label_asym_id 
_struct_sheet_range.beg_label_seq_id 
_struct_sheet_range.pdbx_beg_PDB_ins_code 
_struct_sheet_range.end_label_comp_id 
_struct_sheet_range.end_label_asym_id 
_struct_sheet_range.end_label_seq_id 
_struct_sheet_range.pdbx_end_PDB_ins_code 
_struct_sheet_range.beg_auth_comp_id 
_struct_sheet_range.beg_auth_asym_id 
_struct_sheet_range.beg_auth_seq_id 
_struct_sheet_range.end_auth_comp_id 
_struct_sheet_range.end_auth_asym_id 
_struct_sheet_range.end_auth_seq_id 
AA1 1 ASN A 25 ? ILE A 26 ? ASN A 28 ILE A 29 
AA1 2 HIS A 80 ? TYR A 81 ? HIS A 79 TYR A 80 
# 
_pdbx_struct_sheet_hbond.sheet_id                AA1 
_pdbx_struct_sheet_hbond.range_id_1              1 
_pdbx_struct_sheet_hbond.range_id_2              2 
_pdbx_struct_sheet_hbond.range_1_label_atom_id   N 
_pdbx_struct_sheet_hbond.range_1_label_comp_id   ILE 
_pdbx_struct_sheet_hbond.range_1_label_asym_id   A 
_pdbx_struct_sheet_hbond.range_1_label_seq_id    26 
_pdbx_struct_sheet_hbond.range_1_PDB_ins_code    ? 
_pdbx_struct_sheet_hbond.range_1_auth_atom_id    N 
_pdbx_struct_sheet_hbond.range_1_auth_comp_id    ILE 
_pdbx_struct_sheet_hbond.range_1_auth_asym_id    A 
_pdbx_struct_sheet_hbond.range_1_auth_seq_id     29 
_pdbx_struct_sheet_hbond.range_2_label_atom_id   O 
_pdbx_struct_sheet_hbond.range_2_label_comp_id   HIS 
_pdbx_struct_sheet_hbond.range_2_label_asym_id   A 
_pdbx_struct_sheet_hbond.range_2_label_seq_id    80 
_pdbx_struct_sheet_hbond.range_2_PDB_ins_code    ? 
_pdbx_struct_sheet_hbond.range_2_auth_atom_id    O 
_pdbx_struct_sheet_hbond.range_2_auth_comp_id    HIS 
_pdbx_struct_sheet_hbond.range_2_auth_asym_id    A 
_pdbx_struct_sheet_hbond.range_2_auth_seq_id     79 
# 
loop_
_struct_site.id 
_struct_site.pdbx_evidence_code 
_struct_site.pdbx_auth_asym_id 
_struct_site.pdbx_auth_comp_id 
_struct_site.pdbx_auth_seq_id 
_struct_site.pdbx_auth_ins_code 
_struct_site.pdbx_num_residues 
_struct_site.details 
AC1 Software A SO4 201 ? 8 'binding site for residue SO4 A 201' 
AC2 Software A SO4 202 ? 7 'binding site for residue SO4 A 202' 
# 
loop_
_struct_site_gen.id 
_struct_site_gen.site_id 
_struct_site_gen.pdbx_num_res 
_struct_site_gen.label_comp_id 
_struct_site_gen.label_asym_id 
_struct_site_gen.label_seq_id 
_struct_site_gen.pdbx_auth_ins_code 
_struct_site_gen.auth_comp_id 
_struct_site_gen.auth_asym_id 
_struct_site_gen.auth_seq_id 
_struct_site_gen.label_atom_id 
_struct_site_gen.label_alt_id 
_struct_site_gen.symmetry 
_struct_site_gen.details 
1  AC1 8 GLY A 27  ? GLY A 30  . ? 1_555 ? 
2  AC1 8 THR A 28  ? THR A 31  . ? 1_555 ? 
3  AC1 8 GLU A 29  ? GLU A 32  . ? 1_555 ? 
4  AC1 8 THR A 82  ? THR A 81  . ? 1_555 ? 
5  AC1 8 ARG A 84  ? ARG A 83  . ? 1_555 ? 
6  AC1 8 GLY A 119 ? GLY A 118 . ? 1_555 ? 
7  AC1 8 VAL A 120 ? VAL A 119 . ? 1_555 ? 
8  AC1 8 HOH D .   ? HOH A 308 . ? 1_555 ? 
9  AC2 7 SER A 4   ? SER A 7   . ? 1_555 ? 
10 AC2 7 ARG A 6   ? ARG A 9   . ? 1_555 ? 
11 AC2 7 GLY A 41  ? GLY A 44  . ? 1_555 ? 
12 AC2 7 ILE A 42  ? ILE A 45  . ? 1_555 ? 
13 AC2 7 GLY A 105 ? GLY A 104 . ? 1_555 ? 
14 AC2 7 THR A 106 ? THR A 105 . ? 1_555 ? 
15 AC2 7 GLU A 107 ? GLU A 106 . ? 1_555 ? 
# 
loop_
_pdbx_unobs_or_zero_occ_residues.id 
_pdbx_unobs_or_zero_occ_residues.PDB_model_num 
_pdbx_unobs_or_zero_occ_residues.polymer_flag 
_pdbx_unobs_or_zero_occ_residues.occupancy_flag 
_pdbx_unobs_or_zero_occ_residues.auth_asym_id 
_pdbx_unobs_or_zero_occ_residues.auth_comp_id 
_pdbx_unobs_or_zero_occ_residues.auth_seq_id 
_pdbx_unobs_or_zero_occ_residues.PDB_ins_code 
_pdbx_unobs_or_zero_occ_residues.label_asym_id 
_pdbx_unobs_or_zero_occ_residues.label_comp_id 
_pdbx_unobs_or_zero_occ_residues.label_seq_id 
1 1 Y 1 A GLY 70 A A GLY 68 
2 1 Y 1 A GLN 70 B A GLN 69 
3 1 Y 1 A GLU 70 C A GLU 70 
4 1 Y 1 A GLY 70 D A GLY 71 
5 1 Y 1 A GLN 70 E A GLN 72 
6 1 Y 1 A LYS 70 F A LYS 73 
7 1 Y 1 A SER 70 G A SER 74 
8 1 Y 1 A ILE 70 H A ILE 75 
9 1 Y 1 A HIS 70 I A HIS 76 
# 
loop_
_chem_comp_atom.comp_id 
_chem_comp_atom.atom_id 
_chem_comp_atom.type_symbol 
_chem_comp_atom.pdbx_aromatic_flag 
_chem_comp_atom.pdbx_stereo_config 
_chem_comp_atom.pdbx_ordinal 
ALA N    N N N 1   
ALA CA   C N S 2   
ALA C    C N N 3   
ALA O    O N N 4   
ALA CB   C N N 5   
ALA OXT  O N N 6   
ALA H    H N N 7   
ALA H2   H N N 8   
ALA HA   H N N 9   
ALA HB1  H N N 10  
ALA HB2  H N N 11  
ALA HB3  H N N 12  
ALA HXT  H N N 13  
ARG N    N N N 14  
ARG CA   C N S 15  
ARG C    C N N 16  
ARG O    O N N 17  
ARG CB   C N N 18  
ARG CG   C N N 19  
ARG CD   C N N 20  
ARG NE   N N N 21  
ARG CZ   C N N 22  
ARG NH1  N N N 23  
ARG NH2  N N N 24  
ARG OXT  O N N 25  
ARG H    H N N 26  
ARG H2   H N N 27  
ARG HA   H N N 28  
ARG HB2  H N N 29  
ARG HB3  H N N 30  
ARG HG2  H N N 31  
ARG HG3  H N N 32  
ARG HD2  H N N 33  
ARG HD3  H N N 34  
ARG HE   H N N 35  
ARG HH11 H N N 36  
ARG HH12 H N N 37  
ARG HH21 H N N 38  
ARG HH22 H N N 39  
ARG HXT  H N N 40  
ASN N    N N N 41  
ASN CA   C N S 42  
ASN C    C N N 43  
ASN O    O N N 44  
ASN CB   C N N 45  
ASN CG   C N N 46  
ASN OD1  O N N 47  
ASN ND2  N N N 48  
ASN OXT  O N N 49  
ASN H    H N N 50  
ASN H2   H N N 51  
ASN HA   H N N 52  
ASN HB2  H N N 53  
ASN HB3  H N N 54  
ASN HD21 H N N 55  
ASN HD22 H N N 56  
ASN HXT  H N N 57  
ASP N    N N N 58  
ASP CA   C N S 59  
ASP C    C N N 60  
ASP O    O N N 61  
ASP CB   C N N 62  
ASP CG   C N N 63  
ASP OD1  O N N 64  
ASP OD2  O N N 65  
ASP OXT  O N N 66  
ASP H    H N N 67  
ASP H2   H N N 68  
ASP HA   H N N 69  
ASP HB2  H N N 70  
ASP HB3  H N N 71  
ASP HD2  H N N 72  
ASP HXT  H N N 73  
GLN N    N N N 74  
GLN CA   C N S 75  
GLN C    C N N 76  
GLN O    O N N 77  
GLN CB   C N N 78  
GLN CG   C N N 79  
GLN CD   C N N 80  
GLN OE1  O N N 81  
GLN NE2  N N N 82  
GLN OXT  O N N 83  
GLN H    H N N 84  
GLN H2   H N N 85  
GLN HA   H N N 86  
GLN HB2  H N N 87  
GLN HB3  H N N 88  
GLN HG2  H N N 89  
GLN HG3  H N N 90  
GLN HE21 H N N 91  
GLN HE22 H N N 92  
GLN HXT  H N N 93  
GLU N    N N N 94  
GLU CA   C N S 95  
GLU C    C N N 96  
GLU O    O N N 97  
GLU CB   C N N 98  
GLU CG   C N N 99  
GLU CD   C N N 100 
GLU OE1  O N N 101 
GLU OE2  O N N 102 
GLU OXT  O N N 103 
GLU H    H N N 104 
GLU H2   H N N 105 
GLU HA   H N N 106 
GLU HB2  H N N 107 
GLU HB3  H N N 108 
GLU HG2  H N N 109 
GLU HG3  H N N 110 
GLU HE2  H N N 111 
GLU HXT  H N N 112 
GLY N    N N N 113 
GLY CA   C N N 114 
GLY C    C N N 115 
GLY O    O N N 116 
GLY OXT  O N N 117 
GLY H    H N N 118 
GLY H2   H N N 119 
GLY HA2  H N N 120 
GLY HA3  H N N 121 
GLY HXT  H N N 122 
HIS N    N N N 123 
HIS CA   C N S 124 
HIS C    C N N 125 
HIS O    O N N 126 
HIS CB   C N N 127 
HIS CG   C Y N 128 
HIS ND1  N Y N 129 
HIS CD2  C Y N 130 
HIS CE1  C Y N 131 
HIS NE2  N Y N 132 
HIS OXT  O N N 133 
HIS H    H N N 134 
HIS H2   H N N 135 
HIS HA   H N N 136 
HIS HB2  H N N 137 
HIS HB3  H N N 138 
HIS HD1  H N N 139 
HIS HD2  H N N 140 
HIS HE1  H N N 141 
HIS HE2  H N N 142 
HIS HXT  H N N 143 
HOH O    O N N 144 
HOH H1   H N N 145 
HOH H2   H N N 146 
ILE N    N N N 147 
ILE CA   C N S 148 
ILE C    C N N 149 
ILE O    O N N 150 
ILE CB   C N S 151 
ILE CG1  C N N 152 
ILE CG2  C N N 153 
ILE CD1  C N N 154 
ILE OXT  O N N 155 
ILE H    H N N 156 
ILE H2   H N N 157 
ILE HA   H N N 158 
ILE HB   H N N 159 
ILE HG12 H N N 160 
ILE HG13 H N N 161 
ILE HG21 H N N 162 
ILE HG22 H N N 163 
ILE HG23 H N N 164 
ILE HD11 H N N 165 
ILE HD12 H N N 166 
ILE HD13 H N N 167 
ILE HXT  H N N 168 
LEU N    N N N 169 
LEU CA   C N S 170 
LEU C    C N N 171 
LEU O    O N N 172 
LEU CB   C N N 173 
LEU CG   C N N 174 
LEU CD1  C N N 175 
LEU CD2  C N N 176 
LEU OXT  O N N 177 
LEU H    H N N 178 
LEU H2   H N N 179 
LEU HA   H N N 180 
LEU HB2  H N N 181 
LEU HB3  H N N 182 
LEU HG   H N N 183 
LEU HD11 H N N 184 
LEU HD12 H N N 185 
LEU HD13 H N N 186 
LEU HD21 H N N 187 
LEU HD22 H N N 188 
LEU HD23 H N N 189 
LEU HXT  H N N 190 
LYS N    N N N 191 
LYS CA   C N S 192 
LYS C    C N N 193 
LYS O    O N N 194 
LYS CB   C N N 195 
LYS CG   C N N 196 
LYS CD   C N N 197 
LYS CE   C N N 198 
LYS NZ   N N N 199 
LYS OXT  O N N 200 
LYS H    H N N 201 
LYS H2   H N N 202 
LYS HA   H N N 203 
LYS HB2  H N N 204 
LYS HB3  H N N 205 
LYS HG2  H N N 206 
LYS HG3  H N N 207 
LYS HD2  H N N 208 
LYS HD3  H N N 209 
LYS HE2  H N N 210 
LYS HE3  H N N 211 
LYS HZ1  H N N 212 
LYS HZ2  H N N 213 
LYS HZ3  H N N 214 
LYS HXT  H N N 215 
MET N    N N N 216 
MET CA   C N S 217 
MET C    C N N 218 
MET O    O N N 219 
MET CB   C N N 220 
MET CG   C N N 221 
MET SD   S N N 222 
MET CE   C N N 223 
MET OXT  O N N 224 
MET H    H N N 225 
MET H2   H N N 226 
MET HA   H N N 227 
MET HB2  H N N 228 
MET HB3  H N N 229 
MET HG2  H N N 230 
MET HG3  H N N 231 
MET HE1  H N N 232 
MET HE2  H N N 233 
MET HE3  H N N 234 
MET HXT  H N N 235 
PHE N    N N N 236 
PHE CA   C N S 237 
PHE C    C N N 238 
PHE O    O N N 239 
PHE CB   C N N 240 
PHE CG   C Y N 241 
PHE CD1  C Y N 242 
PHE CD2  C Y N 243 
PHE CE1  C Y N 244 
PHE CE2  C Y N 245 
PHE CZ   C Y N 246 
PHE OXT  O N N 247 
PHE H    H N N 248 
PHE H2   H N N 249 
PHE HA   H N N 250 
PHE HB2  H N N 251 
PHE HB3  H N N 252 
PHE HD1  H N N 253 
PHE HD2  H N N 254 
PHE HE1  H N N 255 
PHE HE2  H N N 256 
PHE HZ   H N N 257 
PHE HXT  H N N 258 
PRO N    N N N 259 
PRO CA   C N S 260 
PRO C    C N N 261 
PRO O    O N N 262 
PRO CB   C N N 263 
PRO CG   C N N 264 
PRO CD   C N N 265 
PRO OXT  O N N 266 
PRO H    H N N 267 
PRO HA   H N N 268 
PRO HB2  H N N 269 
PRO HB3  H N N 270 
PRO HG2  H N N 271 
PRO HG3  H N N 272 
PRO HD2  H N N 273 
PRO HD3  H N N 274 
PRO HXT  H N N 275 
SER N    N N N 276 
SER CA   C N S 277 
SER C    C N N 278 
SER O    O N N 279 
SER CB   C N N 280 
SER OG   O N N 281 
SER OXT  O N N 282 
SER H    H N N 283 
SER H2   H N N 284 
SER HA   H N N 285 
SER HB2  H N N 286 
SER HB3  H N N 287 
SER HG   H N N 288 
SER HXT  H N N 289 
SO4 S    S N N 290 
SO4 O1   O N N 291 
SO4 O2   O N N 292 
SO4 O3   O N N 293 
SO4 O4   O N N 294 
THR N    N N N 295 
THR CA   C N S 296 
THR C    C N N 297 
THR O    O N N 298 
THR CB   C N R 299 
THR OG1  O N N 300 
THR CG2  C N N 301 
THR OXT  O N N 302 
THR H    H N N 303 
THR H2   H N N 304 
THR HA   H N N 305 
THR HB   H N N 306 
THR HG1  H N N 307 
THR HG21 H N N 308 
THR HG22 H N N 309 
THR HG23 H N N 310 
THR HXT  H N N 311 
TYR N    N N N 312 
TYR CA   C N S 313 
TYR C    C N N 314 
TYR O    O N N 315 
TYR CB   C N N 316 
TYR CG   C Y N 317 
TYR CD1  C Y N 318 
TYR CD2  C Y N 319 
TYR CE1  C Y N 320 
TYR CE2  C Y N 321 
TYR CZ   C Y N 322 
TYR OH   O N N 323 
TYR OXT  O N N 324 
TYR H    H N N 325 
TYR H2   H N N 326 
TYR HA   H N N 327 
TYR HB2  H N N 328 
TYR HB3  H N N 329 
TYR HD1  H N N 330 
TYR HD2  H N N 331 
TYR HE1  H N N 332 
TYR HE2  H N N 333 
TYR HH   H N N 334 
TYR HXT  H N N 335 
VAL N    N N N 336 
VAL CA   C N S 337 
VAL C    C N N 338 
VAL O    O N N 339 
VAL CB   C N N 340 
VAL CG1  C N N 341 
VAL CG2  C N N 342 
VAL OXT  O N N 343 
VAL H    H N N 344 
VAL H2   H N N 345 
VAL HA   H N N 346 
VAL HB   H N N 347 
VAL HG11 H N N 348 
VAL HG12 H N N 349 
VAL HG13 H N N 350 
VAL HG21 H N N 351 
VAL HG22 H N N 352 
VAL HG23 H N N 353 
VAL HXT  H N N 354 
# 
loop_
_chem_comp_bond.comp_id 
_chem_comp_bond.atom_id_1 
_chem_comp_bond.atom_id_2 
_chem_comp_bond.value_order 
_chem_comp_bond.pdbx_aromatic_flag 
_chem_comp_bond.pdbx_stereo_config 
_chem_comp_bond.pdbx_ordinal 
ALA N   CA   sing N N 1   
ALA N   H    sing N N 2   
ALA N   H2   sing N N 3   
ALA CA  C    sing N N 4   
ALA CA  CB   sing N N 5   
ALA CA  HA   sing N N 6   
ALA C   O    doub N N 7   
ALA C   OXT  sing N N 8   
ALA CB  HB1  sing N N 9   
ALA CB  HB2  sing N N 10  
ALA CB  HB3  sing N N 11  
ALA OXT HXT  sing N N 12  
ARG N   CA   sing N N 13  
ARG N   H    sing N N 14  
ARG N   H2   sing N N 15  
ARG CA  C    sing N N 16  
ARG CA  CB   sing N N 17  
ARG CA  HA   sing N N 18  
ARG C   O    doub N N 19  
ARG C   OXT  sing N N 20  
ARG CB  CG   sing N N 21  
ARG CB  HB2  sing N N 22  
ARG CB  HB3  sing N N 23  
ARG CG  CD   sing N N 24  
ARG CG  HG2  sing N N 25  
ARG CG  HG3  sing N N 26  
ARG CD  NE   sing N N 27  
ARG CD  HD2  sing N N 28  
ARG CD  HD3  sing N N 29  
ARG NE  CZ   sing N N 30  
ARG NE  HE   sing N N 31  
ARG CZ  NH1  sing N N 32  
ARG CZ  NH2  doub N N 33  
ARG NH1 HH11 sing N N 34  
ARG NH1 HH12 sing N N 35  
ARG NH2 HH21 sing N N 36  
ARG NH2 HH22 sing N N 37  
ARG OXT HXT  sing N N 38  
ASN N   CA   sing N N 39  
ASN N   H    sing N N 40  
ASN N   H2   sing N N 41  
ASN CA  C    sing N N 42  
ASN CA  CB   sing N N 43  
ASN CA  HA   sing N N 44  
ASN C   O    doub N N 45  
ASN C   OXT  sing N N 46  
ASN CB  CG   sing N N 47  
ASN CB  HB2  sing N N 48  
ASN CB  HB3  sing N N 49  
ASN CG  OD1  doub N N 50  
ASN CG  ND2  sing N N 51  
ASN ND2 HD21 sing N N 52  
ASN ND2 HD22 sing N N 53  
ASN OXT HXT  sing N N 54  
ASP N   CA   sing N N 55  
ASP N   H    sing N N 56  
ASP N   H2   sing N N 57  
ASP CA  C    sing N N 58  
ASP CA  CB   sing N N 59  
ASP CA  HA   sing N N 60  
ASP C   O    doub N N 61  
ASP C   OXT  sing N N 62  
ASP CB  CG   sing N N 63  
ASP CB  HB2  sing N N 64  
ASP CB  HB3  sing N N 65  
ASP CG  OD1  doub N N 66  
ASP CG  OD2  sing N N 67  
ASP OD2 HD2  sing N N 68  
ASP OXT HXT  sing N N 69  
GLN N   CA   sing N N 70  
GLN N   H    sing N N 71  
GLN N   H2   sing N N 72  
GLN CA  C    sing N N 73  
GLN CA  CB   sing N N 74  
GLN CA  HA   sing N N 75  
GLN C   O    doub N N 76  
GLN C   OXT  sing N N 77  
GLN CB  CG   sing N N 78  
GLN CB  HB2  sing N N 79  
GLN CB  HB3  sing N N 80  
GLN CG  CD   sing N N 81  
GLN CG  HG2  sing N N 82  
GLN CG  HG3  sing N N 83  
GLN CD  OE1  doub N N 84  
GLN CD  NE2  sing N N 85  
GLN NE2 HE21 sing N N 86  
GLN NE2 HE22 sing N N 87  
GLN OXT HXT  sing N N 88  
GLU N   CA   sing N N 89  
GLU N   H    sing N N 90  
GLU N   H2   sing N N 91  
GLU CA  C    sing N N 92  
GLU CA  CB   sing N N 93  
GLU CA  HA   sing N N 94  
GLU C   O    doub N N 95  
GLU C   OXT  sing N N 96  
GLU CB  CG   sing N N 97  
GLU CB  HB2  sing N N 98  
GLU CB  HB3  sing N N 99  
GLU CG  CD   sing N N 100 
GLU CG  HG2  sing N N 101 
GLU CG  HG3  sing N N 102 
GLU CD  OE1  doub N N 103 
GLU CD  OE2  sing N N 104 
GLU OE2 HE2  sing N N 105 
GLU OXT HXT  sing N N 106 
GLY N   CA   sing N N 107 
GLY N   H    sing N N 108 
GLY N   H2   sing N N 109 
GLY CA  C    sing N N 110 
GLY CA  HA2  sing N N 111 
GLY CA  HA3  sing N N 112 
GLY C   O    doub N N 113 
GLY C   OXT  sing N N 114 
GLY OXT HXT  sing N N 115 
HIS N   CA   sing N N 116 
HIS N   H    sing N N 117 
HIS N   H2   sing N N 118 
HIS CA  C    sing N N 119 
HIS CA  CB   sing N N 120 
HIS CA  HA   sing N N 121 
HIS C   O    doub N N 122 
HIS C   OXT  sing N N 123 
HIS CB  CG   sing N N 124 
HIS CB  HB2  sing N N 125 
HIS CB  HB3  sing N N 126 
HIS CG  ND1  sing Y N 127 
HIS CG  CD2  doub Y N 128 
HIS ND1 CE1  doub Y N 129 
HIS ND1 HD1  sing N N 130 
HIS CD2 NE2  sing Y N 131 
HIS CD2 HD2  sing N N 132 
HIS CE1 NE2  sing Y N 133 
HIS CE1 HE1  sing N N 134 
HIS NE2 HE2  sing N N 135 
HIS OXT HXT  sing N N 136 
HOH O   H1   sing N N 137 
HOH O   H2   sing N N 138 
ILE N   CA   sing N N 139 
ILE N   H    sing N N 140 
ILE N   H2   sing N N 141 
ILE CA  C    sing N N 142 
ILE CA  CB   sing N N 143 
ILE CA  HA   sing N N 144 
ILE C   O    doub N N 145 
ILE C   OXT  sing N N 146 
ILE CB  CG1  sing N N 147 
ILE CB  CG2  sing N N 148 
ILE CB  HB   sing N N 149 
ILE CG1 CD1  sing N N 150 
ILE CG1 HG12 sing N N 151 
ILE CG1 HG13 sing N N 152 
ILE CG2 HG21 sing N N 153 
ILE CG2 HG22 sing N N 154 
ILE CG2 HG23 sing N N 155 
ILE CD1 HD11 sing N N 156 
ILE CD1 HD12 sing N N 157 
ILE CD1 HD13 sing N N 158 
ILE OXT HXT  sing N N 159 
LEU N   CA   sing N N 160 
LEU N   H    sing N N 161 
LEU N   H2   sing N N 162 
LEU CA  C    sing N N 163 
LEU CA  CB   sing N N 164 
LEU CA  HA   sing N N 165 
LEU C   O    doub N N 166 
LEU C   OXT  sing N N 167 
LEU CB  CG   sing N N 168 
LEU CB  HB2  sing N N 169 
LEU CB  HB3  sing N N 170 
LEU CG  CD1  sing N N 171 
LEU CG  CD2  sing N N 172 
LEU CG  HG   sing N N 173 
LEU CD1 HD11 sing N N 174 
LEU CD1 HD12 sing N N 175 
LEU CD1 HD13 sing N N 176 
LEU CD2 HD21 sing N N 177 
LEU CD2 HD22 sing N N 178 
LEU CD2 HD23 sing N N 179 
LEU OXT HXT  sing N N 180 
LYS N   CA   sing N N 181 
LYS N   H    sing N N 182 
LYS N   H2   sing N N 183 
LYS CA  C    sing N N 184 
LYS CA  CB   sing N N 185 
LYS CA  HA   sing N N 186 
LYS C   O    doub N N 187 
LYS C   OXT  sing N N 188 
LYS CB  CG   sing N N 189 
LYS CB  HB2  sing N N 190 
LYS CB  HB3  sing N N 191 
LYS CG  CD   sing N N 192 
LYS CG  HG2  sing N N 193 
LYS CG  HG3  sing N N 194 
LYS CD  CE   sing N N 195 
LYS CD  HD2  sing N N 196 
LYS CD  HD3  sing N N 197 
LYS CE  NZ   sing N N 198 
LYS CE  HE2  sing N N 199 
LYS CE  HE3  sing N N 200 
LYS NZ  HZ1  sing N N 201 
LYS NZ  HZ2  sing N N 202 
LYS NZ  HZ3  sing N N 203 
LYS OXT HXT  sing N N 204 
MET N   CA   sing N N 205 
MET N   H    sing N N 206 
MET N   H2   sing N N 207 
MET CA  C    sing N N 208 
MET CA  CB   sing N N 209 
MET CA  HA   sing N N 210 
MET C   O    doub N N 211 
MET C   OXT  sing N N 212 
MET CB  CG   sing N N 213 
MET CB  HB2  sing N N 214 
MET CB  HB3  sing N N 215 
MET CG  SD   sing N N 216 
MET CG  HG2  sing N N 217 
MET CG  HG3  sing N N 218 
MET SD  CE   sing N N 219 
MET CE  HE1  sing N N 220 
MET CE  HE2  sing N N 221 
MET CE  HE3  sing N N 222 
MET OXT HXT  sing N N 223 
PHE N   CA   sing N N 224 
PHE N   H    sing N N 225 
PHE N   H2   sing N N 226 
PHE CA  C    sing N N 227 
PHE CA  CB   sing N N 228 
PHE CA  HA   sing N N 229 
PHE C   O    doub N N 230 
PHE C   OXT  sing N N 231 
PHE CB  CG   sing N N 232 
PHE CB  HB2  sing N N 233 
PHE CB  HB3  sing N N 234 
PHE CG  CD1  doub Y N 235 
PHE CG  CD2  sing Y N 236 
PHE CD1 CE1  sing Y N 237 
PHE CD1 HD1  sing N N 238 
PHE CD2 CE2  doub Y N 239 
PHE CD2 HD2  sing N N 240 
PHE CE1 CZ   doub Y N 241 
PHE CE1 HE1  sing N N 242 
PHE CE2 CZ   sing Y N 243 
PHE CE2 HE2  sing N N 244 
PHE CZ  HZ   sing N N 245 
PHE OXT HXT  sing N N 246 
PRO N   CA   sing N N 247 
PRO N   CD   sing N N 248 
PRO N   H    sing N N 249 
PRO CA  C    sing N N 250 
PRO CA  CB   sing N N 251 
PRO CA  HA   sing N N 252 
PRO C   O    doub N N 253 
PRO C   OXT  sing N N 254 
PRO CB  CG   sing N N 255 
PRO CB  HB2  sing N N 256 
PRO CB  HB3  sing N N 257 
PRO CG  CD   sing N N 258 
PRO CG  HG2  sing N N 259 
PRO CG  HG3  sing N N 260 
PRO CD  HD2  sing N N 261 
PRO CD  HD3  sing N N 262 
PRO OXT HXT  sing N N 263 
SER N   CA   sing N N 264 
SER N   H    sing N N 265 
SER N   H2   sing N N 266 
SER CA  C    sing N N 267 
SER CA  CB   sing N N 268 
SER CA  HA   sing N N 269 
SER C   O    doub N N 270 
SER C   OXT  sing N N 271 
SER CB  OG   sing N N 272 
SER CB  HB2  sing N N 273 
SER CB  HB3  sing N N 274 
SER OG  HG   sing N N 275 
SER OXT HXT  sing N N 276 
SO4 S   O1   doub N N 277 
SO4 S   O2   doub N N 278 
SO4 S   O3   sing N N 279 
SO4 S   O4   sing N N 280 
THR N   CA   sing N N 281 
THR N   H    sing N N 282 
THR N   H2   sing N N 283 
THR CA  C    sing N N 284 
THR CA  CB   sing N N 285 
THR CA  HA   sing N N 286 
THR C   O    doub N N 287 
THR C   OXT  sing N N 288 
THR CB  OG1  sing N N 289 
THR CB  CG2  sing N N 290 
THR CB  HB   sing N N 291 
THR OG1 HG1  sing N N 292 
THR CG2 HG21 sing N N 293 
THR CG2 HG22 sing N N 294 
THR CG2 HG23 sing N N 295 
THR OXT HXT  sing N N 296 
TYR N   CA   sing N N 297 
TYR N   H    sing N N 298 
TYR N   H2   sing N N 299 
TYR CA  C    sing N N 300 
TYR CA  CB   sing N N 301 
TYR CA  HA   sing N N 302 
TYR C   O    doub N N 303 
TYR C   OXT  sing N N 304 
TYR CB  CG   sing N N 305 
TYR CB  HB2  sing N N 306 
TYR CB  HB3  sing N N 307 
TYR CG  CD1  doub Y N 308 
TYR CG  CD2  sing Y N 309 
TYR CD1 CE1  sing Y N 310 
TYR CD1 HD1  sing N N 311 
TYR CD2 CE2  doub Y N 312 
TYR CD2 HD2  sing N N 313 
TYR CE1 CZ   doub Y N 314 
TYR CE1 HE1  sing N N 315 
TYR CE2 CZ   sing Y N 316 
TYR CE2 HE2  sing N N 317 
TYR CZ  OH   sing N N 318 
TYR OH  HH   sing N N 319 
TYR OXT HXT  sing N N 320 
VAL N   CA   sing N N 321 
VAL N   H    sing N N 322 
VAL N   H2   sing N N 323 
VAL CA  C    sing N N 324 
VAL CA  CB   sing N N 325 
VAL CA  HA   sing N N 326 
VAL C   O    doub N N 327 
VAL C   OXT  sing N N 328 
VAL CB  CG1  sing N N 329 
VAL CB  CG2  sing N N 330 
VAL CB  HB   sing N N 331 
VAL CG1 HG11 sing N N 332 
VAL CG1 HG12 sing N N 333 
VAL CG1 HG13 sing N N 334 
VAL CG2 HG21 sing N N 335 
VAL CG2 HG22 sing N N 336 
VAL CG2 HG23 sing N N 337 
VAL OXT HXT  sing N N 338 
# 
_pdbx_audit_support.funding_organization   'Malaysia Genome Institute' 
_pdbx_audit_support.country                Malaysia 
_pdbx_audit_support.grant_number           ? 
_pdbx_audit_support.ordinal                1 
# 
_atom_sites.entry_id                    4P15 
_atom_sites.fract_transf_matrix[1][1]   0.00404300 
_atom_sites.fract_transf_matrix[1][2]   -0.00202277 
_atom_sites.fract_transf_matrix[1][3]   -0.01287560 
_atom_sites.fract_transf_matrix[2][1]   -0.00486092 
_atom_sites.fract_transf_matrix[2][2]   -0.01059598 
_atom_sites.fract_transf_matrix[2][3]   -0.00709296 
_atom_sites.fract_transf_matrix[3][1]   -0.02354610 
_atom_sites.fract_transf_matrix[3][2]   0.01760218 
_atom_sites.fract_transf_matrix[3][3]   -0.01015890 
_atom_sites.fract_transf_vector[1]      -0.334419 
_atom_sites.fract_transf_vector[2]      0.034466 
_atom_sites.fract_transf_vector[3]      -0.005335 
# 
loop_
_atom_type.symbol 
C 
N 
O 
S 
# 
loop_
_atom_site.group_PDB 
_atom_site.id 
_atom_site.type_symbol 
_atom_site.label_atom_id 
_atom_site.label_alt_id 
_atom_site.label_comp_id 
_atom_site.label_asym_id 
_atom_site.label_entity_id 
_atom_site.label_seq_id 
_atom_site.pdbx_PDB_ins_code 
_atom_site.Cartn_x 
_atom_site.Cartn_y 
_atom_site.Cartn_z 
_atom_site.occupancy 
_atom_site.B_iso_or_equiv 
_atom_site.pdbx_formal_charge 
_atom_site.auth_seq_id 
_atom_site.auth_comp_id 
_atom_site.auth_asym_id 
_atom_site.auth_atom_id 
_atom_site.pdbx_PDB_model_num 
ATOM   1    N N   . GLY A 1 1   ? 1.601   8.860   -13.417 1.00 57.23 ? 4   GLY A N   1 
ATOM   2    C CA  . GLY A 1 1   ? 2.906   9.456   -13.642 1.00 59.11 ? 4   GLY A CA  1 
ATOM   3    C C   . GLY A 1 1   ? 3.940   8.445   -14.094 1.00 54.11 ? 4   GLY A C   1 
ATOM   4    O O   . GLY A 1 1   ? 3.697   7.670   -15.023 1.00 46.60 ? 4   GLY A O   1 
ATOM   5    N N   . ARG A 1 2   ? 5.099   8.450   -13.439 1.00 39.27 ? 5   ARG A N   1 
ATOM   6    C CA  . ARG A 1 2   ? 6.163   7.501   -13.763 1.00 35.31 ? 5   ARG A CA  1 
ATOM   7    C C   . ARG A 1 2   ? 6.451   6.580   -12.573 1.00 32.19 ? 5   ARG A C   1 
ATOM   8    O O   . ARG A 1 2   ? 6.711   7.049   -11.463 1.00 27.64 ? 5   ARG A O   1 
ATOM   9    C CB  . ARG A 1 2   ? 7.417   8.264   -14.185 1.00 41.80 ? 5   ARG A CB  1 
ATOM   10   C CG  . ARG A 1 2   ? 7.505   9.629   -13.535 1.00 52.39 ? 5   ARG A CG  1 
ATOM   11   C CD  . ARG A 1 2   ? 8.540   10.539  -14.186 1.00 55.09 ? 5   ARG A CD  1 
ATOM   12   N NE  . ARG A 1 2   ? 8.634   11.818  -13.480 1.00 61.80 ? 5   ARG A NE  1 
ATOM   13   C CZ  . ARG A 1 2   ? 7.746   12.804  -13.586 1.00 64.10 ? 5   ARG A CZ  1 
ATOM   14   N NH1 . ARG A 1 2   ? 6.682   12.669  -14.375 1.00 66.76 ? 5   ARG A NH1 1 
ATOM   15   N NH2 . ARG A 1 2   ? 7.918   13.929  -12.899 1.00 65.99 ? 5   ARG A NH2 1 
ATOM   16   N N   . PHE A 1 3   ? 6.395   5.272   -12.811 1.00 20.21 ? 6   PHE A N   1 
ATOM   17   C CA  . PHE A 1 3   ? 6.478   4.278   -11.745 1.00 20.60 ? 6   PHE A CA  1 
ATOM   18   C C   . PHE A 1 3   ? 7.714   3.403   -11.903 1.00 23.06 ? 6   PHE A C   1 
ATOM   19   O O   . PHE A 1 3   ? 8.018   2.942   -13.005 1.00 28.16 ? 6   PHE A O   1 
ATOM   20   C CB  . PHE A 1 3   ? 5.219   3.402   -11.771 1.00 21.88 ? 6   PHE A CB  1 
ATOM   21   C CG  . PHE A 1 3   ? 3.963   4.143   -11.418 1.00 22.65 ? 6   PHE A CG  1 
ATOM   22   C CD1 . PHE A 1 3   ? 3.546   4.232   -10.098 1.00 19.24 ? 6   PHE A CD1 1 
ATOM   23   C CD2 . PHE A 1 3   ? 3.203   4.760   -12.401 1.00 24.79 ? 6   PHE A CD2 1 
ATOM   24   C CE1 . PHE A 1 3   ? 2.387   4.928   -9.766  1.00 20.61 ? 6   PHE A CE1 1 
ATOM   25   C CE2 . PHE A 1 3   ? 2.044   5.447   -12.078 1.00 27.46 ? 6   PHE A CE2 1 
ATOM   26   C CZ  . PHE A 1 3   ? 1.639   5.539   -10.757 1.00 22.45 ? 6   PHE A CZ  1 
ATOM   27   N N   . SER A 1 4   ? 8.418   3.169   -10.800 1.00 19.84 ? 7   SER A N   1 
ATOM   28   C CA  . SER A 1 4   ? 9.553   2.264   -10.797 1.00 24.76 ? 7   SER A CA  1 
ATOM   29   C C   . SER A 1 4   ? 9.099   0.852   -11.128 1.00 27.92 ? 7   SER A C   1 
ATOM   30   O O   . SER A 1 4   ? 7.913   0.511   -10.985 1.00 24.34 ? 7   SER A O   1 
ATOM   31   C CB  . SER A 1 4   ? 10.215  2.245   -9.418  1.00 20.26 ? 7   SER A CB  1 
ATOM   32   O OG  . SER A 1 4   ? 9.426   1.522   -8.495  1.00 23.20 ? 7   SER A OG  1 
ATOM   33   N N   . GLU A 1 5   ? 10.049  0.027   -11.549 1.00 23.80 ? 8   GLU A N   1 
ATOM   34   C CA  . GLU A 1 5   ? 9.798   -1.391  -11.790 1.00 26.61 ? 8   GLU A CA  1 
ATOM   35   C C   . GLU A 1 5   ? 9.053   -2.056  -10.628 1.00 25.07 ? 8   GLU A C   1 
ATOM   36   O O   . GLU A 1 5   ? 8.068   -2.768  -10.837 1.00 23.24 ? 8   GLU A O   1 
ATOM   37   C CB  . GLU A 1 5   ? 11.132  -2.099  -12.041 1.00 38.24 ? 8   GLU A CB  1 
ATOM   38   C CG  . GLU A 1 5   ? 11.042  -3.607  -12.203 1.00 49.60 ? 8   GLU A CG  1 
ATOM   39   C CD  . GLU A 1 5   ? 12.399  -4.238  -12.479 1.00 66.30 ? 8   GLU A CD  1 
ATOM   40   O OE1 . GLU A 1 5   ? 13.339  -3.494  -12.849 1.00 72.00 ? 8   GLU A OE1 1 
ATOM   41   O OE2 . GLU A 1 5   ? 12.524  -5.473  -12.325 1.00 69.52 ? 8   GLU A OE2 1 
ATOM   42   N N   . ARG A 1 6   ? 9.512   -1.828  -9.398  1.00 24.43 ? 9   ARG A N   1 
ATOM   43   C CA  . ARG A 1 6   ? 8.853   -2.451  -8.249  1.00 23.95 ? 9   ARG A CA  1 
ATOM   44   C C   . ARG A 1 6   ? 7.449   -1.910  -7.993  1.00 18.44 ? 9   ARG A C   1 
ATOM   45   O O   . ARG A 1 6   ? 6.555   -2.670  -7.613  1.00 20.98 ? 9   ARG A O   1 
ATOM   46   C CB  . ARG A 1 6   ? 9.707   -2.363  -6.984  1.00 32.64 ? 9   ARG A CB  1 
ATOM   47   C CG  . ARG A 1 6   ? 10.848  -3.356  -6.965  1.00 40.91 ? 9   ARG A CG  1 
ATOM   48   C CD  . ARG A 1 6   ? 11.464  -3.475  -5.583  1.00 37.70 ? 9   ARG A CD  1 
ATOM   49   N NE  . ARG A 1 6   ? 12.638  -4.345  -5.601  1.00 45.58 ? 9   ARG A NE  1 
ATOM   50   C CZ  . ARG A 1 6   ? 13.884  -3.914  -5.438  1.00 42.47 ? 9   ARG A CZ  1 
ATOM   51   N NH1 . ARG A 1 6   ? 14.120  -2.627  -5.224  1.00 54.26 ? 9   ARG A NH1 1 
ATOM   52   N NH2 . ARG A 1 6   ? 14.893  -4.770  -5.472  1.00 56.44 ? 9   ARG A NH2 1 
ATOM   53   N N   . ALA A 1 7   ? 7.250   -0.613  -8.209  1.00 19.92 ? 10  ALA A N   1 
ATOM   54   C CA  . ALA A 1 7   ? 5.917   -0.017  -8.067  1.00 19.17 ? 10  ALA A CA  1 
ATOM   55   C C   . ALA A 1 7   ? 4.946   -0.680  -9.034  1.00 19.94 ? 10  ALA A C   1 
ATOM   56   O O   . ALA A 1 7   ? 3.808   -1.013  -8.687  1.00 19.83 ? 10  ALA A O   1 
ATOM   57   C CB  . ALA A 1 7   ? 5.971   1.478   -8.321  1.00 18.00 ? 10  ALA A CB  1 
ATOM   58   N N   . GLN A 1 8   ? 5.394   -0.855  -10.266 1.00 16.56 ? 11  GLN A N   1 
ATOM   59   C CA  . GLN A 1 8   ? 4.589   -1.564  -11.253 1.00 19.96 ? 11  GLN A CA  1 
ATOM   60   C C   . GLN A 1 8   ? 4.260   -2.985  -10.794 1.00 21.06 ? 11  GLN A C   1 
ATOM   61   O O   . GLN A 1 8   ? 3.152   -3.471  -11.039 1.00 19.62 ? 11  GLN A O   1 
ATOM   62   C CB  . GLN A 1 8   ? 5.308   -1.555  -12.612 1.00 21.36 ? 11  GLN A CB  1 
ATOM   63   C CG  . GLN A 1 8   ? 5.448   -0.153  -13.206 1.00 20.25 ? 11  GLN A CG  1 
ATOM   64   C CD  . GLN A 1 8   ? 6.410   -0.109  -14.394 1.00 25.58 ? 11  GLN A CD  1 
ATOM   65   O OE1 . GLN A 1 8   ? 7.275   -0.970  -14.537 1.00 24.04 ? 11  GLN A OE1 1 
ATOM   66   N NE2 . GLN A 1 8   ? 6.261   0.899   -15.239 1.00 24.57 ? 11  GLN A NE2 1 
ATOM   67   N N   . LYS A 1 9   ? 5.198   -3.654  -10.124 1.00 19.13 ? 12  LYS A N   1 
ATOM   68   C CA  . LYS A 1 9   ? 4.924   -5.000  -9.595  1.00 19.42 ? 12  LYS A CA  1 
ATOM   69   C C   . LYS A 1 9   ? 3.837   -4.954  -8.526  1.00 19.02 ? 12  LYS A C   1 
ATOM   70   O O   . LYS A 1 9   ? 2.956   -5.811  -8.483  1.00 22.04 ? 12  LYS A O   1 
ATOM   71   C CB  . LYS A 1 9   ? 6.190   -5.648  -9.017  1.00 25.17 ? 12  LYS A CB  1 
ATOM   72   C CG  . LYS A 1 9   ? 7.167   -6.134  -10.076 1.00 38.17 ? 12  LYS A CG  1 
ATOM   73   C CD  . LYS A 1 9   ? 8.334   -6.898  -9.456  1.00 42.03 ? 12  LYS A CD  1 
ATOM   74   C CE  . LYS A 1 9   ? 9.169   -7.590  -10.533 1.00 50.56 ? 12  LYS A CE  1 
ATOM   75   N NZ  . LYS A 1 9   ? 9.660   -6.656  -11.590 1.00 47.62 ? 12  LYS A NZ  1 
ATOM   76   N N   . VAL A 1 10  ? 3.917   -3.947  -7.656  1.00 18.45 ? 13  VAL A N   1 
ATOM   77   C CA  . VAL A 1 10  ? 2.859   -3.706  -6.681  1.00 20.30 ? 13  VAL A CA  1 
ATOM   78   C C   . VAL A 1 10  ? 1.495   -3.505  -7.336  1.00 20.13 ? 13  VAL A C   1 
ATOM   79   O O   . VAL A 1 10  ? 0.494   -4.061  -6.876  1.00 19.54 ? 13  VAL A O   1 
ATOM   80   C CB  . VAL A 1 10  ? 3.184   -2.508  -5.763  1.00 20.36 ? 13  VAL A CB  1 
ATOM   81   C CG1 . VAL A 1 10  ? 1.970   -2.168  -4.869  1.00 20.29 ? 13  VAL A CG1 1 
ATOM   82   C CG2 . VAL A 1 10  ? 4.401   -2.843  -4.899  1.00 20.38 ? 13  VAL A CG2 1 
ATOM   83   N N   . LEU A 1 11  ? 1.443   -2.724  -8.413  1.00 18.71 ? 14  LEU A N   1 
ATOM   84   C CA  . LEU A 1 11  ? 0.157   -2.460  -9.062  1.00 17.16 ? 14  LEU A CA  1 
ATOM   85   C C   . LEU A 1 11  ? -0.428  -3.753  -9.639  1.00 18.10 ? 14  LEU A C   1 
ATOM   86   O O   . LEU A 1 11  ? -1.637  -3.998  -9.549  1.00 18.28 ? 14  LEU A O   1 
ATOM   87   C CB  . LEU A 1 11  ? 0.305   -1.387  -10.152 1.00 21.56 ? 14  LEU A CB  1 
ATOM   88   C CG  . LEU A 1 11  ? 0.702   0.009   -9.645  1.00 19.17 ? 14  LEU A CG  1 
ATOM   89   C CD1 . LEU A 1 11  ? 0.878   0.988   -10.798 1.00 21.28 ? 14  LEU A CD1 1 
ATOM   90   C CD2 . LEU A 1 11  ? -0.347  0.514   -8.670  1.00 22.25 ? 14  LEU A CD2 1 
ATOM   91   N N   . ALA A 1 12  ? 0.435   -4.585  -10.219 1.00 18.04 ? 15  ALA A N   1 
ATOM   92   C CA  . ALA A 1 12  ? 0.011   -5.895  -10.733 1.00 17.01 ? 15  ALA A CA  1 
ATOM   93   C C   . ALA A 1 12  ? -0.516  -6.781  -9.606  1.00 21.67 ? 15  ALA A C   1 
ATOM   94   O O   . ALA A 1 12  ? -1.573  -7.407  -9.734  1.00 20.08 ? 15  ALA A O   1 
ATOM   95   C CB  . ALA A 1 12  ? 1.162   -6.582  -11.432 1.00 21.31 ? 15  ALA A CB  1 
ATOM   96   N N   . LEU A 1 13  ? 0.237   -6.850  -8.509  1.00 20.54 ? 16  LEU A N   1 
ATOM   97   C CA  . LEU A 1 13  ? -0.159  -7.673  -7.369  1.00 20.77 ? 16  LEU A CA  1 
ATOM   98   C C   . LEU A 1 13  ? -1.452  -7.180  -6.741  1.00 22.04 ? 16  LEU A C   1 
ATOM   99   O O   . LEU A 1 13  ? -2.276  -7.981  -6.293  1.00 25.01 ? 16  LEU A O   1 
ATOM   100  C CB  . LEU A 1 13  ? 0.961   -7.742  -6.332  1.00 18.62 ? 16  LEU A CB  1 
ATOM   101  C CG  . LEU A 1 13  ? 2.176   -8.555  -6.787  1.00 25.71 ? 16  LEU A CG  1 
ATOM   102  C CD1 . LEU A 1 13  ? 3.349   -8.340  -5.856  1.00 28.93 ? 16  LEU A CD1 1 
ATOM   103  C CD2 . LEU A 1 13  ? 1.818   -10.030 -6.855  1.00 32.81 ? 16  LEU A CD2 1 
ATOM   104  N N   . SER A 1 14  ? -1.627  -5.861  -6.693  1.00 20.97 ? 17  SER A N   1 
ATOM   105  C CA  . SER A 1 14  ? -2.856  -5.287  -6.162  1.00 19.96 ? 17  SER A CA  1 
ATOM   106  C C   . SER A 1 14  ? -4.048  -5.760  -6.982  1.00 23.42 ? 17  SER A C   1 
ATOM   107  O O   . SER A 1 14  ? -5.082  -6.138  -6.435  1.00 20.94 ? 17  SER A O   1 
ATOM   108  C CB  . SER A 1 14  ? -2.783  -3.760  -6.171  1.00 21.86 ? 17  SER A CB  1 
ATOM   109  O OG  . SER A 1 14  ? -1.653  -3.326  -5.440  1.00 24.70 ? 17  SER A OG  1 
ATOM   110  N N   . GLN A 1 15  ? -3.909  -5.742  -8.302  1.00 20.79 ? 18  GLN A N   1 
ATOM   111  C CA  . GLN A 1 15  ? -5.026  -6.142  -9.147  1.00 21.30 ? 18  GLN A CA  1 
ATOM   112  C C   . GLN A 1 15  ? -5.338  -7.625  -8.969  1.00 24.65 ? 18  GLN A C   1 
ATOM   113  O O   . GLN A 1 15  ? -6.510  -8.027  -8.926  1.00 25.16 ? 18  GLN A O   1 
ATOM   114  C CB  . GLN A 1 15  ? -4.730  -5.823  -10.612 1.00 24.21 ? 18  GLN A CB  1 
ATOM   115  C CG  . GLN A 1 15  ? -5.935  -6.006  -11.495 1.00 22.90 ? 18  GLN A CG  1 
ATOM   116  C CD  . GLN A 1 15  ? -5.671  -5.612  -12.931 1.00 24.78 ? 18  GLN A CD  1 
ATOM   117  O OE1 . GLN A 1 15  ? -4.959  -4.636  -13.210 1.00 29.86 ? 18  GLN A OE1 1 
ATOM   118  N NE2 . GLN A 1 15  ? -6.237  -6.374  -13.851 1.00 23.43 ? 18  GLN A NE2 1 
ATOM   119  N N   . GLU A 1 16  ? -4.286  -8.430  -8.849  1.00 21.76 ? 19  GLU A N   1 
ATOM   120  C CA  . GLU A 1 16  ? -4.432  -9.878  -8.641  1.00 24.03 ? 19  GLU A CA  1 
ATOM   121  C C   . GLU A 1 16  ? -5.154  -10.197 -7.325  1.00 34.66 ? 19  GLU A C   1 
ATOM   122  O O   . GLU A 1 16  ? -6.005  -11.098 -7.262  1.00 28.31 ? 19  GLU A O   1 
ATOM   123  C CB  . GLU A 1 16  ? -3.051  -10.549 -8.677  1.00 24.94 ? 19  GLU A CB  1 
ATOM   124  C CG  . GLU A 1 16  ? -3.051  -12.040 -8.311  1.00 33.62 ? 19  GLU A CG  1 
ATOM   125  C CD  . GLU A 1 16  ? -1.664  -12.670 -8.407  1.00 49.05 ? 19  GLU A CD  1 
ATOM   126  O OE1 . GLU A 1 16  ? -0.673  -12.020 -8.000  1.00 50.65 ? 19  GLU A OE1 1 
ATOM   127  O OE2 . GLU A 1 16  ? -1.563  -13.817 -8.898  1.00 58.96 ? 19  GLU A OE2 1 
ATOM   128  N N   . GLU A 1 17  ? -4.817  -9.449  -6.278  1.00 27.47 ? 20  GLU A N   1 
ATOM   129  C CA  . GLU A 1 17  ? -5.442  -9.623  -4.968  1.00 26.96 ? 20  GLU A CA  1 
ATOM   130  C C   . GLU A 1 17  ? -6.921  -9.287  -5.022  1.00 31.19 ? 20  GLU A C   1 
ATOM   131  O O   . GLU A 1 17  ? -7.740  -9.984  -4.428  1.00 33.74 ? 20  GLU A O   1 
ATOM   132  C CB  . GLU A 1 17  ? -4.751  -8.753  -3.914  1.00 27.28 ? 20  GLU A CB  1 
ATOM   133  C CG  . GLU A 1 17  ? -3.394  -9.273  -3.473  1.00 29.71 ? 20  GLU A CG  1 
ATOM   134  C CD  . GLU A 1 17  ? -3.487  -10.627 -2.807  1.00 47.18 ? 20  GLU A CD  1 
ATOM   135  O OE1 . GLU A 1 17  ? -4.223  -10.745 -1.807  1.00 46.74 ? 20  GLU A OE1 1 
ATOM   136  O OE2 . GLU A 1 17  ? -2.840  -11.579 -3.296  1.00 60.72 ? 20  GLU A OE2 1 
ATOM   137  N N   . ALA A 1 18  ? -7.261  -8.226  -5.746  1.00 30.18 ? 21  ALA A N   1 
ATOM   138  C CA  . ALA A 1 18  ? -8.658  -7.820  -5.896  1.00 29.27 ? 21  ALA A CA  1 
ATOM   139  C C   . ALA A 1 18  ? -9.478  -8.915  -6.566  1.00 36.36 ? 21  ALA A C   1 
ATOM   140  O O   . ALA A 1 18  ? -10.627 -9.163  -6.196  1.00 39.17 ? 21  ALA A O   1 
ATOM   141  C CB  . ALA A 1 18  ? -8.752  -6.530  -6.693  1.00 32.37 ? 21  ALA A CB  1 
ATOM   142  N N   . ILE A 1 19  ? -8.878  -9.557  -7.562  1.00 35.12 ? 22  ILE A N   1 
ATOM   143  C CA  . ILE A 1 19  ? -9.499  -10.688 -8.243  1.00 40.07 ? 22  ILE A CA  1 
ATOM   144  C C   . ILE A 1 19  ? -9.610  -11.903 -7.315  1.00 41.01 ? 22  ILE A C   1 
ATOM   145  O O   . ILE A 1 19  ? -10.677 -12.515 -7.205  1.00 43.30 ? 22  ILE A O   1 
ATOM   146  C CB  . ILE A 1 19  ? -8.702  -11.072 -9.499  1.00 35.68 ? 22  ILE A CB  1 
ATOM   147  C CG1 . ILE A 1 19  ? -8.782  -9.949  -10.542 1.00 31.37 ? 22  ILE A CG1 1 
ATOM   148  C CG2 . ILE A 1 19  ? -9.227  -12.366 -10.078 1.00 48.39 ? 22  ILE A CG2 1 
ATOM   149  C CD1 . ILE A 1 19  ? -7.694  -10.016 -11.598 1.00 34.28 ? 22  ILE A CD1 1 
ATOM   150  N N   . ARG A 1 20  ? -8.505  -12.248 -6.653  1.00 40.50 ? 23  ARG A N   1 
ATOM   151  C CA  . ARG A 1 20  ? -8.472  -13.372 -5.716  1.00 36.62 ? 23  ARG A CA  1 
ATOM   152  C C   . ARG A 1 20  ? -9.571  -13.299 -4.655  1.00 51.47 ? 23  ARG A C   1 
ATOM   153  O O   . ARG A 1 20  ? -10.169 -14.314 -4.303  1.00 54.14 ? 23  ARG A O   1 
ATOM   154  C CB  . ARG A 1 20  ? -7.106  -13.455 -5.030  1.00 45.73 ? 23  ARG A CB  1 
ATOM   155  C CG  . ARG A 1 20  ? -6.164  -14.512 -5.605  1.00 59.71 ? 23  ARG A CG  1 
ATOM   156  C CD  . ARG A 1 20  ? -4.925  -14.654 -4.724  1.00 63.39 ? 23  ARG A CD  1 
ATOM   157  N NE  . ARG A 1 20  ? -5.285  -14.950 -3.339  1.00 68.93 ? 23  ARG A NE  1 
ATOM   158  C CZ  . ARG A 1 20  ? -4.493  -14.736 -2.292  1.00 67.39 ? 23  ARG A CZ  1 
ATOM   159  N NH1 . ARG A 1 20  ? -3.287  -14.213 -2.460  1.00 64.56 ? 23  ARG A NH1 1 
ATOM   160  N NH2 . ARG A 1 20  ? -4.911  -15.042 -1.071  1.00 64.05 ? 23  ARG A NH2 1 
ATOM   161  N N   . LEU A 1 21  ? -9.835  -12.095 -4.154  1.00 44.04 ? 24  LEU A N   1 
ATOM   162  C CA  . LEU A 1 21  ? -10.830 -11.901 -3.102  1.00 52.18 ? 24  LEU A CA  1 
ATOM   163  C C   . LEU A 1 21  ? -12.201 -11.527 -3.668  1.00 47.62 ? 24  LEU A C   1 
ATOM   164  O O   . LEU A 1 21  ? -13.026 -10.931 -2.969  1.00 51.59 ? 24  LEU A O   1 
ATOM   165  C CB  . LEU A 1 21  ? -10.350 -10.845 -2.102  1.00 44.44 ? 24  LEU A CB  1 
ATOM   166  C CG  . LEU A 1 21  ? -8.911  -11.037 -1.613  1.00 54.82 ? 24  LEU A CG  1 
ATOM   167  C CD1 . LEU A 1 21  ? -8.520  -10.000 -0.553  1.00 44.40 ? 24  LEU A CD1 1 
ATOM   168  C CD2 . LEU A 1 21  ? -8.698  -12.460 -1.101  1.00 57.08 ? 24  LEU A CD2 1 
ATOM   169  N N   . SER A 1 22  ? -12.418 -11.865 -4.940  1.00 44.39 ? 25  SER A N   1 
ATOM   170  C CA  . SER A 1 22  ? -13.718 -11.722 -5.607  1.00 52.28 ? 25  SER A CA  1 
ATOM   171  C C   . SER A 1 22  ? -14.258 -10.294 -5.712  1.00 54.53 ? 25  SER A C   1 
ATOM   172  O O   . SER A 1 22  ? -15.465 -10.074 -5.583  1.00 45.25 ? 25  SER A O   1 
ATOM   173  C CB  . SER A 1 22  ? -14.761 -12.616 -4.931  1.00 50.14 ? 25  SER A CB  1 
ATOM   174  O OG  . SER A 1 22  ? -14.319 -13.959 -4.897  1.00 46.68 ? 25  SER A OG  1 
ATOM   175  N N   . HIS A 1 23  ? -13.376 -9.328  -5.956  1.00 48.57 ? 26  HIS A N   1 
ATOM   176  C CA  . HIS A 1 23  ? -13.811 -7.940  -6.070  1.00 50.40 ? 26  HIS A CA  1 
ATOM   177  C C   . HIS A 1 23  ? -13.585 -7.373  -7.458  1.00 50.52 ? 26  HIS A C   1 
ATOM   178  O O   . HIS A 1 23  ? -12.502 -7.512  -8.033  1.00 49.57 ? 26  HIS A O   1 
ATOM   179  C CB  . HIS A 1 23  ? -13.132 -7.059  -5.016  1.00 44.84 ? 26  HIS A CB  1 
ATOM   180  C CG  . HIS A 1 23  ? -13.442 -7.473  -3.615  1.00 53.94 ? 26  HIS A CG  1 
ATOM   181  N ND1 . HIS A 1 23  ? -14.731 -7.681  -3.172  1.00 61.10 ? 26  HIS A ND1 1 
ATOM   182  C CD2 . HIS A 1 23  ? -12.632 -7.748  -2.565  1.00 55.31 ? 26  HIS A CD2 1 
ATOM   183  C CE1 . HIS A 1 23  ? -14.704 -8.056  -1.907  1.00 61.91 ? 26  HIS A CE1 1 
ATOM   184  N NE2 . HIS A 1 23  ? -13.443 -8.106  -1.515  1.00 60.50 ? 26  HIS A NE2 1 
ATOM   185  N N   . HIS A 1 24  ? -14.622 -6.729  -7.984  1.00 54.24 ? 27  HIS A N   1 
ATOM   186  C CA  . HIS A 1 24  ? -14.524 -6.005  -9.240  1.00 50.36 ? 27  HIS A CA  1 
ATOM   187  C C   . HIS A 1 24  ? -13.645 -4.777  -9.047  1.00 46.63 ? 27  HIS A C   1 
ATOM   188  O O   . HIS A 1 24  ? -13.029 -4.287  -9.987  1.00 50.42 ? 27  HIS A O   1 
ATOM   189  C CB  . HIS A 1 24  ? -15.916 -5.572  -9.710  1.00 53.08 ? 27  HIS A CB  1 
ATOM   190  C CG  . HIS A 1 24  ? -16.875 -6.709  -9.894  1.00 76.60 ? 27  HIS A CG  1 
ATOM   191  N ND1 . HIS A 1 24  ? -16.466 -7.997  -10.175 1.00 76.13 ? 27  HIS A ND1 1 
ATOM   192  C CD2 . HIS A 1 24  ? -18.228 -6.752  -9.836  1.00 77.90 ? 27  HIS A CD2 1 
ATOM   193  C CE1 . HIS A 1 24  ? -17.523 -8.780  -10.282 1.00 75.84 ? 27  HIS A CE1 1 
ATOM   194  N NE2 . HIS A 1 24  ? -18.605 -8.050  -10.081 1.00 76.19 ? 27  HIS A NE2 1 
ATOM   195  N N   . ASN A 1 25  ? -13.584 -4.269  -7.823  1.00 39.66 ? 28  ASN A N   1 
ATOM   196  C CA  . ASN A 1 25  ? -12.883 -3.017  -7.594  1.00 34.12 ? 28  ASN A CA  1 
ATOM   197  C C   . ASN A 1 25  ? -11.583 -3.192  -6.822  1.00 29.12 ? 28  ASN A C   1 
ATOM   198  O O   . ASN A 1 25  ? -11.567 -3.803  -5.754  1.00 27.12 ? 28  ASN A O   1 
ATOM   199  C CB  . ASN A 1 25  ? -13.812 -2.032  -6.881  1.00 41.68 ? 28  ASN A CB  1 
ATOM   200  C CG  . ASN A 1 25  ? -15.023 -1.686  -7.714  1.00 51.85 ? 28  ASN A CG  1 
ATOM   201  O OD1 . ASN A 1 25  ? -14.901 -1.377  -8.902  1.00 46.84 ? 28  ASN A OD1 1 
ATOM   202  N ND2 . ASN A 1 25  ? -16.205 -1.761  -7.104  1.00 46.26 ? 28  ASN A ND2 1 
ATOM   203  N N   . ILE A 1 26  ? -10.500 -2.647  -7.373  1.00 25.43 ? 29  ILE A N   1 
ATOM   204  C CA  . ILE A 1 26  ? -9.205  -2.644  -6.706  1.00 24.42 ? 29  ILE A CA  1 
ATOM   205  C C   . ILE A 1 26  ? -9.213  -1.494  -5.687  1.00 24.70 ? 29  ILE A C   1 
ATOM   206  O O   . ILE A 1 26  ? -9.098  -0.328  -6.069  1.00 18.62 ? 29  ILE A O   1 
ATOM   207  C CB  . ILE A 1 26  ? -8.060  -2.421  -7.725  1.00 21.86 ? 29  ILE A CB  1 
ATOM   208  C CG1 . ILE A 1 26  ? -8.206  -3.369  -8.921  1.00 23.13 ? 29  ILE A CG1 1 
ATOM   209  C CG2 . ILE A 1 26  ? -6.682  -2.604  -7.060  1.00 21.23 ? 29  ILE A CG2 1 
ATOM   210  C CD1 . ILE A 1 26  ? -7.390  -2.946  -10.109 1.00 21.07 ? 29  ILE A CD1 1 
ATOM   211  N N   . GLY A 1 27  ? -9.364  -1.814  -4.404  1.00 20.52 ? 30  GLY A N   1 
ATOM   212  C CA  . GLY A 1 27  ? -9.432  -0.788  -3.368  1.00 21.58 ? 30  GLY A CA  1 
ATOM   213  C C   . GLY A 1 27  ? -8.128  -0.582  -2.620  1.00 22.21 ? 30  GLY A C   1 
ATOM   214  O O   . GLY A 1 27  ? -7.126  -1.245  -2.900  1.00 21.07 ? 30  GLY A O   1 
ATOM   215  N N   . THR A 1 28  ? -8.126  0.340   -1.664  1.00 20.88 ? 31  THR A N   1 
ATOM   216  C CA  . THR A 1 28  ? -6.917  0.586   -0.880  1.00 21.19 ? 31  THR A CA  1 
ATOM   217  C C   . THR A 1 28  ? -6.381  -0.676  -0.193  1.00 17.68 ? 31  THR A C   1 
ATOM   218  O O   . THR A 1 28  ? -5.169  -0.864  -0.100  1.00 20.53 ? 31  THR A O   1 
ATOM   219  C CB  . THR A 1 28  ? -7.091  1.746   0.143   1.00 20.90 ? 31  THR A CB  1 
ATOM   220  O OG1 . THR A 1 28  ? -8.164  1.445   1.042   1.00 20.28 ? 31  THR A OG1 1 
ATOM   221  C CG2 . THR A 1 28  ? -7.394  3.053   -0.581  1.00 24.43 ? 31  THR A CG2 1 
ATOM   222  N N   . GLU A 1 29  ? -7.274  -1.548  0.271   1.00 16.56 ? 32  GLU A N   1 
ATOM   223  C CA  . GLU A 1 29  ? -6.836  -2.766  0.953   1.00 19.52 ? 32  GLU A CA  1 
ATOM   224  C C   . GLU A 1 29  ? -6.094  -3.699  -0.002  1.00 17.87 ? 32  GLU A C   1 
ATOM   225  O O   . GLU A 1 29  ? -5.221  -4.469  0.408   1.00 20.05 ? 32  GLU A O   1 
ATOM   226  C CB  . GLU A 1 29  ? -8.025  -3.488  1.604   1.00 20.41 ? 32  GLU A CB  1 
ATOM   227  C CG  . GLU A 1 29  ? -8.969  -4.203  0.626   1.00 27.10 ? 32  GLU A CG  1 
ATOM   228  C CD  . GLU A 1 29  ? -10.079 -3.310  0.080   1.00 29.03 ? 32  GLU A CD  1 
ATOM   229  O OE1 . GLU A 1 29  ? -9.860  -2.096  -0.105  1.00 28.16 ? 32  GLU A OE1 1 
ATOM   230  O OE2 . GLU A 1 29  ? -11.187 -3.835  -0.172  1.00 32.57 ? 32  GLU A OE2 1 
ATOM   231  N N   . HIS A 1 30  ? -6.426  -3.625  -1.286  1.00 19.31 ? 33  HIS A N   1 
ATOM   232  C CA  . HIS A 1 30  ? -5.748  -4.461  -2.271  1.00 21.85 ? 33  HIS A CA  1 
ATOM   233  C C   . HIS A 1 30  ? -4.373  -3.895  -2.605  1.00 19.69 ? 33  HIS A C   1 
ATOM   234  O O   . HIS A 1 30  ? -3.423  -4.657  -2.838  1.00 18.26 ? 33  HIS A O   1 
ATOM   235  C CB  . HIS A 1 30  ? -6.625  -4.648  -3.507  1.00 21.63 ? 33  HIS A CB  1 
ATOM   236  C CG  . HIS A 1 30  ? -7.968  -5.219  -3.183  1.00 23.34 ? 33  HIS A CG  1 
ATOM   237  N ND1 . HIS A 1 30  ? -9.147  -4.602  -3.531  1.00 23.74 ? 33  HIS A ND1 1 
ATOM   238  C CD2 . HIS A 1 30  ? -8.313  -6.340  -2.501  1.00 30.38 ? 33  HIS A CD2 1 
ATOM   239  C CE1 . HIS A 1 30  ? -10.166 -5.325  -3.096  1.00 36.13 ? 33  HIS A CE1 1 
ATOM   240  N NE2 . HIS A 1 30  ? -9.686  -6.379  -2.458  1.00 29.44 ? 33  HIS A NE2 1 
ATOM   241  N N   . ILE A 1 31  ? -4.267  -2.566  -2.610  1.00 17.93 ? 34  ILE A N   1 
ATOM   242  C CA  . ILE A 1 31  ? -2.956  -1.916  -2.702  1.00 16.46 ? 34  ILE A CA  1 
ATOM   243  C C   . ILE A 1 31  ? -2.088  -2.312  -1.499  1.00 19.04 ? 34  ILE A C   1 
ATOM   244  O O   . ILE A 1 31  ? -0.920  -2.635  -1.660  1.00 16.30 ? 34  ILE A O   1 
ATOM   245  C CB  . ILE A 1 31  ? -3.095  -0.383  -2.834  1.00 18.10 ? 34  ILE A CB  1 
ATOM   246  C CG1 . ILE A 1 31  ? -3.829  -0.049  -4.142  1.00 16.05 ? 34  ILE A CG1 1 
ATOM   247  C CG2 . ILE A 1 31  ? -1.722  0.307   -2.796  1.00 19.15 ? 34  ILE A CG2 1 
ATOM   248  C CD1 . ILE A 1 31  ? -4.110  1.415   -4.349  1.00 21.66 ? 34  ILE A CD1 1 
ATOM   249  N N   . LEU A 1 32  ? -2.663  -2.320  -0.290  1.00 21.00 ? 35  LEU A N   1 
ATOM   250  C CA  . LEU A 1 32  ? -1.903  -2.725  0.906   1.00 19.45 ? 35  LEU A CA  1 
ATOM   251  C C   . LEU A 1 32  ? -1.319  -4.133  0.756   1.00 19.00 ? 35  LEU A C   1 
ATOM   252  O O   . LEU A 1 32  ? -0.119  -4.359  0.992   1.00 19.62 ? 35  LEU A O   1 
ATOM   253  C CB  . LEU A 1 32  ? -2.789  -2.654  2.166   1.00 15.48 ? 35  LEU A CB  1 
ATOM   254  C CG  . LEU A 1 32  ? -2.085  -2.980  3.497   1.00 16.20 ? 35  LEU A CG  1 
ATOM   255  C CD1 . LEU A 1 32  ? -0.904  -2.062  3.710   1.00 20.20 ? 35  LEU A CD1 1 
ATOM   256  C CD2 . LEU A 1 32  ? -3.070  -2.865  4.681   1.00 21.26 ? 35  LEU A CD2 1 
ATOM   257  N N   . LEU A 1 33  ? -2.171  -5.073  0.371   1.00 18.05 ? 36  LEU A N   1 
ATOM   258  C CA  . LEU A 1 33  ? -1.747  -6.450  0.125   1.00 20.03 ? 36  LEU A CA  1 
ATOM   259  C C   . LEU A 1 33  ? -0.691  -6.514  -0.971  1.00 20.56 ? 36  LEU A C   1 
ATOM   260  O O   . LEU A 1 33  ? 0.274   -7.278  -0.871  1.00 21.15 ? 36  LEU A O   1 
ATOM   261  C CB  . LEU A 1 33  ? -2.952  -7.309  -0.252  1.00 20.96 ? 36  LEU A CB  1 
ATOM   262  C CG  . LEU A 1 33  ? -3.956  -7.468  0.893   1.00 24.63 ? 36  LEU A CG  1 
ATOM   263  C CD1 . LEU A 1 33  ? -5.184  -8.239  0.462   1.00 24.45 ? 36  LEU A CD1 1 
ATOM   264  C CD2 . LEU A 1 33  ? -3.282  -8.136  2.088   1.00 28.56 ? 36  LEU A CD2 1 
ATOM   265  N N   . GLY A 1 34  ? -0.866  -5.710  -2.015  1.00 19.43 ? 37  GLY A N   1 
ATOM   266  C CA  . GLY A 1 34  ? 0.106   -5.694  -3.097  1.00 18.84 ? 37  GLY A CA  1 
ATOM   267  C C   . GLY A 1 34  ? 1.476   -5.255  -2.587  1.00 22.68 ? 37  GLY A C   1 
ATOM   268  O O   . GLY A 1 34  ? 2.510   -5.773  -3.017  1.00 21.20 ? 37  GLY A O   1 
ATOM   269  N N   . LEU A 1 35  ? 1.483   -4.316  -1.649  1.00 17.07 ? 38  LEU A N   1 
ATOM   270  C CA  . LEU A 1 35  ? 2.737   -3.787  -1.106  1.00 19.19 ? 38  LEU A CA  1 
ATOM   271  C C   . LEU A 1 35  ? 3.511   -4.822  -0.296  1.00 22.26 ? 38  LEU A C   1 
ATOM   272  O O   . LEU A 1 35  ? 4.728   -4.940  -0.432  1.00 23.06 ? 38  LEU A O   1 
ATOM   273  C CB  . LEU A 1 35  ? 2.483   -2.531  -0.251  1.00 16.93 ? 38  LEU A CB  1 
ATOM   274  C CG  . LEU A 1 35  ? 2.153   -1.235  -0.999  1.00 18.12 ? 38  LEU A CG  1 
ATOM   275  C CD1 . LEU A 1 35  ? 1.555   -0.195  -0.038  1.00 19.98 ? 38  LEU A CD1 1 
ATOM   276  C CD2 . LEU A 1 35  ? 3.389   -0.653  -1.714  1.00 17.59 ? 38  LEU A CD2 1 
ATOM   277  N N   . ILE A 1 36  ? 2.818   -5.574  0.549   1.00 23.66 ? 39  ILE A N   1 
ATOM   278  C CA  . ILE A 1 36  ? 3.530   -6.548  1.364   1.00 24.00 ? 39  ILE A CA  1 
ATOM   279  C C   . ILE A 1 36  ? 3.895   -7.786  0.548   1.00 24.13 ? 39  ILE A C   1 
ATOM   280  O O   . ILE A 1 36  ? 4.974   -8.362  0.738   1.00 24.96 ? 39  ILE A O   1 
ATOM   281  C CB  . ILE A 1 36  ? 2.776   -6.903  2.677   1.00 21.72 ? 39  ILE A CB  1 
ATOM   282  C CG1 . ILE A 1 36  ? 3.696   -7.704  3.608   1.00 23.98 ? 39  ILE A CG1 1 
ATOM   283  C CG2 . ILE A 1 36  ? 1.472   -7.661  2.387   1.00 20.60 ? 39  ILE A CG2 1 
ATOM   284  C CD1 . ILE A 1 36  ? 3.279   -7.660  5.073   1.00 35.82 ? 39  ILE A CD1 1 
ATOM   285  N N   . ARG A 1 37  ? 3.012   -8.176  -0.368  1.00 26.46 ? 40  ARG A N   1 
ATOM   286  C CA  . ARG A 1 37  ? 3.281   -9.320  -1.242  1.00 26.20 ? 40  ARG A CA  1 
ATOM   287  C C   . ARG A 1 37  ? 4.471   -9.115  -2.166  1.00 30.37 ? 40  ARG A C   1 
ATOM   288  O O   . ARG A 1 37  ? 5.122   -10.080 -2.557  1.00 29.98 ? 40  ARG A O   1 
ATOM   289  C CB  . ARG A 1 37  ? 2.051   -9.670  -2.071  1.00 24.81 ? 40  ARG A CB  1 
ATOM   290  C CG  . ARG A 1 37  ? 0.997   -10.443 -1.310  1.00 31.10 ? 40  ARG A CG  1 
ATOM   291  C CD  . ARG A 1 37  ? -0.114  -10.868 -2.249  1.00 50.96 ? 40  ARG A CD  1 
ATOM   292  N NE  . ARG A 1 37  ? 0.409   -11.405 -3.507  1.00 52.05 ? 40  ARG A NE  1 
ATOM   293  C CZ  . ARG A 1 37  ? 0.138   -12.618 -3.983  1.00 54.75 ? 40  ARG A CZ  1 
ATOM   294  N NH1 . ARG A 1 37  ? -0.660  -13.437 -3.314  1.00 55.98 ? 40  ARG A NH1 1 
ATOM   295  N NH2 . ARG A 1 37  ? 0.665   -13.013 -5.135  1.00 48.32 ? 40  ARG A NH2 1 
ATOM   296  N N   . GLU A 1 38  ? 4.749   -7.872  -2.542  1.00 28.14 ? 41  GLU A N   1 
ATOM   297  C CA  . GLU A 1 38  ? 5.904   -7.605  -3.403  1.00 28.10 ? 41  GLU A CA  1 
ATOM   298  C C   . GLU A 1 38  ? 7.205   -8.020  -2.689  1.00 38.10 ? 41  GLU A C   1 
ATOM   299  O O   . GLU A 1 38  ? 8.152   -8.490  -3.328  1.00 42.92 ? 41  GLU A O   1 
ATOM   300  C CB  . GLU A 1 38  ? 5.926   -6.143  -3.870  1.00 27.89 ? 41  GLU A CB  1 
ATOM   301  C CG  . GLU A 1 38  ? 6.983   -5.825  -4.919  1.00 27.12 ? 41  GLU A CG  1 
ATOM   302  C CD  . GLU A 1 38  ? 8.360   -5.645  -4.325  1.00 36.09 ? 41  GLU A CD  1 
ATOM   303  O OE1 . GLU A 1 38  ? 8.449   -5.099  -3.201  1.00 32.96 ? 41  GLU A OE1 1 
ATOM   304  O OE2 . GLU A 1 38  ? 9.353   -6.050  -4.975  1.00 30.12 ? 41  GLU A OE2 1 
ATOM   305  N N   . GLY A 1 39  ? 7.230   -7.862  -1.366  1.00 31.61 ? 42  GLY A N   1 
ATOM   306  C CA  . GLY A 1 39  ? 8.220   -8.531  -0.527  1.00 25.31 ? 42  GLY A CA  1 
ATOM   307  C C   . GLY A 1 39  ? 9.601   -7.914  -0.386  1.00 30.05 ? 42  GLY A C   1 
ATOM   308  O O   . GLY A 1 39  ? 10.260  -8.094  0.643   1.00 37.41 ? 42  GLY A O   1 
ATOM   309  N N   . GLU A 1 40  ? 10.046  -7.188  -1.405  1.00 32.73 ? 43  GLU A N   1 
ATOM   310  C CA  . GLU A 1 40  ? 11.446  -6.785  -1.485  1.00 29.99 ? 43  GLU A CA  1 
ATOM   311  C C   . GLU A 1 40  ? 11.648  -5.273  -1.472  1.00 31.48 ? 43  GLU A C   1 
ATOM   312  O O   . GLU A 1 40  ? 12.739  -4.787  -1.178  1.00 43.74 ? 43  GLU A O   1 
ATOM   313  C CB  . GLU A 1 40  ? 12.078  -7.395  -2.737  1.00 38.03 ? 43  GLU A CB  1 
ATOM   314  C CG  . GLU A 1 40  ? 11.966  -8.913  -2.771  1.00 44.07 ? 43  GLU A CG  1 
ATOM   315  C CD  . GLU A 1 40  ? 12.376  -9.502  -4.105  1.00 60.38 ? 43  GLU A CD  1 
ATOM   316  O OE1 . GLU A 1 40  ? 12.011  -8.924  -5.155  1.00 58.35 ? 43  GLU A OE1 1 
ATOM   317  O OE2 . GLU A 1 40  ? 13.069  -10.543 -4.100  1.00 60.88 ? 43  GLU A OE2 1 
ATOM   318  N N   . GLY A 1 41  ? 10.598  -4.534  -1.795  1.00 25.61 ? 44  GLY A N   1 
ATOM   319  C CA  . GLY A 1 41  ? 10.679  -3.089  -1.799  1.00 24.40 ? 44  GLY A CA  1 
ATOM   320  C C   . GLY A 1 41  ? 10.703  -2.477  -0.409  1.00 24.92 ? 44  GLY A C   1 
ATOM   321  O O   . GLY A 1 41  ? 10.502  -3.169  0.604   1.00 23.08 ? 44  GLY A O   1 
ATOM   322  N N   . ILE A 1 42  ? 10.952  -1.174  -0.356  1.00 23.31 ? 45  ILE A N   1 
ATOM   323  C CA  . ILE A 1 42  ? 10.987  -0.458  0.913   1.00 21.17 ? 45  ILE A CA  1 
ATOM   324  C C   . ILE A 1 42  ? 9.641   -0.560  1.639   1.00 18.51 ? 45  ILE A C   1 
ATOM   325  O O   . ILE A 1 42  ? 9.609   -0.691  2.860   1.00 21.43 ? 45  ILE A O   1 
ATOM   326  C CB  . ILE A 1 42  ? 11.400  1.027   0.739   1.00 24.14 ? 45  ILE A CB  1 
ATOM   327  C CG1 . ILE A 1 42  ? 12.823  1.138   0.167   1.00 27.81 ? 45  ILE A CG1 1 
ATOM   328  C CG2 . ILE A 1 42  ? 11.330  1.751   2.076   1.00 21.02 ? 45  ILE A CG2 1 
ATOM   329  C CD1 . ILE A 1 42  ? 13.910  0.761   1.161   1.00 31.76 ? 45  ILE A CD1 1 
ATOM   330  N N   . ALA A 1 43  ? 8.534   -0.510  0.902   1.00 19.60 ? 46  ALA A N   1 
ATOM   331  C CA  . ALA A 1 43  ? 7.219   -0.649  1.547   1.00 23.53 ? 46  ALA A CA  1 
ATOM   332  C C   . ALA A 1 43  ? 7.036   -2.014  2.212   1.00 22.87 ? 46  ALA A C   1 
ATOM   333  O O   . ALA A 1 43  ? 6.543   -2.095  3.342   1.00 19.89 ? 46  ALA A O   1 
ATOM   334  C CB  . ALA A 1 43  ? 6.079   -0.377  0.564   1.00 17.80 ? 46  ALA A CB  1 
ATOM   335  N N   . ALA A 1 44  ? 7.412   -3.090  1.521   1.00 19.03 ? 47  ALA A N   1 
ATOM   336  C CA  . ALA A 1 44  ? 7.271   -4.416  2.132   1.00 22.13 ? 47  ALA A CA  1 
ATOM   337  C C   . ALA A 1 44  ? 8.184   -4.538  3.345   1.00 21.56 ? 47  ALA A C   1 
ATOM   338  O O   . ALA A 1 44  ? 7.783   -5.101  4.362   1.00 25.07 ? 47  ALA A O   1 
ATOM   339  C CB  . ALA A 1 44  ? 7.561   -5.515  1.137   1.00 22.73 ? 47  ALA A CB  1 
ATOM   340  N N   . LYS A 1 45  ? 9.405   -4.009  3.240   1.00 20.59 ? 48  LYS A N   1 
ATOM   341  C CA  . LYS A 1 45  ? 10.352  -4.051  4.361   1.00 18.39 ? 48  LYS A CA  1 
ATOM   342  C C   . LYS A 1 45  ? 9.819   -3.285  5.566   1.00 22.55 ? 48  LYS A C   1 
ATOM   343  O O   . LYS A 1 45  ? 9.896   -3.763  6.707   1.00 21.43 ? 48  LYS A O   1 
ATOM   344  C CB  . LYS A 1 45  ? 11.732  -3.524  3.937   1.00 21.89 ? 48  LYS A CB  1 
ATOM   345  C CG  . LYS A 1 45  ? 12.474  -4.425  2.939   1.00 26.86 ? 48  LYS A CG  1 
ATOM   346  C CD  . LYS A 1 45  ? 13.798  -3.792  2.536   1.00 26.20 ? 48  LYS A CD  1 
ATOM   347  C CE  . LYS A 1 45  ? 14.581  -4.653  1.556   1.00 36.84 ? 48  LYS A CE  1 
ATOM   348  N NZ  . LYS A 1 45  ? 15.862  -3.983  1.156   1.00 37.79 ? 48  LYS A NZ  1 
ATOM   349  N N   . ALA A 1 46  ? 9.249   -2.109  5.319   1.00 23.88 ? 49  ALA A N   1 
ATOM   350  C CA  . ALA A 1 46  ? 8.660   -1.321  6.403   1.00 22.83 ? 49  ALA A CA  1 
ATOM   351  C C   . ALA A 1 46  ? 7.482   -2.049  7.063   1.00 25.15 ? 49  ALA A C   1 
ATOM   352  O O   . ALA A 1 46  ? 7.364   -2.089  8.300   1.00 24.82 ? 49  ALA A O   1 
ATOM   353  C CB  . ALA A 1 46  ? 8.235   0.047   5.888   1.00 22.25 ? 49  ALA A CB  1 
ATOM   354  N N   . LEU A 1 47  ? 6.613   -2.635  6.246   1.00 20.85 ? 50  LEU A N   1 
ATOM   355  C CA  . LEU A 1 47  ? 5.471   -3.381  6.771   1.00 21.83 ? 50  LEU A CA  1 
ATOM   356  C C   . LEU A 1 47  ? 5.935   -4.620  7.550   1.00 27.93 ? 50  LEU A C   1 
ATOM   357  O O   . LEU A 1 47  ? 5.396   -4.926  8.619   1.00 26.72 ? 50  LEU A O   1 
ATOM   358  C CB  . LEU A 1 47  ? 4.516   -3.761  5.631   1.00 25.20 ? 50  LEU A CB  1 
ATOM   359  C CG  . LEU A 1 47  ? 3.797   -2.574  4.971   1.00 18.89 ? 50  LEU A CG  1 
ATOM   360  C CD1 . LEU A 1 47  ? 3.097   -2.971  3.676   1.00 21.37 ? 50  LEU A CD1 1 
ATOM   361  C CD2 . LEU A 1 47  ? 2.788   -1.997  5.955   1.00 23.16 ? 50  LEU A CD2 1 
ATOM   362  N N   . GLN A 1 48  ? 6.936   -5.317  7.011   1.00 25.41 ? 51  GLN A N   1 
ATOM   363  C CA  . GLN A 1 48  ? 7.563   -6.460  7.688   1.00 22.85 ? 51  GLN A CA  1 
ATOM   364  C C   . GLN A 1 48  ? 8.110   -6.077  9.063   1.00 31.75 ? 51  GLN A C   1 
ATOM   365  O O   . GLN A 1 48  ? 7.858   -6.770  10.057  1.00 32.08 ? 51  GLN A O   1 
ATOM   366  C CB  . GLN A 1 48  ? 8.665   -7.061  6.796   1.00 22.28 ? 51  GLN A CB  1 
ATOM   367  C CG  . GLN A 1 48  ? 8.124   -7.878  5.623   1.00 26.39 ? 51  GLN A CG  1 
ATOM   368  C CD  . GLN A 1 48  ? 9.124   -8.056  4.483   1.00 29.62 ? 51  GLN A CD  1 
ATOM   369  O OE1 . GLN A 1 48  ? 10.299  -7.692  4.595   1.00 35.96 ? 51  GLN A OE1 1 
ATOM   370  N NE2 . GLN A 1 48  ? 8.653   -8.622  3.372   1.00 33.95 ? 51  GLN A NE2 1 
ATOM   371  N N   . GLN A 1 49  ? 8.836   -4.963  9.131   1.00 24.50 ? 52  GLN A N   1 
ATOM   372  C CA  . GLN A 1 49  ? 9.414   -4.510  10.402  1.00 32.08 ? 52  GLN A CA  1 
ATOM   373  C C   . GLN A 1 49  ? 8.367   -4.023  11.413  1.00 31.27 ? 52  GLN A C   1 
ATOM   374  O O   . GLN A 1 49  ? 8.624   -4.008  12.623  1.00 35.76 ? 52  GLN A O   1 
ATOM   375  C CB  . GLN A 1 49  ? 10.521  -3.470  10.155  1.00 27.71 ? 52  GLN A CB  1 
ATOM   376  C CG  . GLN A 1 49  ? 11.700  -4.073  9.376   1.00 43.79 ? 52  GLN A CG  1 
ATOM   377  C CD  . GLN A 1 49  ? 12.647  -3.043  8.783   1.00 44.93 ? 52  GLN A CD  1 
ATOM   378  O OE1 . GLN A 1 49  ? 12.467  -1.832  8.953   1.00 49.76 ? 52  GLN A OE1 1 
ATOM   379  N NE2 . GLN A 1 49  ? 13.668  -3.527  8.071   1.00 42.48 ? 52  GLN A NE2 1 
ATOM   380  N N   . LEU A 1 50  ? 7.184   -3.651  10.923  1.00 27.35 ? 53  LEU A N   1 
ATOM   381  C CA  . LEU A 1 50  ? 6.060   -3.296  11.798  1.00 26.44 ? 53  LEU A CA  1 
ATOM   382  C C   . LEU A 1 50  ? 5.386   -4.539  12.393  1.00 27.47 ? 53  LEU A C   1 
ATOM   383  O O   . LEU A 1 50  ? 4.466   -4.424  13.206  1.00 31.58 ? 53  LEU A O   1 
ATOM   384  C CB  . LEU A 1 50  ? 5.020   -2.460  11.041  1.00 28.56 ? 53  LEU A CB  1 
ATOM   385  C CG  . LEU A 1 50  ? 5.407   -1.007  10.736  1.00 29.84 ? 53  LEU A CG  1 
ATOM   386  C CD1 . LEU A 1 50  ? 4.392   -0.350  9.796   1.00 28.99 ? 53  LEU A CD1 1 
ATOM   387  C CD2 . LEU A 1 50  ? 5.533   -0.220  12.043  1.00 35.29 ? 53  LEU A CD2 1 
ATOM   388  N N   . GLY A 1 51  ? 5.824   -5.722  11.967  1.00 31.38 ? 54  GLY A N   1 
ATOM   389  C CA  . GLY A 1 51  ? 5.264   -6.969  12.467  1.00 29.46 ? 54  GLY A CA  1 
ATOM   390  C C   . GLY A 1 51  ? 4.046   -7.444  11.697  1.00 36.06 ? 54  GLY A C   1 
ATOM   391  O O   . GLY A 1 51  ? 3.246   -8.236  12.212  1.00 31.14 ? 54  GLY A O   1 
ATOM   392  N N   . LEU A 1 52  ? 3.896   -6.965  10.464  1.00 27.66 ? 55  LEU A N   1 
ATOM   393  C CA  . LEU A 1 52  ? 2.806   -7.425  9.618   1.00 32.47 ? 55  LEU A CA  1 
ATOM   394  C C   . LEU A 1 52  ? 3.317   -8.506  8.665   1.00 32.47 ? 55  LEU A C   1 
ATOM   395  O O   . LEU A 1 52  ? 4.462   -8.456  8.212   1.00 42.50 ? 55  LEU A O   1 
ATOM   396  C CB  . LEU A 1 52  ? 2.183   -6.263  8.837   1.00 38.15 ? 55  LEU A CB  1 
ATOM   397  C CG  . LEU A 1 52  ? 1.806   -4.983  9.587   1.00 30.24 ? 55  LEU A CG  1 
ATOM   398  C CD1 . LEU A 1 52  ? 1.158   -3.985  8.645   1.00 40.24 ? 55  LEU A CD1 1 
ATOM   399  C CD2 . LEU A 1 52  ? 0.886   -5.253  10.768  1.00 32.06 ? 55  LEU A CD2 1 
ATOM   400  N N   . GLY A 1 53  ? 2.477   -9.492  8.379   1.00 45.17 ? 56  GLY A N   1 
ATOM   401  C CA  . GLY A 1 53  ? 2.851   -10.552 7.462   1.00 41.80 ? 56  GLY A CA  1 
ATOM   402  C C   . GLY A 1 53  ? 1.807   -10.673 6.373   1.00 45.51 ? 56  GLY A C   1 
ATOM   403  O O   . GLY A 1 53  ? 0.657   -10.276 6.585   1.00 41.98 ? 56  GLY A O   1 
ATOM   404  N N   . SER A 1 54  ? 2.204   -11.206 5.215   1.00 42.52 ? 57  SER A N   1 
ATOM   405  C CA  . SER A 1 54  ? 1.285   -11.393 4.094   1.00 45.83 ? 57  SER A CA  1 
ATOM   406  C C   . SER A 1 54  ? 0.009   -12.100 4.521   1.00 48.13 ? 57  SER A C   1 
ATOM   407  O O   . SER A 1 54  ? -1.093  -11.634 4.227   1.00 48.45 ? 57  SER A O   1 
ATOM   408  C CB  . SER A 1 54  ? 1.948   -12.186 2.965   1.00 47.03 ? 57  SER A CB  1 
ATOM   409  O OG  . SER A 1 54  ? 2.716   -11.344 2.133   1.00 36.31 ? 57  SER A OG  1 
ATOM   410  N N   . ASP A 1 55  ? 0.167   -13.215 5.230   1.00 52.16 ? 58  ASP A N   1 
ATOM   411  C CA  . ASP A 1 55  ? -0.966  -14.029 5.654   1.00 52.66 ? 58  ASP A CA  1 
ATOM   412  C C   . ASP A 1 55  ? -1.867  -13.319 6.666   1.00 46.12 ? 58  ASP A C   1 
ATOM   413  O O   . ASP A 1 55  ? -3.095  -13.343 6.543   1.00 50.53 ? 58  ASP A O   1 
ATOM   414  C CB  . ASP A 1 55  ? -0.466  -15.359 6.218   1.00 57.36 ? 58  ASP A CB  1 
ATOM   415  C CG  . ASP A 1 55  ? 0.304   -16.171 5.192   1.00 65.75 ? 58  ASP A CG  1 
ATOM   416  O OD1 . ASP A 1 55  ? -0.071  -16.126 4.001   1.00 68.22 ? 58  ASP A OD1 1 
ATOM   417  O OD2 . ASP A 1 55  ? 1.286   -16.846 5.575   1.00 72.06 ? 58  ASP A OD2 1 
ATOM   418  N N   . LYS A 1 56  ? -1.257  -12.691 7.664   1.00 53.17 ? 59  LYS A N   1 
ATOM   419  C CA  . LYS A 1 56  ? -2.011  -11.962 8.685   1.00 50.86 ? 59  LYS A CA  1 
ATOM   420  C C   . LYS A 1 56  ? -2.790  -10.773 8.097   1.00 45.58 ? 59  LYS A C   1 
ATOM   421  O O   . LYS A 1 56  ? -3.937  -10.521 8.480   1.00 45.35 ? 59  LYS A O   1 
ATOM   422  C CB  . LYS A 1 56  ? -1.077  -11.509 9.820   1.00 52.51 ? 59  LYS A CB  1 
ATOM   423  C CG  . LYS A 1 56  ? -1.389  -10.128 10.375  1.00 52.34 ? 59  LYS A CG  1 
ATOM   424  C CD  . LYS A 1 56  ? -1.155  -10.043 11.877  1.00 59.82 ? 59  LYS A CD  1 
ATOM   425  C CE  . LYS A 1 56  ? 0.199   -9.430  12.227  1.00 49.26 ? 59  LYS A CE  1 
ATOM   426  N NZ  . LYS A 1 56  ? 0.152   -8.814  13.587  1.00 47.37 ? 59  LYS A NZ  1 
ATOM   427  N N   . LEU A 1 57  ? -2.166  -10.052 7.162   1.00 39.89 ? 60  LEU A N   1 
ATOM   428  C CA  . LEU A 1 57  ? -2.828  -8.939  6.481   1.00 34.94 ? 60  LEU A CA  1 
ATOM   429  C C   . LEU A 1 57  ? -3.951  -9.439  5.573   1.00 41.37 ? 60  LEU A C   1 
ATOM   430  O O   . LEU A 1 57  ? -5.063  -8.895  5.584   1.00 32.90 ? 60  LEU A O   1 
ATOM   431  C CB  . LEU A 1 57  ? -1.818  -8.103  5.684   1.00 38.26 ? 60  LEU A CB  1 
ATOM   432  C CG  . LEU A 1 57  ? -1.134  -6.987  6.464   1.00 37.88 ? 60  LEU A CG  1 
ATOM   433  C CD1 . LEU A 1 57  ? -0.130  -6.227  5.611   1.00 43.88 ? 60  LEU A CD1 1 
ATOM   434  C CD2 . LEU A 1 57  ? -2.198  -6.047  6.971   1.00 47.84 ? 60  LEU A CD2 1 
ATOM   435  N N   . GLN A 1 58  ? -3.645  -10.475 4.794   1.00 35.75 ? 61  GLN A N   1 
ATOM   436  C CA  . GLN A 1 58  ? -4.625  -11.167 3.962   1.00 39.26 ? 61  GLN A CA  1 
ATOM   437  C C   . GLN A 1 58  ? -5.844  -11.531 4.791   1.00 40.82 ? 61  GLN A C   1 
ATOM   438  O O   . GLN A 1 58  ? -6.979  -11.173 4.464   1.00 43.40 ? 61  GLN A O   1 
ATOM   439  C CB  . GLN A 1 58  ? -3.987  -12.444 3.407   1.00 45.88 ? 61  GLN A CB  1 
ATOM   440  C CG  . GLN A 1 58  ? -4.911  -13.337 2.597   1.00 56.63 ? 61  GLN A CG  1 
ATOM   441  C CD  . GLN A 1 58  ? -5.001  -12.909 1.147   1.00 62.19 ? 61  GLN A CD  1 
ATOM   442  O OE1 . GLN A 1 58  ? -4.024  -12.988 0.396   1.00 58.54 ? 61  GLN A OE1 1 
ATOM   443  N NE2 . GLN A 1 58  ? -6.174  -12.446 0.745   1.00 65.25 ? 61  GLN A NE2 1 
ATOM   444  N N   . LYS A 1 59  ? -5.587  -12.231 5.890   1.00 47.71 ? 62  LYS A N   1 
ATOM   445  C CA  . LYS A 1 59  ? -6.640  -12.701 6.774   1.00 43.43 ? 62  LYS A CA  1 
ATOM   446  C C   . LYS A 1 59  ? -7.473  -11.551 7.332   1.00 38.23 ? 62  LYS A C   1 
ATOM   447  O O   . LYS A 1 59  ? -8.705  -11.615 7.350   1.00 42.33 ? 62  LYS A O   1 
ATOM   448  C CB  . LYS A 1 59  ? -6.034  -13.516 7.916   1.00 52.42 ? 62  LYS A CB  1 
ATOM   449  C CG  . LYS A 1 59  ? -7.053  -14.002 8.931   1.00 55.87 ? 62  LYS A CG  1 
ATOM   450  C CD  . LYS A 1 59  ? -6.370  -14.596 10.151  1.00 55.53 ? 62  LYS A CD  1 
ATOM   451  C CE  . LYS A 1 59  ? -7.370  -15.300 11.045  1.00 59.91 ? 62  LYS A CE  1 
ATOM   452  N NZ  . LYS A 1 59  ? -6.695  -16.281 11.935  1.00 63.45 ? 62  LYS A NZ  1 
ATOM   453  N N   . GLU A 1 60  ? -6.795  -10.497 7.783   1.00 39.32 ? 63  GLU A N   1 
ATOM   454  C CA  . GLU A 1 60  ? -7.478  -9.346  8.370   1.00 40.83 ? 63  GLU A CA  1 
ATOM   455  C C   . GLU A 1 60  ? -8.352  -8.631  7.341   1.00 42.70 ? 63  GLU A C   1 
ATOM   456  O O   . GLU A 1 60  ? -9.476  -8.209  7.636   1.00 37.99 ? 63  GLU A O   1 
ATOM   457  C CB  . GLU A 1 60  ? -6.460  -8.366  8.961   1.00 39.46 ? 63  GLU A CB  1 
ATOM   458  C CG  . GLU A 1 60  ? -7.070  -7.030  9.375   1.00 45.71 ? 63  GLU A CG  1 
ATOM   459  C CD  . GLU A 1 60  ? -8.102  -7.169  10.481  1.00 54.06 ? 63  GLU A CD  1 
ATOM   460  O OE1 . GLU A 1 60  ? -7.846  -7.935  11.431  1.00 47.43 ? 63  GLU A OE1 1 
ATOM   461  O OE2 . GLU A 1 60  ? -9.170  -6.520  10.394  1.00 52.74 ? 63  GLU A OE2 1 
ATOM   462  N N   . VAL A 1 61  ? -7.819  -8.488  6.130   1.00 36.00 ? 64  VAL A N   1 
ATOM   463  C CA  . VAL A 1 61  ? -8.554  -7.863  5.035   1.00 36.02 ? 64  VAL A CA  1 
ATOM   464  C C   . VAL A 1 61  ? -9.861  -8.608  4.745   1.00 34.97 ? 64  VAL A C   1 
ATOM   465  O O   . VAL A 1 61  ? -10.916 -7.989  4.583   1.00 42.93 ? 64  VAL A O   1 
ATOM   466  C CB  . VAL A 1 61  ? -7.687  -7.773  3.756   1.00 31.25 ? 64  VAL A CB  1 
ATOM   467  C CG1 . VAL A 1 61  ? -8.542  -7.491  2.552   1.00 34.01 ? 64  VAL A CG1 1 
ATOM   468  C CG2 . VAL A 1 61  ? -6.624  -6.678  3.918   1.00 27.77 ? 64  VAL A CG2 1 
ATOM   469  N N   . GLU A 1 62  ? -9.787  -9.934  4.694   1.00 38.65 ? 65  GLU A N   1 
ATOM   470  C CA  . GLU A 1 62  ? -10.979 -10.753 4.458   1.00 50.25 ? 65  GLU A CA  1 
ATOM   471  C C   . GLU A 1 62  ? -12.026 -10.550 5.559   1.00 45.99 ? 65  GLU A C   1 
ATOM   472  O O   . GLU A 1 62  ? -13.230 -10.569 5.293   1.00 48.72 ? 65  GLU A O   1 
ATOM   473  C CB  . GLU A 1 62  ? -10.603 -12.233 4.331   1.00 52.03 ? 65  GLU A CB  1 
ATOM   474  C CG  . GLU A 1 62  ? -9.581  -12.515 3.233   1.00 57.57 ? 65  GLU A CG  1 
ATOM   475  C CD  . GLU A 1 62  ? -9.420  -13.996 2.927   1.00 69.08 ? 65  GLU A CD  1 
ATOM   476  O OE1 . GLU A 1 62  ? -10.452 -14.686 2.764   1.00 74.63 ? 65  GLU A OE1 1 
ATOM   477  O OE2 . GLU A 1 62  ? -8.261  -14.464 2.843   1.00 64.68 ? 65  GLU A OE2 1 
ATOM   478  N N   . GLY A 1 63  ? -11.551 -10.330 6.785   1.00 53.03 ? 66  GLY A N   1 
ATOM   479  C CA  . GLY A 1 63  ? -12.422 -10.077 7.923   1.00 51.57 ? 66  GLY A CA  1 
ATOM   480  C C   . GLY A 1 63  ? -13.255 -8.808  7.813   1.00 61.42 ? 66  GLY A C   1 
ATOM   481  O O   . GLY A 1 63  ? -14.424 -8.793  8.211   1.00 54.80 ? 66  GLY A O   1 
ATOM   482  N N   . LEU A 1 64  ? -12.662 -7.745  7.269   1.00 49.29 ? 67  LEU A N   1 
ATOM   483  C CA  . LEU A 1 64  ? -13.336 -6.447  7.176   1.00 53.53 ? 67  LEU A CA  1 
ATOM   484  C C   . LEU A 1 64  ? -14.171 -6.277  5.910   1.00 55.86 ? 67  LEU A C   1 
ATOM   485  O O   . LEU A 1 64  ? -15.040 -5.402  5.846   1.00 62.32 ? 67  LEU A O   1 
ATOM   486  C CB  . LEU A 1 64  ? -12.323 -5.304  7.244   1.00 37.64 ? 67  LEU A CB  1 
ATOM   487  C CG  . LEU A 1 64  ? -11.533 -5.117  8.529   1.00 46.03 ? 67  LEU A CG  1 
ATOM   488  C CD1 . LEU A 1 64  ? -10.898 -3.730  8.561   1.00 36.75 ? 67  LEU A CD1 1 
ATOM   489  C CD2 . LEU A 1 64  ? -12.436 -5.338  9.730   1.00 42.13 ? 67  LEU A CD2 1 
ATOM   490  N N   . VAL A 1 65  ? -13.896 -7.096  4.900   1.00 55.40 ? 68  VAL A N   1 
ATOM   491  C CA  . VAL A 1 65  ? -14.543 -6.942  3.601   1.00 56.72 ? 68  VAL A CA  1 
ATOM   492  C C   . VAL A 1 65  ? -15.521 -8.082  3.317   1.00 60.50 ? 68  VAL A C   1 
ATOM   493  O O   . VAL A 1 65  ? -16.698 -7.849  3.022   1.00 65.43 ? 68  VAL A O   1 
ATOM   494  C CB  . VAL A 1 65  ? -13.507 -6.839  2.463   1.00 57.86 ? 68  VAL A CB  1 
ATOM   495  C CG1 . VAL A 1 65  ? -14.206 -6.702  1.137   1.00 55.83 ? 68  VAL A CG1 1 
ATOM   496  C CG2 . VAL A 1 65  ? -12.596 -5.651  2.683   1.00 50.09 ? 68  VAL A CG2 1 
ATOM   497  N N   . GLY A 1 66  ? -15.028 -9.313  3.408   1.00 59.24 ? 69  GLY A N   1 
ATOM   498  C CA  . GLY A 1 66  ? -15.865 -10.478 3.192   1.00 64.04 ? 69  GLY A CA  1 
ATOM   499  C C   . GLY A 1 66  ? -15.359 -11.432 2.125   1.00 73.80 ? 69  GLY A C   1 
ATOM   500  O O   . GLY A 1 66  ? -14.944 -12.549 2.447   1.00 75.71 ? 69  GLY A O   1 
ATOM   501  N N   . LYS A 1 67  ? -15.394 -10.976 0.867   1.00 68.67 ? 70  LYS A N   1 
ATOM   502  C CA  . LYS A 1 67  ? -15.136 -11.794 -0.330  1.00 63.72 ? 70  LYS A CA  1 
ATOM   503  C C   . LYS A 1 67  ? -16.287 -12.754 -0.625  1.00 67.03 ? 70  LYS A C   1 
ATOM   504  O O   . LYS A 1 67  ? -16.530 -13.696 0.130   1.00 73.14 ? 70  LYS A O   1 
ATOM   505  C CB  . LYS A 1 67  ? -13.805 -12.557 -0.245  1.00 62.84 ? 70  LYS A CB  1 
ATOM   506  C CG  . LYS A 1 67  ? -13.630 -13.641 -1.308  1.00 63.23 ? 70  LYS A CG  1 
ATOM   507  C CD  . LYS A 1 67  ? -12.379 -14.479 -1.048  1.00 69.42 ? 70  LYS A CD  1 
ATOM   508  C CE  . LYS A 1 67  ? -12.695 -15.772 -0.299  1.00 79.44 ? 70  LYS A CE  1 
ATOM   509  N NZ  . LYS A 1 67  ? -13.448 -16.747 -1.143  1.00 80.38 ? 70  LYS A NZ  1 
ATOM   510  N N   . SER A 1 77  ? -15.839 -9.802  -14.269 1.00 62.04 ? 76  SER A N   1 
ATOM   511  C CA  . SER A 1 77  ? -15.715 -8.588  -15.067 1.00 51.27 ? 76  SER A CA  1 
ATOM   512  C C   . SER A 1 77  ? -14.395 -7.868  -14.764 1.00 52.96 ? 76  SER A C   1 
ATOM   513  O O   . SER A 1 77  ? -13.622 -8.310  -13.910 1.00 48.51 ? 76  SER A O   1 
ATOM   514  C CB  . SER A 1 77  ? -16.916 -7.666  -14.841 1.00 47.63 ? 76  SER A CB  1 
ATOM   515  O OG  . SER A 1 77  ? -17.004 -7.246  -13.491 1.00 57.10 ? 76  SER A OG  1 
ATOM   516  N N   . THR A 1 78  ? -14.141 -6.763  -15.460 1.00 42.81 ? 77  THR A N   1 
ATOM   517  C CA  . THR A 1 78  ? -12.830 -6.110  -15.410 1.00 45.61 ? 77  THR A CA  1 
ATOM   518  C C   . THR A 1 78  ? -12.612 -5.206  -14.182 1.00 36.22 ? 77  THR A C   1 
ATOM   519  O O   . THR A 1 78  ? -13.417 -4.323  -13.893 1.00 31.10 ? 77  THR A O   1 
ATOM   520  C CB  . THR A 1 78  ? -12.498 -5.387  -16.754 1.00 42.07 ? 77  THR A CB  1 
ATOM   521  O OG1 . THR A 1 78  ? -11.938 -4.090  -16.504 1.00 54.37 ? 77  THR A OG1 1 
ATOM   522  C CG2 . THR A 1 78  ? -13.745 -5.246  -17.610 1.00 41.92 ? 77  THR A CG2 1 
ATOM   523  N N   . PRO A 1 79  ? -11.521 -5.454  -13.442 1.00 37.38 ? 78  PRO A N   1 
ATOM   524  C CA  . PRO A 1 79  ? -11.160 -4.637  -12.277 1.00 39.04 ? 78  PRO A CA  1 
ATOM   525  C C   . PRO A 1 79  ? -10.884 -3.173  -12.620 1.00 34.96 ? 78  PRO A C   1 
ATOM   526  O O   . PRO A 1 79  ? -10.224 -2.889  -13.627 1.00 35.56 ? 78  PRO A O   1 
ATOM   527  C CB  . PRO A 1 79  ? -9.880  -5.305  -11.756 1.00 34.88 ? 78  PRO A CB  1 
ATOM   528  C CG  . PRO A 1 79  ? -9.333  -6.064  -12.940 1.00 35.53 ? 78  PRO A CG  1 
ATOM   529  C CD  . PRO A 1 79  ? -10.554 -6.542  -13.675 1.00 36.55 ? 78  PRO A CD  1 
ATOM   530  N N   . HIS A 1 80  ? -11.412 -2.273  -11.786 1.00 30.26 ? 79  HIS A N   1 
ATOM   531  C CA  . HIS A 1 80  ? -11.172 -0.836  -11.869 1.00 30.36 ? 79  HIS A CA  1 
ATOM   532  C C   . HIS A 1 80  ? -10.725 -0.393  -10.478 1.00 25.52 ? 79  HIS A C   1 
ATOM   533  O O   . HIS A 1 80  ? -11.076 -1.037  -9.494  1.00 26.01 ? 79  HIS A O   1 
ATOM   534  C CB  . HIS A 1 80  ? -12.463 -0.083  -12.231 1.00 37.58 ? 79  HIS A CB  1 
ATOM   535  C CG  . HIS A 1 80  ? -13.056 -0.481  -13.549 1.00 48.61 ? 79  HIS A CG  1 
ATOM   536  N ND1 . HIS A 1 80  ? -12.431 -0.242  -14.753 1.00 57.91 ? 79  HIS A ND1 1 
ATOM   537  C CD2 . HIS A 1 80  ? -14.229 -1.091  -13.848 1.00 57.04 ? 79  HIS A CD2 1 
ATOM   538  C CE1 . HIS A 1 80  ? -13.187 -0.698  -15.740 1.00 47.83 ? 79  HIS A CE1 1 
ATOM   539  N NE2 . HIS A 1 80  ? -14.283 -1.216  -15.216 1.00 52.12 ? 79  HIS A NE2 1 
ATOM   540  N N   . TYR A 1 81  ? -9.965  0.695   -10.386 1.00 23.22 ? 80  TYR A N   1 
ATOM   541  C CA  . TYR A 1 81  ? -9.593  1.224   -9.072  1.00 28.52 ? 80  TYR A CA  1 
ATOM   542  C C   . TYR A 1 81  ? -10.797 1.925   -8.468  1.00 22.80 ? 80  TYR A C   1 
ATOM   543  O O   . TYR A 1 81  ? -11.545 2.597   -9.184  1.00 23.56 ? 80  TYR A O   1 
ATOM   544  C CB  . TYR A 1 81  ? -8.444  2.238   -9.189  1.00 27.94 ? 80  TYR A CB  1 
ATOM   545  C CG  . TYR A 1 81  ? -7.109  1.639   -9.566  1.00 23.53 ? 80  TYR A CG  1 
ATOM   546  C CD1 . TYR A 1 81  ? -6.428  0.810   -8.686  1.00 24.60 ? 80  TYR A CD1 1 
ATOM   547  C CD2 . TYR A 1 81  ? -6.522  1.919   -10.793 1.00 24.95 ? 80  TYR A CD2 1 
ATOM   548  C CE1 . TYR A 1 81  ? -5.200  0.254   -9.026  1.00 25.43 ? 80  TYR A CE1 1 
ATOM   549  C CE2 . TYR A 1 81  ? -5.300  1.373   -11.140 1.00 26.28 ? 80  TYR A CE2 1 
ATOM   550  C CZ  . TYR A 1 81  ? -4.650  0.537   -10.253 1.00 22.25 ? 80  TYR A CZ  1 
ATOM   551  O OH  . TYR A 1 81  ? -3.431  -0.002  -10.583 1.00 26.56 ? 80  TYR A OH  1 
ATOM   552  N N   . THR A 1 82  ? -10.981 1.782   -7.157  1.00 23.53 ? 81  THR A N   1 
ATOM   553  C CA  . THR A 1 82  ? -11.937 2.612   -6.425  1.00 25.20 ? 81  THR A CA  1 
ATOM   554  C C   . THR A 1 82  ? -11.441 4.049   -6.489  1.00 23.98 ? 81  THR A C   1 
ATOM   555  O O   . THR A 1 82  ? -10.250 4.273   -6.720  1.00 21.18 ? 81  THR A O   1 
ATOM   556  C CB  . THR A 1 82  ? -12.021 2.189   -4.962  1.00 25.06 ? 81  THR A CB  1 
ATOM   557  O OG1 . THR A 1 82  ? -10.747 2.405   -4.337  1.00 20.96 ? 81  THR A OG1 1 
ATOM   558  C CG2 . THR A 1 82  ? -12.384 0.716   -4.861  1.00 19.04 ? 81  THR A CG2 1 
ATOM   559  N N   . PRO A 1 83  ? -12.345 5.032   -6.300  1.00 21.41 ? 82  PRO A N   1 
ATOM   560  C CA  . PRO A 1 83  ? -11.906 6.429   -6.314  1.00 25.41 ? 82  PRO A CA  1 
ATOM   561  C C   . PRO A 1 83  ? -10.806 6.689   -5.287  1.00 30.25 ? 82  PRO A C   1 
ATOM   562  O O   . PRO A 1 83  ? -9.893  7.474   -5.563  1.00 23.53 ? 82  PRO A O   1 
ATOM   563  C CB  . PRO A 1 83  ? -13.180 7.197   -5.944  1.00 29.09 ? 82  PRO A CB  1 
ATOM   564  C CG  . PRO A 1 83  ? -14.293 6.328   -6.449  1.00 31.14 ? 82  PRO A CG  1 
ATOM   565  C CD  . PRO A 1 83  ? -13.817 4.910   -6.265  1.00 29.64 ? 82  PRO A CD  1 
ATOM   566  N N   . ARG A 1 84  ? -10.889 6.039   -4.127  1.00 24.54 ? 83  ARG A N   1 
ATOM   567  C CA  . ARG A 1 84  ? -9.866  6.197   -3.095  1.00 23.59 ? 83  ARG A CA  1 
ATOM   568  C C   . ARG A 1 84  ? -8.515  5.599   -3.497  1.00 21.53 ? 83  ARG A C   1 
ATOM   569  O O   . ARG A 1 84  ? -7.468  6.186   -3.220  1.00 20.39 ? 83  ARG A O   1 
ATOM   570  C CB  . ARG A 1 84  ? -10.316 5.573   -1.777  1.00 22.75 ? 83  ARG A CB  1 
ATOM   571  C CG  . ARG A 1 84  ? -9.495  6.071   -0.610  1.00 33.94 ? 83  ARG A CG  1 
ATOM   572  C CD  . ARG A 1 84  ? -9.961  5.438   0.680   1.00 31.46 ? 83  ARG A CD  1 
ATOM   573  N NE  . ARG A 1 84  ? -11.398 5.165   0.655   1.00 32.23 ? 83  ARG A NE  1 
ATOM   574  C CZ  . ARG A 1 84  ? -12.324 5.984   1.137   1.00 36.19 ? 83  ARG A CZ  1 
ATOM   575  N NH1 . ARG A 1 84  ? -11.962 7.132   1.690   1.00 36.44 ? 83  ARG A NH1 1 
ATOM   576  N NH2 . ARG A 1 84  ? -13.607 5.652   1.072   1.00 39.77 ? 83  ARG A NH2 1 
ATOM   577  N N   . ALA A 1 85  ? -8.541  4.429   -4.130  1.00 20.26 ? 84  ALA A N   1 
ATOM   578  C CA  . ALA A 1 85  ? -7.316  3.838   -4.674  1.00 24.21 ? 84  ALA A CA  1 
ATOM   579  C C   . ALA A 1 85  ? -6.676  4.791   -5.681  1.00 20.05 ? 84  ALA A C   1 
ATOM   580  O O   . ALA A 1 85  ? -5.456  4.978   -5.687  1.00 19.53 ? 84  ALA A O   1 
ATOM   581  C CB  . ALA A 1 85  ? -7.612  2.498   -5.330  1.00 19.61 ? 84  ALA A CB  1 
ATOM   582  N N   . LYS A 1 86  ? -7.501  5.391   -6.534  1.00 17.42 ? 85  LYS A N   1 
ATOM   583  C CA  . LYS A 1 86  ? -7.002  6.373   -7.501  1.00 20.61 ? 85  LYS A CA  1 
ATOM   584  C C   . LYS A 1 86  ? -6.324  7.552   -6.810  1.00 25.38 ? 85  LYS A C   1 
ATOM   585  O O   . LYS A 1 86  ? -5.260  8.016   -7.242  1.00 19.33 ? 85  LYS A O   1 
ATOM   586  C CB  . LYS A 1 86  ? -8.134  6.857   -8.410  1.00 21.27 ? 85  LYS A CB  1 
ATOM   587  C CG  . LYS A 1 86  ? -8.585  5.801   -9.436  1.00 25.13 ? 85  LYS A CG  1 
ATOM   588  C CD  . LYS A 1 86  ? -9.522  6.398   -10.478 1.00 34.49 ? 85  LYS A CD  1 
ATOM   589  C CE  . LYS A 1 86  ? -9.843  5.393   -11.589 1.00 37.23 ? 85  LYS A CE  1 
ATOM   590  N NZ  . LYS A 1 86  ? -11.034 5.823   -12.385 1.00 44.48 ? 85  LYS A NZ  1 
ATOM   591  N N   . LYS A 1 87  ? -6.941  8.022   -5.730  1.00 23.27 ? 86  LYS A N   1 
ATOM   592  C CA  . LYS A 1 87  ? -6.407  9.131   -4.945  1.00 22.04 ? 86  LYS A CA  1 
ATOM   593  C C   . LYS A 1 87  ? -5.083  8.732   -4.308  1.00 23.06 ? 86  LYS A C   1 
ATOM   594  O O   . LYS A 1 87  ? -4.144  9.530   -4.242  1.00 22.84 ? 86  LYS A O   1 
ATOM   595  C CB  . LYS A 1 87  ? -7.414  9.509   -3.854  1.00 21.70 ? 86  LYS A CB  1 
ATOM   596  C CG  . LYS A 1 87  ? -7.065  10.723  -3.011  1.00 28.99 ? 86  LYS A CG  1 
ATOM   597  C CD  . LYS A 1 87  ? -8.214  10.918  -2.023  1.00 41.63 ? 86  LYS A CD  1 
ATOM   598  C CE  . LYS A 1 87  ? -8.202  12.259  -1.319  1.00 45.37 ? 86  LYS A CE  1 
ATOM   599  N NZ  . LYS A 1 87  ? -9.240  12.258  -0.241  1.00 36.78 ? 86  LYS A NZ  1 
ATOM   600  N N   . VAL A 1 88  ? -5.008  7.495   -3.836  1.00 20.00 ? 87  VAL A N   1 
ATOM   601  C CA  . VAL A 1 88  ? -3.762  6.972   -3.284  1.00 19.61 ? 87  VAL A CA  1 
ATOM   602  C C   . VAL A 1 88  ? -2.639  7.015   -4.331  1.00 18.15 ? 87  VAL A C   1 
ATOM   603  O O   . VAL A 1 88  ? -1.530  7.490   -4.060  1.00 22.16 ? 87  VAL A O   1 
ATOM   604  C CB  . VAL A 1 88  ? -3.964  5.531   -2.753  1.00 21.76 ? 87  VAL A CB  1 
ATOM   605  C CG1 . VAL A 1 88  ? -2.636  4.833   -2.521  1.00 18.82 ? 87  VAL A CG1 1 
ATOM   606  C CG2 . VAL A 1 88  ? -4.806  5.561   -1.474  1.00 23.03 ? 87  VAL A CG2 1 
ATOM   607  N N   . ILE A 1 89  ? -2.943  6.549   -5.535  1.00 21.12 ? 88  ILE A N   1 
ATOM   608  C CA  . ILE A 1 89  ? -1.952  6.516   -6.610  1.00 19.38 ? 88  ILE A CA  1 
ATOM   609  C C   . ILE A 1 89  ? -1.527  7.937   -7.013  1.00 22.27 ? 88  ILE A C   1 
ATOM   610  O O   . ILE A 1 89  ? -0.339  8.197   -7.194  1.00 21.33 ? 88  ILE A O   1 
ATOM   611  C CB  . ILE A 1 89  ? -2.443  5.657   -7.792  1.00 19.84 ? 88  ILE A CB  1 
ATOM   612  C CG1 . ILE A 1 89  ? -2.531  4.195   -7.340  1.00 20.30 ? 88  ILE A CG1 1 
ATOM   613  C CG2 . ILE A 1 89  ? -1.499  5.767   -8.981  1.00 22.55 ? 88  ILE A CG2 1 
ATOM   614  C CD1 . ILE A 1 89  ? -3.308  3.266   -8.280  1.00 26.19 ? 88  ILE A CD1 1 
ATOM   615  N N   . GLU A 1 90  ? -2.483  8.861   -7.114  1.00 23.06 ? 89  GLU A N   1 
ATOM   616  C CA  . GLU A 1 90  ? -2.146  10.264  -7.325  1.00 23.40 ? 89  GLU A CA  1 
ATOM   617  C C   . GLU A 1 90  ? -1.239  10.794  -6.213  1.00 24.02 ? 89  GLU A C   1 
ATOM   618  O O   . GLU A 1 90  ? -0.209  11.404  -6.501  1.00 27.27 ? 89  GLU A O   1 
ATOM   619  C CB  . GLU A 1 90  ? -3.412  11.117  -7.438  1.00 32.76 ? 89  GLU A CB  1 
ATOM   620  C CG  . GLU A 1 90  ? -4.186  10.869  -8.731  1.00 39.80 ? 89  GLU A CG  1 
ATOM   621  C CD  . GLU A 1 90  ? -5.594  11.458  -8.715  1.00 54.14 ? 89  GLU A CD  1 
ATOM   622  O OE1 . GLU A 1 90  ? -5.877  12.345  -7.867  1.00 51.10 ? 89  GLU A OE1 1 
ATOM   623  O OE2 . GLU A 1 90  ? -6.422  11.019  -9.551  1.00 50.18 ? 89  GLU A OE2 1 
ATOM   624  N N   . LEU A 1 91  ? -1.608  10.559  -4.952  1.00 20.33 ? 90  LEU A N   1 
ATOM   625  C CA  . LEU A 1 91  ? -0.807  11.044  -3.822  1.00 21.46 ? 90  LEU A CA  1 
ATOM   626  C C   . LEU A 1 91  ? 0.622   10.488  -3.822  1.00 25.39 ? 90  LEU A C   1 
ATOM   627  O O   . LEU A 1 91  ? 1.546   11.155  -3.353  1.00 20.35 ? 90  LEU A O   1 
ATOM   628  C CB  . LEU A 1 91  ? -1.499  10.764  -2.478  1.00 21.42 ? 90  LEU A CB  1 
ATOM   629  C CG  . LEU A 1 91  ? -2.751  11.598  -2.157  1.00 23.57 ? 90  LEU A CG  1 
ATOM   630  C CD1 . LEU A 1 91  ? -3.378  11.195  -0.819  1.00 23.30 ? 90  LEU A CD1 1 
ATOM   631  C CD2 . LEU A 1 91  ? -2.443  13.091  -2.174  1.00 29.88 ? 90  LEU A CD2 1 
ATOM   632  N N   . SER A 1 92  ? 0.800   9.280   -4.352  1.00 22.07 ? 91  SER A N   1 
ATOM   633  C CA  A SER A 1 92  ? 2.119   8.653   -4.383  0.83 22.15 ? 91  SER A CA  1 
ATOM   634  C CA  B SER A 1 92  ? 2.112   8.644   -4.406  0.17 21.96 ? 91  SER A CA  1 
ATOM   635  C C   . SER A 1 92  ? 3.103   9.507   -5.176  1.00 26.46 ? 91  SER A C   1 
ATOM   636  O O   . SER A 1 92  ? 4.279   9.602   -4.825  1.00 21.45 ? 91  SER A O   1 
ATOM   637  C CB  A SER A 1 92  ? 2.054   7.214   -4.933  0.83 19.87 ? 91  SER A CB  1 
ATOM   638  C CB  B SER A 1 92  ? 2.002   7.267   -5.063  0.17 19.91 ? 91  SER A CB  1 
ATOM   639  O OG  A SER A 1 92  ? 1.877   7.158   -6.346  0.83 17.02 ? 91  SER A OG  1 
ATOM   640  O OG  B SER A 1 92  ? 1.060   6.468   -4.375  0.17 20.09 ? 91  SER A OG  1 
ATOM   641  N N   . MET A 1 93  ? 2.612   10.138  -6.236  1.00 21.14 ? 92  MET A N   1 
ATOM   642  C CA  . MET A 1 93  ? 3.432   11.019  -7.045  1.00 21.15 ? 92  MET A CA  1 
ATOM   643  C C   . MET A 1 93  ? 3.900   12.223  -6.234  1.00 25.74 ? 92  MET A C   1 
ATOM   644  O O   . MET A 1 93  ? 5.057   12.644  -6.354  1.00 24.25 ? 92  MET A O   1 
ATOM   645  C CB  . MET A 1 93  ? 2.645   11.441  -8.292  1.00 21.76 ? 92  MET A CB  1 
ATOM   646  C CG  . MET A 1 93  ? 2.125   10.237  -9.066  1.00 31.71 ? 92  MET A CG  1 
ATOM   647  S SD  . MET A 1 93  ? 1.393   10.618  -10.676 1.00 51.02 ? 92  MET A SD  1 
ATOM   648  C CE  . MET A 1 93  ? -0.028  11.609  -10.211 1.00 43.15 ? 92  MET A CE  1 
ATOM   649  N N   . ASP A 1 94  ? 3.020   12.757  -5.389  1.00 19.50 ? 93  ASP A N   1 
ATOM   650  C CA  . ASP A 1 94  ? 3.379   13.908  -4.552  1.00 24.53 ? 93  ASP A CA  1 
ATOM   651  C C   . ASP A 1 94  ? 4.391   13.492  -3.494  1.00 25.50 ? 93  ASP A C   1 
ATOM   652  O O   . ASP A 1 94  ? 5.342   14.215  -3.211  1.00 19.52 ? 93  ASP A O   1 
ATOM   653  C CB  . ASP A 1 94  ? 2.149   14.508  -3.854  1.00 25.78 ? 93  ASP A CB  1 
ATOM   654  C CG  . ASP A 1 94  ? 1.114   15.043  -4.828  1.00 36.63 ? 93  ASP A CG  1 
ATOM   655  O OD1 . ASP A 1 94  ? 1.477   15.353  -5.983  1.00 47.99 ? 93  ASP A OD1 1 
ATOM   656  O OD2 . ASP A 1 94  ? -0.070  15.164  -4.424  1.00 45.92 ? 93  ASP A OD2 1 
ATOM   657  N N   . GLU A 1 95  ? 4.169   12.322  -2.901  1.00 20.90 ? 94  GLU A N   1 
ATOM   658  C CA  . GLU A 1 95  ? 5.068   11.805  -1.868  1.00 19.97 ? 94  GLU A CA  1 
ATOM   659  C C   . GLU A 1 95  ? 6.476   11.556  -2.411  1.00 19.68 ? 94  GLU A C   1 
ATOM   660  O O   . GLU A 1 95  ? 7.473   11.843  -1.732  1.00 19.93 ? 94  GLU A O   1 
ATOM   661  C CB  . GLU A 1 95  ? 4.467   10.533  -1.247  1.00 19.62 ? 94  GLU A CB  1 
ATOM   662  C CG  . GLU A 1 95  ? 3.245   10.808  -0.369  1.00 15.88 ? 94  GLU A CG  1 
ATOM   663  C CD  . GLU A 1 95  ? 3.552   11.726  0.803   1.00 27.61 ? 94  GLU A CD  1 
ATOM   664  O OE1 . GLU A 1 95  ? 4.414   11.370  1.631   1.00 22.75 ? 94  GLU A OE1 1 
ATOM   665  O OE2 . GLU A 1 95  ? 2.937   12.811  0.895   1.00 27.91 ? 94  GLU A OE2 1 
ATOM   666  N N   . ALA A 1 96  ? 6.556   11.040  -3.638  1.00 19.31 ? 95  ALA A N   1 
ATOM   667  C CA  . ALA A 1 96  ? 7.836   10.851  -4.339  1.00 20.21 ? 95  ALA A CA  1 
ATOM   668  C C   . ALA A 1 96  ? 8.564   12.175  -4.582  1.00 20.44 ? 95  ALA A C   1 
ATOM   669  O O   . ALA A 1 96  ? 9.759   12.312  -4.292  1.00 18.21 ? 95  ALA A O   1 
ATOM   670  C CB  . ALA A 1 96  ? 7.610   10.116  -5.678  1.00 14.50 ? 95  ALA A CB  1 
ATOM   671  N N   . ARG A 1 97  ? 7.834   13.141  -5.132  1.00 18.62 ? 96  ARG A N   1 
ATOM   672  C CA  . ARG A 1 97  ? 8.371   14.467  -5.417  1.00 22.00 ? 96  ARG A CA  1 
ATOM   673  C C   . ARG A 1 97  ? 8.941   15.122  -4.150  1.00 20.74 ? 96  ARG A C   1 
ATOM   674  O O   . ARG A 1 97  ? 10.016  15.727  -4.182  1.00 21.41 ? 96  ARG A O   1 
ATOM   675  C CB  . ARG A 1 97  ? 7.257   15.330  -6.025  1.00 29.41 ? 96  ARG A CB  1 
ATOM   676  C CG  . ARG A 1 97  ? 7.722   16.512  -6.854  1.00 43.61 ? 96  ARG A CG  1 
ATOM   677  C CD  . ARG A 1 97  ? 6.606   17.547  -6.968  1.00 47.65 ? 96  ARG A CD  1 
ATOM   678  N NE  . ARG A 1 97  ? 6.203   18.025  -5.645  1.00 54.00 ? 96  ARG A NE  1 
ATOM   679  C CZ  . ARG A 1 97  ? 4.950   18.055  -5.201  1.00 53.58 ? 96  ARG A CZ  1 
ATOM   680  N NH1 . ARG A 1 97  ? 3.957   17.646  -5.981  1.00 56.99 ? 96  ARG A NH1 1 
ATOM   681  N NH2 . ARG A 1 97  ? 4.690   18.500  -3.974  1.00 55.62 ? 96  ARG A NH2 1 
ATOM   682  N N   . LYS A 1 98  ? 8.235   14.968  -3.031  1.00 19.04 ? 97  LYS A N   1 
ATOM   683  C CA  . LYS A 1 98  ? 8.666   15.534  -1.751  1.00 21.91 ? 97  LYS A CA  1 
ATOM   684  C C   . LYS A 1 98  ? 9.946   14.891  -1.230  1.00 25.15 ? 97  LYS A C   1 
ATOM   685  O O   . LYS A 1 98  ? 10.694  15.506  -0.467  1.00 22.54 ? 97  LYS A O   1 
ATOM   686  C CB  . LYS A 1 98  ? 7.552   15.393  -0.698  1.00 24.24 ? 97  LYS A CB  1 
ATOM   687  C CG  . LYS A 1 98  ? 6.484   16.475  -0.789  1.00 35.50 ? 97  LYS A CG  1 
ATOM   688  C CD  . LYS A 1 98  ? 5.177   16.049  -0.105  1.00 43.00 ? 97  LYS A CD  1 
ATOM   689  C CE  . LYS A 1 98  ? 5.347   15.765  1.381   1.00 40.97 ? 97  LYS A CE  1 
ATOM   690  N NZ  . LYS A 1 98  ? 4.061   15.259  1.974   1.00 28.36 ? 97  LYS A NZ  1 
ATOM   691  N N   . LEU A 1 99  ? 10.190  13.649  -1.633  1.00 21.58 ? 98  LEU A N   1 
ATOM   692  C CA  . LEU A 1 99  ? 11.368  12.907  -1.188  1.00 15.81 ? 98  LEU A CA  1 
ATOM   693  C C   . LEU A 1 99  ? 12.455  12.938  -2.267  1.00 19.18 ? 98  LEU A C   1 
ATOM   694  O O   . LEU A 1 99  ? 13.455  12.212  -2.195  1.00 22.53 ? 98  LEU A O   1 
ATOM   695  C CB  . LEU A 1 99  ? 10.978  11.464  -0.843  1.00 16.91 ? 98  LEU A CB  1 
ATOM   696  C CG  . LEU A 1 99  ? 10.209  11.356  0.480   1.00 14.60 ? 98  LEU A CG  1 
ATOM   697  C CD1 . LEU A 1 99  ? 9.597   9.964   0.619   1.00 21.54 ? 98  LEU A CD1 1 
ATOM   698  C CD2 . LEU A 1 99  ? 11.143  11.647  1.639   1.00 20.67 ? 98  LEU A CD2 1 
ATOM   699  N N   . GLY A 1 100 ? 12.256  13.784  -3.271  1.00 18.72 ? 99  GLY A N   1 
ATOM   700  C CA  . GLY A 1 100 ? 13.290  14.001  -4.276  1.00 21.22 ? 99  GLY A CA  1 
ATOM   701  C C   . GLY A 1 100 ? 13.390  12.907  -5.327  1.00 27.05 ? 99  GLY A C   1 
ATOM   702  O O   . GLY A 1 100 ? 14.451  12.736  -5.944  1.00 22.34 ? 99  GLY A O   1 
ATOM   703  N N   . HIS A 1 101 ? 12.295  12.166  -5.523  1.00 20.69 ? 100 HIS A N   1 
ATOM   704  C CA  . HIS A 1 101 ? 12.211  11.136  -6.564  1.00 25.65 ? 100 HIS A CA  1 
ATOM   705  C C   . HIS A 1 101 ? 11.304  11.555  -7.714  1.00 23.48 ? 100 HIS A C   1 
ATOM   706  O O   . HIS A 1 101 ? 10.197  12.058  -7.487  1.00 28.78 ? 100 HIS A O   1 
ATOM   707  C CB  . HIS A 1 101 ? 11.697  9.813   -5.982  1.00 18.01 ? 100 HIS A CB  1 
ATOM   708  C CG  . HIS A 1 101 ? 12.736  9.055   -5.222  1.00 17.69 ? 100 HIS A CG  1 
ATOM   709  N ND1 . HIS A 1 101 ? 13.587  8.156   -5.824  1.00 23.25 ? 100 HIS A ND1 1 
ATOM   710  C CD2 . HIS A 1 101 ? 13.085  9.087   -3.914  1.00 22.85 ? 100 HIS A CD2 1 
ATOM   711  C CE1 . HIS A 1 101 ? 14.399  7.644   -4.917  1.00 26.14 ? 100 HIS A CE1 1 
ATOM   712  N NE2 . HIS A 1 101 ? 14.117  8.195   -3.750  1.00 22.83 ? 100 HIS A NE2 1 
ATOM   713  N N   . SER A 1 102 ? 11.773  11.340  -8.942  1.00 28.75 ? 101 SER A N   1 
ATOM   714  C CA  . SER A 1 102 ? 10.949  11.579  -10.120 1.00 25.75 ? 101 SER A CA  1 
ATOM   715  C C   . SER A 1 102 ? 10.109  10.345  -10.426 1.00 34.30 ? 101 SER A C   1 
ATOM   716  O O   . SER A 1 102 ? 9.061   10.462  -11.058 1.00 34.54 ? 101 SER A O   1 
ATOM   717  C CB  . SER A 1 102 ? 11.796  11.970  -11.335 1.00 35.40 ? 101 SER A CB  1 
ATOM   718  O OG  . SER A 1 102 ? 12.726  10.958  -11.665 1.00 41.04 ? 101 SER A OG  1 
ATOM   719  N N   . TYR A 1 103 ? 10.556  9.174   -9.968  1.00 23.04 ? 102 TYR A N   1 
ATOM   720  C CA  . TYR A 1 103 ? 9.769   7.942   -10.128 1.00 22.44 ? 102 TYR A CA  1 
ATOM   721  C C   . TYR A 1 103 ? 9.118   7.526   -8.810  1.00 22.80 ? 102 TYR A C   1 
ATOM   722  O O   . TYR A 1 103 ? 9.718   7.646   -7.736  1.00 22.02 ? 102 TYR A O   1 
ATOM   723  C CB  . TYR A 1 103 ? 10.627  6.782   -10.641 1.00 21.63 ? 102 TYR A CB  1 
ATOM   724  C CG  . TYR A 1 103 ? 11.045  6.895   -12.093 1.00 34.44 ? 102 TYR A CG  1 
ATOM   725  C CD1 . TYR A 1 103 ? 12.229  7.528   -12.446 1.00 33.07 ? 102 TYR A CD1 1 
ATOM   726  C CD2 . TYR A 1 103 ? 10.264  6.353   -13.108 1.00 40.71 ? 102 TYR A CD2 1 
ATOM   727  C CE1 . TYR A 1 103 ? 12.620  7.631   -13.770 1.00 38.96 ? 102 TYR A CE1 1 
ATOM   728  C CE2 . TYR A 1 103 ? 10.649  6.451   -14.441 1.00 38.58 ? 102 TYR A CE2 1 
ATOM   729  C CZ  . TYR A 1 103 ? 11.825  7.095   -14.762 1.00 44.10 ? 102 TYR A CZ  1 
ATOM   730  O OH  . TYR A 1 103 ? 12.217  7.198   -16.078 1.00 58.80 ? 102 TYR A OH  1 
ATOM   731  N N   . VAL A 1 104 ? 7.883   7.046   -8.909  1.00 20.84 ? 103 VAL A N   1 
ATOM   732  C CA  . VAL A 1 104 ? 7.140   6.547   -7.758  1.00 22.08 ? 103 VAL A CA  1 
ATOM   733  C C   . VAL A 1 104 ? 7.679   5.163   -7.412  1.00 22.68 ? 103 VAL A C   1 
ATOM   734  O O   . VAL A 1 104 ? 7.621   4.253   -8.248  1.00 21.64 ? 103 VAL A O   1 
ATOM   735  C CB  . VAL A 1 104 ? 5.642   6.423   -8.109  1.00 20.83 ? 103 VAL A CB  1 
ATOM   736  C CG1 . VAL A 1 104 ? 4.890   5.610   -7.055  1.00 18.85 ? 103 VAL A CG1 1 
ATOM   737  C CG2 . VAL A 1 104 ? 5.020   7.810   -8.279  1.00 25.62 ? 103 VAL A CG2 1 
ATOM   738  N N   . GLY A 1 105 ? 8.211   5.011   -6.196  1.00 18.28 ? 104 GLY A N   1 
ATOM   739  C CA  . GLY A 1 105 ? 8.697   3.725   -5.705  1.00 19.69 ? 104 GLY A CA  1 
ATOM   740  C C   . GLY A 1 105 ? 7.702   3.104   -4.737  1.00 19.94 ? 104 GLY A C   1 
ATOM   741  O O   . GLY A 1 105 ? 6.697   3.746   -4.399  1.00 20.31 ? 104 GLY A O   1 
ATOM   742  N N   . THR A 1 106 ? 7.951   1.873   -4.280  1.00 16.77 ? 105 THR A N   1 
ATOM   743  C CA  . THR A 1 106 ? 6.964   1.222   -3.408  1.00 18.84 ? 105 THR A CA  1 
ATOM   744  C C   . THR A 1 106 ? 6.726   2.056   -2.154  1.00 17.86 ? 105 THR A C   1 
ATOM   745  O O   . THR A 1 106 ? 5.590   2.155   -1.682  1.00 17.32 ? 105 THR A O   1 
ATOM   746  C CB  . THR A 1 106 ? 7.353   -0.216  -3.003  1.00 17.53 ? 105 THR A CB  1 
ATOM   747  O OG1 . THR A 1 106 ? 8.521   -0.182  -2.174  1.00 22.03 ? 105 THR A OG1 1 
ATOM   748  C CG2 . THR A 1 106 ? 7.610   -1.061  -4.237  1.00 17.25 ? 105 THR A CG2 1 
ATOM   749  N N   . GLU A 1 107 ? 7.783   2.673   -1.635  1.00 14.37 ? 106 GLU A N   1 
ATOM   750  C CA  . GLU A 1 107 ? 7.643   3.492   -0.426  1.00 16.65 ? 106 GLU A CA  1 
ATOM   751  C C   . GLU A 1 107 ? 6.631   4.632   -0.606  1.00 18.83 ? 106 GLU A C   1 
ATOM   752  O O   . GLU A 1 107 ? 5.925   5.000   0.330   1.00 18.29 ? 106 GLU A O   1 
ATOM   753  C CB  . GLU A 1 107 ? 9.001   4.007   0.096   1.00 19.96 ? 106 GLU A CB  1 
ATOM   754  C CG  . GLU A 1 107 ? 9.741   5.017   -0.818  1.00 21.50 ? 106 GLU A CG  1 
ATOM   755  C CD  . GLU A 1 107 ? 10.652  4.352   -1.823  1.00 27.12 ? 106 GLU A CD  1 
ATOM   756  O OE1 . GLU A 1 107 ? 10.438  3.156   -2.115  1.00 25.06 ? 106 GLU A OE1 1 
ATOM   757  O OE2 . GLU A 1 107 ? 11.580  5.027   -2.340  1.00 20.28 ? 106 GLU A OE2 1 
ATOM   758  N N   . HIS A 1 108 ? 6.539   5.164   -1.821  1.00 15.23 ? 107 HIS A N   1 
ATOM   759  C CA  . HIS A 1 108 ? 5.682   6.315   -2.101  1.00 17.62 ? 107 HIS A CA  1 
ATOM   760  C C   . HIS A 1 108 ? 4.212   5.923   -2.231  1.00 20.65 ? 107 HIS A C   1 
ATOM   761  O O   . HIS A 1 108 ? 3.326   6.702   -1.872  1.00 17.00 ? 107 HIS A O   1 
ATOM   762  C CB  . HIS A 1 108 ? 6.207   7.042   -3.344  1.00 21.81 ? 107 HIS A CB  1 
ATOM   763  C CG  . HIS A 1 108 ? 7.652   7.413   -3.227  1.00 20.41 ? 107 HIS A CG  1 
ATOM   764  N ND1 . HIS A 1 108 ? 8.612   6.981   -4.115  1.00 16.06 ? 107 HIS A ND1 1 
ATOM   765  C CD2 . HIS A 1 108 ? 8.309   8.122   -2.277  1.00 18.92 ? 107 HIS A CD2 1 
ATOM   766  C CE1 . HIS A 1 108 ? 9.795   7.436   -3.735  1.00 21.43 ? 107 HIS A CE1 1 
ATOM   767  N NE2 . HIS A 1 108 ? 9.637   8.132   -2.624  1.00 17.60 ? 107 HIS A NE2 1 
ATOM   768  N N   . ILE A 1 109 ? 3.956   4.720   -2.741  1.00 16.06 ? 108 ILE A N   1 
ATOM   769  C CA  . ILE A 1 109 ? 2.605   4.178   -2.740  1.00 18.18 ? 108 ILE A CA  1 
ATOM   770  C C   . ILE A 1 109 ? 2.112   3.980   -1.302  1.00 15.70 ? 108 ILE A C   1 
ATOM   771  O O   . ILE A 1 109 ? 0.997   4.370   -0.965  1.00 17.42 ? 108 ILE A O   1 
ATOM   772  C CB  . ILE A 1 109 ? 2.537   2.864   -3.520  1.00 18.76 ? 108 ILE A CB  1 
ATOM   773  C CG1 . ILE A 1 109 ? 2.886   3.135   -4.990  1.00 20.96 ? 108 ILE A CG1 1 
ATOM   774  C CG2 . ILE A 1 109 ? 1.146   2.255   -3.417  1.00 15.64 ? 108 ILE A CG2 1 
ATOM   775  C CD1 . ILE A 1 109 ? 2.872   1.908   -5.884  1.00 20.22 ? 108 ILE A CD1 1 
ATOM   776  N N   . LEU A 1 110 ? 2.959   3.406   -0.454  1.00 17.19 ? 109 LEU A N   1 
ATOM   777  C CA  . LEU A 1 110 ? 2.626   3.257   0.967   1.00 18.21 ? 109 LEU A CA  1 
ATOM   778  C C   . LEU A 1 110 ? 2.428   4.615   1.643   1.00 18.34 ? 109 LEU A C   1 
ATOM   779  O O   . LEU A 1 110 ? 1.484   4.795   2.416   1.00 19.71 ? 109 LEU A O   1 
ATOM   780  C CB  . LEU A 1 110 ? 3.708   2.445   1.678   1.00 16.61 ? 109 LEU A CB  1 
ATOM   781  C CG  . LEU A 1 110 ? 3.523   2.190   3.177   1.00 21.81 ? 109 LEU A CG  1 
ATOM   782  C CD1 . LEU A 1 110 ? 2.151   1.573   3.432   1.00 18.39 ? 109 LEU A CD1 1 
ATOM   783  C CD2 . LEU A 1 110 ? 4.638   1.284   3.680   1.00 20.37 ? 109 LEU A CD2 1 
ATOM   784  N N   . LEU A 1 111 ? 3.299   5.579   1.355   1.00 20.29 ? 110 LEU A N   1 
ATOM   785  C CA  . LEU A 1 111 ? 3.136   6.902   1.961   1.00 17.78 ? 110 LEU A CA  1 
ATOM   786  C C   . LEU A 1 111 ? 1.830   7.549   1.478   1.00 20.33 ? 110 LEU A C   1 
ATOM   787  O O   . LEU A 1 111 ? 1.111   8.168   2.268   1.00 21.83 ? 110 LEU A O   1 
ATOM   788  C CB  . LEU A 1 111 ? 4.349   7.808   1.709   1.00 15.70 ? 110 LEU A CB  1 
ATOM   789  C CG  . LEU A 1 111 ? 5.608   7.437   2.511   1.00 17.30 ? 110 LEU A CG  1 
ATOM   790  C CD1 . LEU A 1 111 ? 6.835   8.180   1.976   1.00 18.67 ? 110 LEU A CD1 1 
ATOM   791  C CD2 . LEU A 1 111 ? 5.430   7.721   4.018   1.00 18.07 ? 110 LEU A CD2 1 
ATOM   792  N N   . GLY A 1 112 ? 1.508   7.367   0.198   1.00 18.95 ? 111 GLY A N   1 
ATOM   793  C CA  . GLY A 1 112 ? 0.255   7.881   -0.339  1.00 20.65 ? 111 GLY A CA  1 
ATOM   794  C C   . GLY A 1 112 ? -0.944  7.227   0.335   1.00 22.27 ? 111 GLY A C   1 
ATOM   795  O O   . GLY A 1 112 ? -1.968  7.874   0.581   1.00 23.18 ? 111 GLY A O   1 
ATOM   796  N N   . LEU A 1 113 ? -0.809  5.939   0.643   1.00 18.09 ? 112 LEU A N   1 
ATOM   797  C CA  . LEU A 1 113 ? -1.861  5.192   1.321   1.00 18.73 ? 112 LEU A CA  1 
ATOM   798  C C   . LEU A 1 113 ? -2.043  5.757   2.722   1.00 22.57 ? 112 LEU A C   1 
ATOM   799  O O   . LEU A 1 113 ? -3.169  5.991   3.169   1.00 24.34 ? 112 LEU A O   1 
ATOM   800  C CB  . LEU A 1 113 ? -1.485  3.717   1.385   1.00 21.75 ? 112 LEU A CB  1 
ATOM   801  C CG  . LEU A 1 113 ? -2.452  2.655   1.899   1.00 28.88 ? 112 LEU A CG  1 
ATOM   802  C CD1 . LEU A 1 113 ? -1.977  1.324   1.382   1.00 24.06 ? 112 LEU A CD1 1 
ATOM   803  C CD2 . LEU A 1 113 ? -2.513  2.626   3.436   1.00 30.47 ? 112 LEU A CD2 1 
ATOM   804  N N   . ILE A 1 114 ? -0.927  5.969   3.409   1.00 19.71 ? 113 ILE A N   1 
ATOM   805  C CA  . ILE A 1 114 ? -0.941  6.547   4.755   1.00 19.19 ? 113 ILE A CA  1 
ATOM   806  C C   . ILE A 1 114 ? -1.515  7.965   4.749   1.00 28.60 ? 113 ILE A C   1 
ATOM   807  O O   . ILE A 1 114 ? -2.327  8.332   5.616   1.00 25.88 ? 113 ILE A O   1 
ATOM   808  C CB  . ILE A 1 114 ? 0.487   6.570   5.357   1.00 23.11 ? 113 ILE A CB  1 
ATOM   809  C CG1 . ILE A 1 114 ? 0.951   5.143   5.694   1.00 22.10 ? 113 ILE A CG1 1 
ATOM   810  C CG2 . ILE A 1 114 ? 0.533   7.437   6.599   1.00 31.67 ? 113 ILE A CG2 1 
ATOM   811  C CD1 . ILE A 1 114 ? 2.467   5.022   5.876   1.00 20.37 ? 113 ILE A CD1 1 
ATOM   812  N N   . ARG A 1 115 ? -1.093  8.759   3.770   1.00 23.66 ? 114 ARG A N   1 
ATOM   813  C CA  . ARG A 1 115 ? -1.580  10.129  3.614   1.00 24.27 ? 114 ARG A CA  1 
ATOM   814  C C   . ARG A 1 115 ? -3.087  10.192  3.378   1.00 27.94 ? 114 ARG A C   1 
ATOM   815  O O   . ARG A 1 115 ? -3.777  11.048  3.943   1.00 28.02 ? 114 ARG A O   1 
ATOM   816  C CB  . ARG A 1 115 ? -0.864  10.805  2.452   1.00 22.37 ? 114 ARG A CB  1 
ATOM   817  C CG  . ARG A 1 115 ? -1.115  12.295  2.370   1.00 26.92 ? 114 ARG A CG  1 
ATOM   818  C CD  . ARG A 1 115 ? -0.280  12.894  1.275   1.00 28.41 ? 114 ARG A CD  1 
ATOM   819  N NE  . ARG A 1 115 ? -0.770  14.210  0.878   1.00 30.92 ? 114 ARG A NE  1 
ATOM   820  C CZ  . ARG A 1 115 ? -0.103  15.044  0.093   1.00 36.78 ? 114 ARG A CZ  1 
ATOM   821  N NH1 . ARG A 1 115 ? 1.090   14.704  -0.373  1.00 31.94 ? 114 ARG A NH1 1 
ATOM   822  N NH2 . ARG A 1 115 ? -0.630  16.220  -0.219  1.00 44.88 ? 114 ARG A NH2 1 
ATOM   823  N N   . GLU A 1 116 ? -3.587  9.299   2.527   1.00 26.52 ? 115 GLU A N   1 
ATOM   824  C CA  . GLU A 1 116 ? -5.026  9.153   2.303   1.00 28.61 ? 115 GLU A CA  1 
ATOM   825  C C   . GLU A 1 116 ? -5.719  8.980   3.644   1.00 30.53 ? 115 GLU A C   1 
ATOM   826  O O   . GLU A 1 116 ? -6.669  9.700   3.969   1.00 35.76 ? 115 GLU A O   1 
ATOM   827  C CB  . GLU A 1 116 ? -5.308  7.933   1.413   1.00 26.28 ? 115 GLU A CB  1 
ATOM   828  C CG  . GLU A 1 116 ? -6.723  7.378   1.606   1.00 34.36 ? 115 GLU A CG  1 
ATOM   829  C CD  . GLU A 1 116 ? -7.738  8.338   1.090   1.00 45.61 ? 115 GLU A CD  1 
ATOM   830  O OE1 . GLU A 1 116 ? -7.345  9.115   0.199   1.00 43.02 ? 115 GLU A OE1 1 
ATOM   831  O OE2 . GLU A 1 116 ? -8.900  8.333   1.558   1.00 40.64 ? 115 GLU A OE2 1 
ATOM   832  N N   . GLY A 1 117 ? -5.230  8.021   4.423   1.00 29.81 ? 116 GLY A N   1 
ATOM   833  C CA  . GLY A 1 117 ? -5.627  7.874   5.811   1.00 30.92 ? 116 GLY A CA  1 
ATOM   834  C C   . GLY A 1 117 ? -7.045  7.389   6.044   1.00 34.64 ? 116 GLY A C   1 
ATOM   835  O O   . GLY A 1 117 ? -7.434  7.160   7.184   1.00 37.55 ? 116 GLY A O   1 
ATOM   836  N N   . GLU A 1 118 ? -7.817  7.250   4.973   1.00 31.89 ? 117 GLU A N   1 
ATOM   837  C CA  . GLU A 1 118 ? -9.195  6.795   5.073   1.00 42.19 ? 117 GLU A CA  1 
ATOM   838  C C   . GLU A 1 118 ? -9.322  5.505   4.288   1.00 38.73 ? 117 GLU A C   1 
ATOM   839  O O   . GLU A 1 118 ? -8.359  5.052   3.672   1.00 45.83 ? 117 GLU A O   1 
ATOM   840  C CB  . GLU A 1 118 ? -10.145 7.833   4.480   1.00 40.17 ? 117 GLU A CB  1 
ATOM   841  C CG  . GLU A 1 118 ? -9.703  9.268   4.677   1.00 46.28 ? 117 GLU A CG  1 
ATOM   842  C CD  . GLU A 1 118 ? -10.734 10.088  5.408   1.00 48.11 ? 117 GLU A CD  1 
ATOM   843  O OE1 . GLU A 1 118 ? -10.536 11.315  5.551   1.00 51.26 ? 117 GLU A OE1 1 
ATOM   844  O OE2 . GLU A 1 118 ? -11.743 9.493   5.845   1.00 56.54 ? 117 GLU A OE2 1 
ATOM   845  N N   . GLY A 1 119 ? -10.508 4.917   4.297   1.00 39.50 ? 118 GLY A N   1 
ATOM   846  C CA  . GLY A 1 119 ? -10.737 3.720   3.515   1.00 32.79 ? 118 GLY A CA  1 
ATOM   847  C C   . GLY A 1 119 ? -10.376 2.426   4.215   1.00 28.55 ? 118 GLY A C   1 
ATOM   848  O O   . GLY A 1 119 ? -9.925  2.419   5.366   1.00 29.67 ? 118 GLY A O   1 
ATOM   849  N N   . VAL A 1 120 ? -10.568 1.321   3.503   1.00 25.33 ? 119 VAL A N   1 
ATOM   850  C CA  . VAL A 1 120 ? -10.387 -0.009  4.083   1.00 25.07 ? 119 VAL A CA  1 
ATOM   851  C C   . VAL A 1 120 ? -8.954  -0.306  4.567   1.00 28.47 ? 119 VAL A C   1 
ATOM   852  O O   . VAL A 1 120 ? -8.771  -0.951  5.603   1.00 23.09 ? 119 VAL A O   1 
ATOM   853  C CB  . VAL A 1 120 ? -10.863 -1.107  3.103   1.00 30.14 ? 119 VAL A CB  1 
ATOM   854  C CG1 . VAL A 1 120 ? -10.894 -2.457  3.787   1.00 31.45 ? 119 VAL A CG1 1 
ATOM   855  C CG2 . VAL A 1 120 ? -12.252 -0.764  2.559   1.00 27.19 ? 119 VAL A CG2 1 
ATOM   856  N N   . ALA A 1 121 ? -7.939  0.160   3.839   1.00 22.43 ? 120 ALA A N   1 
ATOM   857  C CA  . ALA A 1 121 ? -6.556  -0.132  4.233   1.00 23.17 ? 120 ALA A CA  1 
ATOM   858  C C   . ALA A 1 121 ? -6.231  0.472   5.602   1.00 24.10 ? 120 ALA A C   1 
ATOM   859  O O   . ALA A 1 121 ? -5.537  -0.144  6.426   1.00 24.69 ? 120 ALA A O   1 
ATOM   860  C CB  . ALA A 1 121 ? -5.562  0.361   3.176   1.00 22.72 ? 120 ALA A CB  1 
ATOM   861  N N   . ALA A 1 122 ? -6.735  1.677   5.835   1.00 22.21 ? 121 ALA A N   1 
ATOM   862  C CA  . ALA A 1 122 ? -6.457  2.392   7.072   1.00 22.42 ? 121 ALA A CA  1 
ATOM   863  C C   . ALA A 1 122 ? -7.153  1.662   8.221   1.00 27.45 ? 121 ALA A C   1 
ATOM   864  O O   . ALA A 1 122 ? -6.624  1.579   9.327   1.00 27.96 ? 121 ALA A O   1 
ATOM   865  C CB  . ALA A 1 122 ? -6.955  3.809   6.974   1.00 30.93 ? 121 ALA A CB  1 
ATOM   866  N N   . ARG A 1 123 ? -8.341  1.129   7.946   1.00 25.29 ? 122 ARG A N   1 
ATOM   867  C CA  . ARG A 1 123 ? -9.110  0.415   8.964   1.00 26.76 ? 122 ARG A CA  1 
ATOM   868  C C   . ARG A 1 123 ? -8.418  -0.899  9.318   1.00 29.11 ? 122 ARG A C   1 
ATOM   869  O O   . ARG A 1 123 ? -8.383  -1.288  10.479  1.00 23.40 ? 122 ARG A O   1 
ATOM   870  C CB  . ARG A 1 123 ? -10.547 0.181   8.485   1.00 30.40 ? 122 ARG A CB  1 
ATOM   871  C CG  . ARG A 1 123 ? -11.351 1.472   8.330   1.00 35.85 ? 122 ARG A CG  1 
ATOM   872  C CD  . ARG A 1 123 ? -12.712 1.204   7.749   1.00 34.75 ? 122 ARG A CD  1 
ATOM   873  N NE  . ARG A 1 123 ? -13.251 -0.077  8.187   1.00 35.91 ? 122 ARG A NE  1 
ATOM   874  C CZ  . ARG A 1 123 ? -14.035 -0.849  7.444   1.00 39.94 ? 122 ARG A CZ  1 
ATOM   875  N NH1 . ARG A 1 123 ? -14.375 -0.469  6.225   1.00 48.59 ? 122 ARG A NH1 1 
ATOM   876  N NH2 . ARG A 1 123 ? -14.478 -2.003  7.921   1.00 41.51 ? 122 ARG A NH2 1 
ATOM   877  N N   . VAL A 1 124 ? -7.847  -1.566  8.315   1.00 22.25 ? 123 VAL A N   1 
ATOM   878  C CA  . VAL A 1 124 ? -7.060  -2.775  8.551   1.00 19.73 ? 123 VAL A CA  1 
ATOM   879  C C   . VAL A 1 124 ? -5.855  -2.461  9.430   1.00 27.25 ? 123 VAL A C   1 
ATOM   880  O O   . VAL A 1 124 ? -5.576  -3.160  10.415  1.00 26.31 ? 123 VAL A O   1 
ATOM   881  C CB  . VAL A 1 124 ? -6.564  -3.383  7.234   1.00 26.58 ? 123 VAL A CB  1 
ATOM   882  C CG1 . VAL A 1 124 ? -5.548  -4.477  7.506   1.00 31.40 ? 123 VAL A CG1 1 
ATOM   883  C CG2 . VAL A 1 124 ? -7.729  -3.922  6.429   1.00 19.73 ? 123 VAL A CG2 1 
ATOM   884  N N   . LEU A 1 125 ? -5.137  -1.399  9.073   1.00 24.49 ? 124 LEU A N   1 
ATOM   885  C CA  . LEU A 1 125 ? -3.971  -0.993  9.847   1.00 26.01 ? 124 LEU A CA  1 
ATOM   886  C C   . LEU A 1 125 ? -4.362  -0.676  11.291  1.00 27.45 ? 124 LEU A C   1 
ATOM   887  O O   . LEU A 1 125 ? -3.646  -1.033  12.231  1.00 27.19 ? 124 LEU A O   1 
ATOM   888  C CB  . LEU A 1 125 ? -3.280  0.209   9.200   1.00 27.21 ? 124 LEU A CB  1 
ATOM   889  C CG  . LEU A 1 125 ? -2.515  -0.167  7.923   1.00 22.05 ? 124 LEU A CG  1 
ATOM   890  C CD1 . LEU A 1 125 ? -1.711  1.002   7.394   1.00 25.89 ? 124 LEU A CD1 1 
ATOM   891  C CD2 . LEU A 1 125 ? -1.598  -1.346  8.181   1.00 26.18 ? 124 LEU A CD2 1 
ATOM   892  N N   . ASN A 1 126 ? -5.500  -0.017  11.453  1.00 20.97 ? 125 ASN A N   1 
ATOM   893  C CA  . ASN A 1 126 ? -5.988  0.340   12.784  1.00 29.83 ? 125 ASN A CA  1 
ATOM   894  C C   . ASN A 1 126 ? -6.296  -0.898  13.638  1.00 35.30 ? 125 ASN A C   1 
ATOM   895  O O   . ASN A 1 126 ? -5.909  -0.962  14.809  1.00 29.17 ? 125 ASN A O   1 
ATOM   896  C CB  . ASN A 1 126 ? -7.208  1.254   12.668  1.00 21.23 ? 125 ASN A CB  1 
ATOM   897  C CG  . ASN A 1 126 ? -7.692  1.761   14.017  1.00 46.44 ? 125 ASN A CG  1 
ATOM   898  O OD1 . ASN A 1 126 ? -8.272  1.010   14.797  1.00 41.35 ? 125 ASN A OD1 1 
ATOM   899  N ND2 . ASN A 1 126 ? -7.471  3.041   14.288  1.00 33.34 ? 125 ASN A ND2 1 
ATOM   900  N N   . ASN A 1 127 ? -6.980  -1.882  13.053  1.00 29.86 ? 126 ASN A N   1 
ATOM   901  C CA  . ASN A 1 127 ? -7.258  -3.143  13.753  1.00 32.49 ? 126 ASN A CA  1 
ATOM   902  C C   . ASN A 1 127 ? -5.997  -3.870  14.186  1.00 41.32 ? 126 ASN A C   1 
ATOM   903  O O   . ASN A 1 127 ? -6.001  -4.608  15.173  1.00 48.63 ? 126 ASN A O   1 
ATOM   904  C CB  . ASN A 1 127 ? -8.097  -4.092  12.892  1.00 27.09 ? 126 ASN A CB  1 
ATOM   905  C CG  . ASN A 1 127 ? -9.578  -3.871  13.067  1.00 31.55 ? 126 ASN A CG  1 
ATOM   906  O OD1 . ASN A 1 127 ? -10.005 -3.130  13.954  1.00 38.89 ? 126 ASN A OD1 1 
ATOM   907  N ND2 . ASN A 1 127 ? -10.376 -4.517  12.227  1.00 38.55 ? 126 ASN A ND2 1 
ATOM   908  N N   . LEU A 1 128 ? -4.918  -3.677  13.437  1.00 32.60 ? 127 LEU A N   1 
ATOM   909  C CA  . LEU A 1 128 ? -3.659  -4.317  13.781  1.00 36.51 ? 127 LEU A CA  1 
ATOM   910  C C   . LEU A 1 128 ? -2.858  -3.442  14.738  1.00 27.04 ? 127 LEU A C   1 
ATOM   911  O O   . LEU A 1 128 ? -1.717  -3.751  15.070  1.00 43.36 ? 127 LEU A O   1 
ATOM   912  C CB  . LEU A 1 128 ? -2.861  -4.644  12.518  1.00 36.88 ? 127 LEU A CB  1 
ATOM   913  C CG  . LEU A 1 128 ? -3.597  -5.578  11.554  1.00 38.23 ? 127 LEU A CG  1 
ATOM   914  C CD1 . LEU A 1 128 ? -2.745  -5.915  10.363  1.00 35.12 ? 127 LEU A CD1 1 
ATOM   915  C CD2 . LEU A 1 128 ? -4.027  -6.861  12.258  1.00 54.53 ? 127 LEU A CD2 1 
ATOM   916  N N   . GLY A 1 129 ? -3.453  -2.342  15.186  1.00 34.83 ? 128 GLY A N   1 
ATOM   917  C CA  . GLY A 1 129 ? -2.782  -1.462  16.129  1.00 34.22 ? 128 GLY A CA  1 
ATOM   918  C C   . GLY A 1 129 ? -1.578  -0.721  15.559  1.00 41.51 ? 128 GLY A C   1 
ATOM   919  O O   . GLY A 1 129 ? -0.630  -0.417  16.292  1.00 38.96 ? 128 GLY A O   1 
ATOM   920  N N   . VAL A 1 130 ? -1.604  -0.439  14.256  1.00 30.36 ? 129 VAL A N   1 
ATOM   921  C CA  . VAL A 1 130 ? -0.576  0.406   13.631  1.00 24.22 ? 129 VAL A CA  1 
ATOM   922  C C   . VAL A 1 130 ? -1.144  1.793   13.373  1.00 30.69 ? 129 VAL A C   1 
ATOM   923  O O   . VAL A 1 130 ? -2.073  1.932   12.573  1.00 34.86 ? 129 VAL A O   1 
ATOM   924  C CB  . VAL A 1 130 ? -0.133  -0.145  12.260  1.00 28.24 ? 129 VAL A CB  1 
ATOM   925  C CG1 . VAL A 1 130 ? 0.832   0.836   11.591  1.00 28.95 ? 129 VAL A CG1 1 
ATOM   926  C CG2 . VAL A 1 130 ? 0.511   -1.534  12.389  1.00 31.21 ? 129 VAL A CG2 1 
ATOM   927  N N   . SER A 1 131 ? -0.600  2.819   14.024  1.00 30.00 ? 130 SER A N   1 
ATOM   928  C CA  . SER A 1 131 ? -1.037  4.188   13.735  1.00 31.43 ? 130 SER A CA  1 
ATOM   929  C C   . SER A 1 131 ? -0.403  4.630   12.418  1.00 31.55 ? 130 SER A C   1 
ATOM   930  O O   . SER A 1 131 ? 0.671   4.153   12.057  1.00 35.99 ? 130 SER A O   1 
ATOM   931  C CB  . SER A 1 131 ? -0.656  5.161   14.851  1.00 38.11 ? 130 SER A CB  1 
ATOM   932  O OG  . SER A 1 131 ? 0.737   5.436   14.863  1.00 31.33 ? 130 SER A OG  1 
ATOM   933  N N   . LEU A 1 132 ? -1.072  5.524   11.700  1.00 32.52 ? 131 LEU A N   1 
ATOM   934  C CA  . LEU A 1 132 ? -0.557  6.013   10.422  1.00 33.49 ? 131 LEU A CA  1 
ATOM   935  C C   . LEU A 1 132 ? 0.732   6.809   10.614  1.00 30.14 ? 131 LEU A C   1 
ATOM   936  O O   . LEU A 1 132 ? 1.613   6.797   9.757   1.00 33.44 ? 131 LEU A O   1 
ATOM   937  C CB  . LEU A 1 132 ? -1.608  6.872   9.733   1.00 29.42 ? 131 LEU A CB  1 
ATOM   938  C CG  . LEU A 1 132 ? -2.944  6.173   9.504   1.00 32.28 ? 131 LEU A CG  1 
ATOM   939  C CD1 . LEU A 1 132 ? -3.945  7.129   8.886   1.00 31.18 ? 131 LEU A CD1 1 
ATOM   940  C CD2 . LEU A 1 132 ? -2.751  4.975   8.611   1.00 35.16 ? 131 LEU A CD2 1 
ATOM   941  N N   . ASN A 1 133 ? 0.838   7.499   11.746  1.00 35.06 ? 132 ASN A N   1 
ATOM   942  C CA  . ASN A 1 133 ? 2.051   8.239   12.064  1.00 34.58 ? 132 ASN A CA  1 
ATOM   943  C C   . ASN A 1 133 ? 3.232   7.289   12.222  1.00 35.64 ? 132 ASN A C   1 
ATOM   944  O O   . ASN A 1 133 ? 4.319   7.549   11.708  1.00 30.74 ? 132 ASN A O   1 
ATOM   945  C CB  . ASN A 1 133 ? 1.861   9.071   13.337  1.00 38.26 ? 132 ASN A CB  1 
ATOM   946  C CG  . ASN A 1 133 ? 3.159   9.705   13.816  1.00 49.26 ? 132 ASN A CG  1 
ATOM   947  O OD1 . ASN A 1 133 ? 3.879   10.328  13.039  1.00 47.80 ? 132 ASN A OD1 1 
ATOM   948  N ND2 . ASN A 1 133 ? 3.473   9.525   15.093  1.00 51.98 ? 132 ASN A ND2 1 
ATOM   949  N N   . LYS A 1 134 ? 3.016   6.182   12.930  1.00 32.34 ? 133 LYS A N   1 
ATOM   950  C CA  . LYS A 1 134 ? 4.061   5.167   13.098  1.00 35.00 ? 133 LYS A CA  1 
ATOM   951  C C   . LYS A 1 134 ? 4.397   4.458   11.793  1.00 24.46 ? 133 LYS A C   1 
ATOM   952  O O   . LYS A 1 134 ? 5.543   4.068   11.569  1.00 31.06 ? 133 LYS A O   1 
ATOM   953  C CB  . LYS A 1 134 ? 3.668   4.125   14.152  1.00 36.04 ? 133 LYS A CB  1 
ATOM   954  C CG  . LYS A 1 134 ? 3.711   4.658   15.575  1.00 45.81 ? 133 LYS A CG  1 
ATOM   955  C CD  . LYS A 1 134 ? 5.049   5.330   15.882  1.00 45.34 ? 133 LYS A CD  1 
ATOM   956  C CE  . LYS A 1 134 ? 4.922   6.313   17.045  1.00 51.59 ? 133 LYS A CE  1 
ATOM   957  N NZ  . LYS A 1 134 ? 6.246   6.863   17.449  1.00 62.35 ? 133 LYS A NZ  1 
ATOM   958  N N   . ALA A 1 135 ? 3.402   4.260   10.942  1.00 24.84 ? 134 ALA A N   1 
ATOM   959  C CA  . ALA A 1 135 ? 3.689   3.658   9.645   1.00 28.05 ? 134 ALA A CA  1 
ATOM   960  C C   . ALA A 1 135 ? 4.573   4.599   8.824   1.00 26.16 ? 134 ALA A C   1 
ATOM   961  O O   . ALA A 1 135 ? 5.528   4.158   8.187   1.00 24.50 ? 134 ALA A O   1 
ATOM   962  C CB  . ALA A 1 135 ? 2.410   3.340   8.905   1.00 27.96 ? 134 ALA A CB  1 
ATOM   963  N N   A ARG A 1 136 ? 4.254   5.890   8.861   0.40 23.05 ? 135 ARG A N   1 
ATOM   964  N N   B ARG A 1 136 ? 4.255   5.892   8.841   0.60 23.17 ? 135 ARG A N   1 
ATOM   965  C CA  A ARG A 1 136 ? 5.016   6.894   8.127   0.40 25.30 ? 135 ARG A CA  1 
ATOM   966  C CA  B ARG A 1 136 ? 5.046   6.879   8.102   0.60 25.32 ? 135 ARG A CA  1 
ATOM   967  C C   A ARG A 1 136 ? 6.450   7.001   8.644   0.40 26.33 ? 135 ARG A C   1 
ATOM   968  C C   B ARG A 1 136 ? 6.471   6.967   8.642   0.60 26.34 ? 135 ARG A C   1 
ATOM   969  O O   A ARG A 1 136 ? 7.397   7.096   7.862   0.40 25.20 ? 135 ARG A O   1 
ATOM   970  O O   B ARG A 1 136 ? 7.435   7.016   7.877   0.60 25.21 ? 135 ARG A O   1 
ATOM   971  C CB  A ARG A 1 136 ? 4.313   8.254   8.202   0.40 25.58 ? 135 ARG A CB  1 
ATOM   972  C CB  B ARG A 1 136 ? 4.376   8.259   8.128   0.60 25.57 ? 135 ARG A CB  1 
ATOM   973  C CG  A ARG A 1 136 ? 5.022   9.361   7.433   0.40 27.51 ? 135 ARG A CG  1 
ATOM   974  C CG  B ARG A 1 136 ? 5.128   9.317   7.321   0.60 27.51 ? 135 ARG A CG  1 
ATOM   975  C CD  A ARG A 1 136 ? 4.100   10.545  7.169   0.40 28.95 ? 135 ARG A CD  1 
ATOM   976  C CD  B ARG A 1 136 ? 4.518   10.705  7.472   0.60 29.15 ? 135 ARG A CD  1 
ATOM   977  N NE  A ARG A 1 136 ? 3.132   10.266  6.109   0.40 26.84 ? 135 ARG A NE  1 
ATOM   978  N NE  B ARG A 1 136 ? 3.310   10.894  6.671   0.60 27.61 ? 135 ARG A NE  1 
ATOM   979  C CZ  A ARG A 1 136 ? 3.334   10.529  4.820   0.40 26.76 ? 135 ARG A CZ  1 
ATOM   980  C CZ  B ARG A 1 136 ? 2.097   11.071  7.178   0.60 28.14 ? 135 ARG A CZ  1 
ATOM   981  N NH1 A ARG A 1 136 ? 4.470   11.086  4.415   0.40 25.07 ? 135 ARG A NH1 1 
ATOM   982  N NH1 B ARG A 1 136 ? 1.927   11.085  8.490   0.60 31.99 ? 135 ARG A NH1 1 
ATOM   983  N NH2 A ARG A 1 136 ? 2.395   10.246  3.931   0.40 18.37 ? 135 ARG A NH2 1 
ATOM   984  N NH2 B ARG A 1 136 ? 1.055   11.242  6.372   0.60 25.76 ? 135 ARG A NH2 1 
ATOM   985  N N   . GLN A 1 137 ? 6.606   6.978   9.964   1.00 28.67 ? 136 GLN A N   1 
ATOM   986  C CA  . GLN A 1 137 ? 7.931   7.049   10.583  1.00 25.05 ? 136 GLN A CA  1 
ATOM   987  C C   . GLN A 1 137 ? 8.804   5.839   10.268  1.00 25.57 ? 136 GLN A C   1 
ATOM   988  O O   . GLN A 1 137 ? 10.012  5.978   10.090  1.00 27.72 ? 136 GLN A O   1 
ATOM   989  C CB  . GLN A 1 137 ? 7.821   7.233   12.100  1.00 30.30 ? 136 GLN A CB  1 
ATOM   990  C CG  . GLN A 1 137 ? 7.593   8.671   12.538  1.00 37.91 ? 136 GLN A CG  1 
ATOM   991  C CD  . GLN A 1 137 ? 7.653   8.836   14.051  1.00 56.73 ? 136 GLN A CD  1 
ATOM   992  O OE1 . GLN A 1 137 ? 6.724   9.366   14.668  1.00 55.65 ? 136 GLN A OE1 1 
ATOM   993  N NE2 . GLN A 1 137 ? 8.749   8.381   14.655  1.00 48.36 ? 136 GLN A NE2 1 
ATOM   994  N N   . GLN A 1 138 ? 8.195   4.657   10.196  1.00 26.50 ? 137 GLN A N   1 
ATOM   995  C CA  . GLN A 1 138 ? 8.928   3.437   9.853   1.00 31.28 ? 137 GLN A CA  1 
ATOM   996  C C   . GLN A 1 138 ? 9.481   3.499   8.433   1.00 29.46 ? 137 GLN A C   1 
ATOM   997  O O   . GLN A 1 138 ? 10.623  3.096   8.184   1.00 23.13 ? 137 GLN A O   1 
ATOM   998  C CB  . GLN A 1 138 ? 8.019   2.210   9.978   1.00 30.80 ? 137 GLN A CB  1 
ATOM   999  C CG  . GLN A 1 138 ? 8.749   0.884   9.833   1.00 33.86 ? 137 GLN A CG  1 
ATOM   1000 C CD  . GLN A 1 138 ? 9.538   0.530   11.080  1.00 43.33 ? 137 GLN A CD  1 
ATOM   1001 O OE1 . GLN A 1 138 ? 9.075   0.758   12.196  1.00 49.85 ? 137 GLN A OE1 1 
ATOM   1002 N NE2 . GLN A 1 138 ? 10.734  -0.018  10.899  1.00 39.59 ? 137 GLN A NE2 1 
ATOM   1003 N N   . VAL A 1 139 ? 8.659   3.978   7.500   1.00 27.07 ? 138 VAL A N   1 
ATOM   1004 C CA  . VAL A 1 139 ? 9.078   4.118   6.110   1.00 21.04 ? 138 VAL A CA  1 
ATOM   1005 C C   . VAL A 1 139 ? 10.210  5.131   6.026   1.00 20.74 ? 138 VAL A C   1 
ATOM   1006 O O   . VAL A 1 139 ? 11.249  4.865   5.425   1.00 22.76 ? 138 VAL A O   1 
ATOM   1007 C CB  . VAL A 1 139 ? 7.928   4.605   5.214   1.00 22.01 ? 138 VAL A CB  1 
ATOM   1008 C CG1 . VAL A 1 139 ? 8.445   4.915   3.809   1.00 20.50 ? 138 VAL A CG1 1 
ATOM   1009 C CG2 . VAL A 1 139 ? 6.819   3.565   5.158   1.00 26.64 ? 138 VAL A CG2 1 
ATOM   1010 N N   . LEU A 1 140 ? 9.999   6.293   6.631   1.00 22.01 ? 139 LEU A N   1 
ATOM   1011 C CA  . LEU A 1 140 ? 11.011  7.346   6.601   1.00 25.87 ? 139 LEU A CA  1 
ATOM   1012 C C   . LEU A 1 140 ? 12.326  6.903   7.247   1.00 29.03 ? 139 LEU A C   1 
ATOM   1013 O O   . LEU A 1 140 ? 13.403  7.285   6.784   1.00 24.45 ? 139 LEU A O   1 
ATOM   1014 C CB  . LEU A 1 140 ? 10.477  8.626   7.246   1.00 22.21 ? 139 LEU A CB  1 
ATOM   1015 C CG  . LEU A 1 140 ? 9.344   9.332   6.490   1.00 21.13 ? 139 LEU A CG  1 
ATOM   1016 C CD1 . LEU A 1 140 ? 8.847   10.507  7.299   1.00 28.49 ? 139 LEU A CD1 1 
ATOM   1017 C CD2 . LEU A 1 140 ? 9.801   9.797   5.099   1.00 22.74 ? 139 LEU A CD2 1 
ATOM   1018 N N   . GLN A 1 141 ? 12.241  6.080   8.293   1.00 29.84 ? 140 GLN A N   1 
ATOM   1019 C CA  . GLN A 1 141 ? 13.436  5.567   8.973   1.00 33.57 ? 140 GLN A CA  1 
ATOM   1020 C C   . GLN A 1 141 ? 14.254  4.680   8.043   1.00 29.33 ? 140 GLN A C   1 
ATOM   1021 O O   . GLN A 1 141 ? 15.480  4.797   7.975   1.00 34.28 ? 140 GLN A O   1 
ATOM   1022 C CB  . GLN A 1 141 ? 13.053  4.777   10.233  1.00 38.68 ? 140 GLN A CB  1 
ATOM   1023 C CG  . GLN A 1 141 ? 14.242  4.129   10.941  1.00 49.66 ? 140 GLN A CG  1 
ATOM   1024 C CD  . GLN A 1 141 ? 14.018  2.654   11.235  1.00 58.85 ? 140 GLN A CD  1 
ATOM   1025 O OE1 . GLN A 1 141 ? 13.385  2.298   12.232  1.00 66.08 ? 140 GLN A OE1 1 
ATOM   1026 N NE2 . GLN A 1 141 ? 14.532  1.787   10.364  1.00 57.00 ? 140 GLN A NE2 1 
ATOM   1027 N N   . LEU A 1 142 ? 13.567  3.795   7.324   1.00 29.18 ? 141 LEU A N   1 
ATOM   1028 C CA  . LEU A 1 142 ? 14.204  2.931   6.334   1.00 34.22 ? 141 LEU A CA  1 
ATOM   1029 C C   . LEU A 1 142 ? 14.863  3.718   5.208   1.00 22.22 ? 141 LEU A C   1 
ATOM   1030 O O   . LEU A 1 142 ? 15.947  3.374   4.749   1.00 27.33 ? 141 LEU A O   1 
ATOM   1031 C CB  . LEU A 1 142 ? 13.173  1.987   5.723   1.00 30.37 ? 141 LEU A CB  1 
ATOM   1032 C CG  . LEU A 1 142 ? 13.060  0.632   6.400   1.00 42.73 ? 141 LEU A CG  1 
ATOM   1033 C CD1 . LEU A 1 142 ? 11.953  -0.179  5.770   1.00 34.64 ? 141 LEU A CD1 1 
ATOM   1034 C CD2 . LEU A 1 142 ? 14.391  -0.077  6.259   1.00 44.70 ? 141 LEU A CD2 1 
ATOM   1035 N N   . LEU A 1 143 ? 14.176  4.756   4.746   1.00 19.54 ? 142 LEU A N   1 
ATOM   1036 C CA  . LEU A 1 143 ? 14.682  5.609   3.675   1.00 25.72 ? 142 LEU A CA  1 
ATOM   1037 C C   . LEU A 1 143 ? 15.899  6.417   4.110   1.00 23.38 ? 142 LEU A C   1 
ATOM   1038 O O   . LEU A 1 143 ? 16.796  6.686   3.304   1.00 25.98 ? 142 LEU A O   1 
ATOM   1039 C CB  . LEU A 1 143 ? 13.577  6.563   3.207   1.00 22.55 ? 142 LEU A CB  1 
ATOM   1040 C CG  . LEU A 1 143 ? 12.375  5.940   2.493   1.00 20.04 ? 142 LEU A CG  1 
ATOM   1041 C CD1 . LEU A 1 143 ? 11.349  7.013   2.140   1.00 21.93 ? 142 LEU A CD1 1 
ATOM   1042 C CD2 . LEU A 1 143 ? 12.816  5.220   1.232   1.00 24.55 ? 142 LEU A CD2 1 
ATOM   1043 N N   . GLY A 1 144 ? 15.919  6.825   5.377   1.00 26.98 ? 143 GLY A N   1 
ATOM   1044 C CA  . GLY A 1 144 ? 17.007  7.639   5.904   1.00 29.80 ? 143 GLY A CA  1 
ATOM   1045 C C   . GLY A 1 144 ? 18.207  6.824   6.343   1.00 37.05 ? 143 GLY A C   1 
ATOM   1046 O O   . GLY A 1 144 ? 19.279  7.374   6.625   1.00 33.99 ? 143 GLY A O   1 
ATOM   1047 N N   . ASN A 1 145 ? 18.002  5.509   6.375   1.00 32.87 ? 144 ASN A N   1 
ATOM   1048 C CA  . ASN A 1 145 ? 18.966  4.491   6.800   1.00 41.88 ? 144 ASN A CA  1 
ATOM   1049 C C   . ASN A 1 145 ? 20.204  4.405   5.907   1.00 46.97 ? 144 ASN A C   1 
ATOM   1050 O O   . ASN A 1 145 ? 20.088  4.393   4.683   1.00 51.87 ? 144 ASN A O   1 
ATOM   1051 C CB  . ASN A 1 145 ? 18.246  3.133   6.776   1.00 39.75 ? 144 ASN A CB  1 
ATOM   1052 C CG  . ASN A 1 145 ? 18.913  2.078   7.636   1.00 62.33 ? 144 ASN A CG  1 
ATOM   1053 O OD1 . ASN A 1 145 ? 20.135  2.060   7.794   1.00 69.43 ? 144 ASN A OD1 1 
ATOM   1054 N ND2 . ASN A 1 145 ? 18.102  1.170   8.188   1.00 60.05 ? 144 ASN A ND2 1 
ATOM   1055 N N   . ASN A 1 146 ? 21.385  4.312   6.518   1.00 56.71 ? 145 ASN A N   1 
ATOM   1056 C CA  . ASN A 1 146 ? 22.638  4.204   5.761   1.00 61.06 ? 145 ASN A CA  1 
ATOM   1057 C C   . ASN A 1 146 ? 23.096  2.763   5.527   1.00 62.89 ? 145 ASN A C   1 
ATOM   1058 O O   . ASN A 1 146 ? 22.424  1.808   5.923   1.00 66.08 ? 145 ASN A O   1 
ATOM   1059 C CB  . ASN A 1 146 ? 23.759  5.000   6.439   1.00 60.45 ? 145 ASN A CB  1 
ATOM   1060 C CG  . ASN A 1 146 ? 23.483  6.494   6.466   1.00 61.34 ? 145 ASN A CG  1 
ATOM   1061 O OD1 . ASN A 1 146 ? 23.405  7.142   5.417   1.00 59.08 ? 145 ASN A OD1 1 
ATOM   1062 N ND2 . ASN A 1 146 ? 23.345  7.051   7.667   1.00 54.59 ? 145 ASN A ND2 1 
HETATM 1063 S S   . SO4 B 2 .   ? -11.455 1.797   -0.605  1.00 26.79 ? 201 SO4 A S   1 
HETATM 1064 O O1  . SO4 B 2 .   ? -10.494 1.845   -1.715  1.00 24.25 ? 201 SO4 A O1  1 
HETATM 1065 O O2  . SO4 B 2 .   ? -10.721 1.818   0.653   1.00 25.65 ? 201 SO4 A O2  1 
HETATM 1066 O O3  . SO4 B 2 .   ? -12.346 2.943   -0.720  1.00 26.38 ? 201 SO4 A O3  1 
HETATM 1067 O O4  . SO4 B 2 .   ? -12.240 0.575   -0.678  1.00 29.39 ? 201 SO4 A O4  1 
HETATM 1068 S S   . SO4 C 2 .   ? 11.508  0.539   -4.246  1.00 37.92 ? 202 SO4 A S   1 
HETATM 1069 O O1  . SO4 C 2 .   ? 12.546  -0.307  -4.846  1.00 37.23 ? 202 SO4 A O1  1 
HETATM 1070 O O2  . SO4 C 2 .   ? 10.934  -0.116  -3.061  1.00 28.43 ? 202 SO4 A O2  1 
HETATM 1071 O O3  . SO4 C 2 .   ? 12.087  1.807   -3.812  1.00 31.41 ? 202 SO4 A O3  1 
HETATM 1072 O O4  . SO4 C 2 .   ? 10.480  0.782   -5.261  1.00 27.12 ? 202 SO4 A O4  1 
HETATM 1073 O O   . HOH D 3 .   ? -10.242 9.914   -6.604  1.00 26.14 ? 301 HOH A O   1 
HETATM 1074 O O   . HOH D 3 .   ? -3.150  10.194  7.369   1.00 32.42 ? 302 HOH A O   1 
HETATM 1075 O O   . HOH D 3 .   ? -3.439  -2.844  -11.218 1.00 27.98 ? 303 HOH A O   1 
HETATM 1076 O O   . HOH D 3 .   ? 8.047   -4.461  -12.969 1.00 29.34 ? 304 HOH A O   1 
HETATM 1077 O O   . HOH D 3 .   ? 6.962   12.248  1.174   1.00 25.63 ? 305 HOH A O   1 
HETATM 1078 O O   . HOH D 3 .   ? 16.882  6.391   9.918   1.00 40.67 ? 306 HOH A O   1 
HETATM 1079 O O   . HOH D 3 .   ? -9.381  1.915   -12.932 1.00 33.55 ? 307 HOH A O   1 
HETATM 1080 O O   . HOH D 3 .   ? -13.299 4.600   -2.716  1.00 24.99 ? 308 HOH A O   1 
HETATM 1081 O O   . HOH D 3 .   ? 6.833   -3.302  -1.387  1.00 21.44 ? 309 HOH A O   1 
HETATM 1082 O O   . HOH D 3 .   ? -5.554  4.781   2.515   1.00 28.32 ? 310 HOH A O   1 
HETATM 1083 O O   . HOH D 3 .   ? 12.024  7.799   -1.401  1.00 23.48 ? 311 HOH A O   1 
HETATM 1084 O O   . HOH D 3 .   ? 6.383   -9.726  2.499   1.00 36.11 ? 312 HOH A O   1 
# 
